data_3F6O
# 
_entry.id   3F6O 
# 
_audit_conform.dict_name       mmcif_pdbx.dic 
_audit_conform.dict_version    5.383 
_audit_conform.dict_location   http://mmcif.pdb.org/dictionaries/ascii/mmcif_pdbx.dic 
# 
loop_
_database_2.database_id 
_database_2.database_code 
_database_2.pdbx_database_accession 
_database_2.pdbx_DOI 
PDB   3F6O         pdb_00003f6o 10.2210/pdb3f6o/pdb 
RCSB  RCSB050213   ?            ?                   
WWPDB D_1000050213 ?            ?                   
# 
loop_
_pdbx_audit_revision_history.ordinal 
_pdbx_audit_revision_history.data_content_type 
_pdbx_audit_revision_history.major_revision 
_pdbx_audit_revision_history.minor_revision 
_pdbx_audit_revision_history.revision_date 
1 'Structure model' 1 0 2008-11-25 
2 'Structure model' 1 1 2011-07-13 
3 'Structure model' 1 2 2023-12-27 
# 
_pdbx_audit_revision_details.ordinal             1 
_pdbx_audit_revision_details.revision_ordinal    1 
_pdbx_audit_revision_details.data_content_type   'Structure model' 
_pdbx_audit_revision_details.provider            repository 
_pdbx_audit_revision_details.type                'Initial release' 
_pdbx_audit_revision_details.description         ? 
_pdbx_audit_revision_details.details             ? 
# 
loop_
_pdbx_audit_revision_group.ordinal 
_pdbx_audit_revision_group.revision_ordinal 
_pdbx_audit_revision_group.data_content_type 
_pdbx_audit_revision_group.group 
1 2 'Structure model' 'Version format compliance' 
2 3 'Structure model' 'Data collection'           
3 3 'Structure model' 'Database references'       
4 3 'Structure model' 'Derived calculations'      
# 
loop_
_pdbx_audit_revision_category.ordinal 
_pdbx_audit_revision_category.revision_ordinal 
_pdbx_audit_revision_category.data_content_type 
_pdbx_audit_revision_category.category 
1 3 'Structure model' chem_comp_atom 
2 3 'Structure model' chem_comp_bond 
3 3 'Structure model' database_2     
4 3 'Structure model' struct_site    
# 
loop_
_pdbx_audit_revision_item.ordinal 
_pdbx_audit_revision_item.revision_ordinal 
_pdbx_audit_revision_item.data_content_type 
_pdbx_audit_revision_item.item 
1 3 'Structure model' '_database_2.pdbx_DOI'                
2 3 'Structure model' '_database_2.pdbx_database_accession' 
3 3 'Structure model' '_struct_site.pdbx_auth_asym_id'      
4 3 'Structure model' '_struct_site.pdbx_auth_comp_id'      
5 3 'Structure model' '_struct_site.pdbx_auth_seq_id'       
# 
_pdbx_database_status.status_code                     REL 
_pdbx_database_status.entry_id                        3F6O 
_pdbx_database_status.recvd_initial_deposition_date   2008-11-06 
_pdbx_database_status.deposit_site                    RCSB 
_pdbx_database_status.process_site                    RCSB 
_pdbx_database_status.status_code_sf                  REL 
_pdbx_database_status.status_code_mr                  ? 
_pdbx_database_status.SG_entry                        Y 
_pdbx_database_status.pdb_format_compatible           Y 
_pdbx_database_status.status_code_cs                  ? 
_pdbx_database_status.status_code_nmr_data            ? 
_pdbx_database_status.methods_development_category    ? 
# 
_pdbx_database_related.db_name        TargetDB 
_pdbx_database_related.db_id          APC7226 
_pdbx_database_related.details        . 
_pdbx_database_related.content_type   unspecified 
# 
loop_
_audit_author.name 
_audit_author.pdbx_ordinal 
'Dong, A.'                                      1 
'Xu, X.'                                        2 
'Zheng, H.'                                     3 
'Edwards, A.M.'                                 4 
'Joachimiak, A.'                                5 
'Savchenko, A.'                                 6 
'Midwest Center for Structural Genomics (MCSG)' 7 
# 
_citation.id                        primary 
_citation.title                     'Crystal structure of ArsR family transcriptional regulator, RHA00566' 
_citation.journal_abbrev            'To be Published' 
_citation.journal_volume            ? 
_citation.page_first                ? 
_citation.page_last                 ? 
_citation.year                      ? 
_citation.journal_id_ASTM           ? 
_citation.country                   ? 
_citation.journal_id_ISSN           ? 
_citation.journal_id_CSD            0353 
_citation.book_publisher            ? 
_citation.pdbx_database_id_PubMed   ? 
_citation.pdbx_database_id_DOI      ? 
# 
loop_
_citation_author.citation_id 
_citation_author.name 
_citation_author.ordinal 
_citation_author.identifier_ORCID 
primary 'Dong, A.'       1 ? 
primary 'Xu, X.'         2 ? 
primary 'Zheng, H.'      3 ? 
primary 'Edwards, A.M.'  4 ? 
primary 'Joachimiak, A.' 5 ? 
primary 'Savchenko, A.'  6 ? 
# 
loop_
_entity.id 
_entity.type 
_entity.src_method 
_entity.pdbx_description 
_entity.formula_weight 
_entity.pdbx_number_of_molecules 
_entity.pdbx_ec 
_entity.pdbx_mutation 
_entity.pdbx_fragment 
_entity.details 
1 polymer     man 'Probable transcriptional regulator, ArsR family protein' 13476.273 2   ? ? ? ? 
2 non-polymer syn 'BROMIDE ION'                                             79.904    3   ? ? ? ? 
3 water       nat water                                                     18.015    159 ? ? ? ? 
# 
_entity_poly.entity_id                      1 
_entity_poly.type                           'polypeptide(L)' 
_entity_poly.nstd_linkage                   no 
_entity_poly.nstd_monomer                   no 
_entity_poly.pdbx_seq_one_letter_code       
;MAQYPEQLNGIFQALADPTRRAVLGRLSRGPATVSELAKPFDMALPSFMKHIHFLEDSGWIRTHKQGRVRTCAIEKEPFT
AVEAWLAEQQELWESRTDRLEQFVTEHTVTAHAKATPQ
;
_entity_poly.pdbx_seq_one_letter_code_can   
;MAQYPEQLNGIFQALADPTRRAVLGRLSRGPATVSELAKPFDMALPSFMKHIHFLEDSGWIRTHKQGRVRTCAIEKEPFT
AVEAWLAEQQELWESRTDRLEQFVTEHTVTAHAKATPQ
;
_entity_poly.pdbx_strand_id                 A,B 
_entity_poly.pdbx_target_identifier         APC7226 
# 
loop_
_pdbx_entity_nonpoly.entity_id 
_pdbx_entity_nonpoly.name 
_pdbx_entity_nonpoly.comp_id 
2 'BROMIDE ION' BR  
3 water         HOH 
# 
loop_
_entity_poly_seq.entity_id 
_entity_poly_seq.num 
_entity_poly_seq.mon_id 
_entity_poly_seq.hetero 
1 1   MET n 
1 2   ALA n 
1 3   GLN n 
1 4   TYR n 
1 5   PRO n 
1 6   GLU n 
1 7   GLN n 
1 8   LEU n 
1 9   ASN n 
1 10  GLY n 
1 11  ILE n 
1 12  PHE n 
1 13  GLN n 
1 14  ALA n 
1 15  LEU n 
1 16  ALA n 
1 17  ASP n 
1 18  PRO n 
1 19  THR n 
1 20  ARG n 
1 21  ARG n 
1 22  ALA n 
1 23  VAL n 
1 24  LEU n 
1 25  GLY n 
1 26  ARG n 
1 27  LEU n 
1 28  SER n 
1 29  ARG n 
1 30  GLY n 
1 31  PRO n 
1 32  ALA n 
1 33  THR n 
1 34  VAL n 
1 35  SER n 
1 36  GLU n 
1 37  LEU n 
1 38  ALA n 
1 39  LYS n 
1 40  PRO n 
1 41  PHE n 
1 42  ASP n 
1 43  MET n 
1 44  ALA n 
1 45  LEU n 
1 46  PRO n 
1 47  SER n 
1 48  PHE n 
1 49  MET n 
1 50  LYS n 
1 51  HIS n 
1 52  ILE n 
1 53  HIS n 
1 54  PHE n 
1 55  LEU n 
1 56  GLU n 
1 57  ASP n 
1 58  SER n 
1 59  GLY n 
1 60  TRP n 
1 61  ILE n 
1 62  ARG n 
1 63  THR n 
1 64  HIS n 
1 65  LYS n 
1 66  GLN n 
1 67  GLY n 
1 68  ARG n 
1 69  VAL n 
1 70  ARG n 
1 71  THR n 
1 72  CYS n 
1 73  ALA n 
1 74  ILE n 
1 75  GLU n 
1 76  LYS n 
1 77  GLU n 
1 78  PRO n 
1 79  PHE n 
1 80  THR n 
1 81  ALA n 
1 82  VAL n 
1 83  GLU n 
1 84  ALA n 
1 85  TRP n 
1 86  LEU n 
1 87  ALA n 
1 88  GLU n 
1 89  GLN n 
1 90  GLN n 
1 91  GLU n 
1 92  LEU n 
1 93  TRP n 
1 94  GLU n 
1 95  SER n 
1 96  ARG n 
1 97  THR n 
1 98  ASP n 
1 99  ARG n 
1 100 LEU n 
1 101 GLU n 
1 102 GLN n 
1 103 PHE n 
1 104 VAL n 
1 105 THR n 
1 106 GLU n 
1 107 HIS n 
1 108 THR n 
1 109 VAL n 
1 110 THR n 
1 111 ALA n 
1 112 HIS n 
1 113 ALA n 
1 114 LYS n 
1 115 ALA n 
1 116 THR n 
1 117 PRO n 
1 118 GLN n 
# 
_entity_src_gen.entity_id                          1 
_entity_src_gen.pdbx_src_id                        1 
_entity_src_gen.pdbx_alt_source_flag               sample 
_entity_src_gen.pdbx_seq_type                      ? 
_entity_src_gen.pdbx_beg_seq_num                   ? 
_entity_src_gen.pdbx_end_seq_num                   ? 
_entity_src_gen.gene_src_common_name               ? 
_entity_src_gen.gene_src_genus                     ? 
_entity_src_gen.pdbx_gene_src_gene                 RHA1_ro06925 
_entity_src_gen.gene_src_species                   ? 
_entity_src_gen.gene_src_strain                    ? 
_entity_src_gen.gene_src_tissue                    ? 
_entity_src_gen.gene_src_tissue_fraction           ? 
_entity_src_gen.gene_src_details                   ? 
_entity_src_gen.pdbx_gene_src_fragment             ? 
_entity_src_gen.pdbx_gene_src_scientific_name      'Rhodococcus sp. RHA1' 
_entity_src_gen.pdbx_gene_src_ncbi_taxonomy_id     101510 
_entity_src_gen.pdbx_gene_src_variant              ? 
_entity_src_gen.pdbx_gene_src_cell_line            ? 
_entity_src_gen.pdbx_gene_src_atcc                 ? 
_entity_src_gen.pdbx_gene_src_organ                ? 
_entity_src_gen.pdbx_gene_src_organelle            ? 
_entity_src_gen.pdbx_gene_src_cell                 ? 
_entity_src_gen.pdbx_gene_src_cellular_location    ? 
_entity_src_gen.host_org_common_name               ? 
_entity_src_gen.pdbx_host_org_scientific_name      'Escherichia coli' 
_entity_src_gen.pdbx_host_org_ncbi_taxonomy_id     ? 
_entity_src_gen.host_org_genus                     ? 
_entity_src_gen.pdbx_host_org_gene                 ? 
_entity_src_gen.pdbx_host_org_organ                ? 
_entity_src_gen.host_org_species                   ? 
_entity_src_gen.pdbx_host_org_tissue               ? 
_entity_src_gen.pdbx_host_org_tissue_fraction      ? 
_entity_src_gen.pdbx_host_org_strain               'BL21(DE3)DERIVATIVE' 
_entity_src_gen.pdbx_host_org_variant              ? 
_entity_src_gen.pdbx_host_org_cell_line            ? 
_entity_src_gen.pdbx_host_org_atcc                 ? 
_entity_src_gen.pdbx_host_org_culture_collection   ? 
_entity_src_gen.pdbx_host_org_cell                 ? 
_entity_src_gen.pdbx_host_org_organelle            ? 
_entity_src_gen.pdbx_host_org_cellular_location    ? 
_entity_src_gen.pdbx_host_org_vector_type          PLASMID 
_entity_src_gen.pdbx_host_org_vector               ? 
_entity_src_gen.host_org_details                   ? 
_entity_src_gen.expression_system_id               ? 
_entity_src_gen.plasmid_name                       'PET DERIVATIVE' 
_entity_src_gen.plasmid_details                    ? 
_entity_src_gen.pdbx_description                   ? 
# 
loop_
_chem_comp.id 
_chem_comp.type 
_chem_comp.mon_nstd_flag 
_chem_comp.name 
_chem_comp.pdbx_synonyms 
_chem_comp.formula 
_chem_comp.formula_weight 
ALA 'L-peptide linking' y ALANINE         ? 'C3 H7 N O2'     89.093  
ARG 'L-peptide linking' y ARGININE        ? 'C6 H15 N4 O2 1' 175.209 
ASN 'L-peptide linking' y ASPARAGINE      ? 'C4 H8 N2 O3'    132.118 
ASP 'L-peptide linking' y 'ASPARTIC ACID' ? 'C4 H7 N O4'     133.103 
BR  non-polymer         . 'BROMIDE ION'   ? 'Br -1'          79.904  
CYS 'L-peptide linking' y CYSTEINE        ? 'C3 H7 N O2 S'   121.158 
GLN 'L-peptide linking' y GLUTAMINE       ? 'C5 H10 N2 O3'   146.144 
GLU 'L-peptide linking' y 'GLUTAMIC ACID' ? 'C5 H9 N O4'     147.129 
GLY 'peptide linking'   y GLYCINE         ? 'C2 H5 N O2'     75.067  
HIS 'L-peptide linking' y HISTIDINE       ? 'C6 H10 N3 O2 1' 156.162 
HOH non-polymer         . WATER           ? 'H2 O'           18.015  
ILE 'L-peptide linking' y ISOLEUCINE      ? 'C6 H13 N O2'    131.173 
LEU 'L-peptide linking' y LEUCINE         ? 'C6 H13 N O2'    131.173 
LYS 'L-peptide linking' y LYSINE          ? 'C6 H15 N2 O2 1' 147.195 
MET 'L-peptide linking' y METHIONINE      ? 'C5 H11 N O2 S'  149.211 
PHE 'L-peptide linking' y PHENYLALANINE   ? 'C9 H11 N O2'    165.189 
PRO 'L-peptide linking' y PROLINE         ? 'C5 H9 N O2'     115.130 
SER 'L-peptide linking' y SERINE          ? 'C3 H7 N O3'     105.093 
THR 'L-peptide linking' y THREONINE       ? 'C4 H9 N O3'     119.119 
TRP 'L-peptide linking' y TRYPTOPHAN      ? 'C11 H12 N2 O2'  204.225 
TYR 'L-peptide linking' y TYROSINE        ? 'C9 H11 N O3'    181.189 
VAL 'L-peptide linking' y VALINE          ? 'C5 H11 N O2'    117.146 
# 
loop_
_pdbx_poly_seq_scheme.asym_id 
_pdbx_poly_seq_scheme.entity_id 
_pdbx_poly_seq_scheme.seq_id 
_pdbx_poly_seq_scheme.mon_id 
_pdbx_poly_seq_scheme.ndb_seq_num 
_pdbx_poly_seq_scheme.pdb_seq_num 
_pdbx_poly_seq_scheme.auth_seq_num 
_pdbx_poly_seq_scheme.pdb_mon_id 
_pdbx_poly_seq_scheme.auth_mon_id 
_pdbx_poly_seq_scheme.pdb_strand_id 
_pdbx_poly_seq_scheme.pdb_ins_code 
_pdbx_poly_seq_scheme.hetero 
A 1 1   MET 1   1   1  MET MET A . n 
A 1 2   ALA 2   2   2  ALA ALA A . n 
A 1 3   GLN 3   3   3  GLN GLN A . n 
A 1 4   TYR 4   4   4  TYR TYR A . n 
A 1 5   PRO 5   5   5  PRO PRO A . n 
A 1 6   GLU 6   6   6  GLU GLU A . n 
A 1 7   GLN 7   7   7  GLN GLN A . n 
A 1 8   LEU 8   8   8  LEU LEU A . n 
A 1 9   ASN 9   9   9  ASN ASN A . n 
A 1 10  GLY 10  10  10 GLY GLY A . n 
A 1 11  ILE 11  11  11 ILE ILE A . n 
A 1 12  PHE 12  12  12 PHE PHE A . n 
A 1 13  GLN 13  13  13 GLN GLN A . n 
A 1 14  ALA 14  14  14 ALA ALA A . n 
A 1 15  LEU 15  15  15 LEU LEU A . n 
A 1 16  ALA 16  16  16 ALA ALA A . n 
A 1 17  ASP 17  17  17 ASP ASP A . n 
A 1 18  PRO 18  18  18 PRO PRO A . n 
A 1 19  THR 19  19  19 THR THR A . n 
A 1 20  ARG 20  20  20 ARG ARG A . n 
A 1 21  ARG 21  21  21 ARG ARG A . n 
A 1 22  ALA 22  22  22 ALA ALA A . n 
A 1 23  VAL 23  23  23 VAL VAL A . n 
A 1 24  LEU 24  24  24 LEU LEU A . n 
A 1 25  GLY 25  25  25 GLY GLY A . n 
A 1 26  ARG 26  26  26 ARG ARG A . n 
A 1 27  LEU 27  27  27 LEU LEU A . n 
A 1 28  SER 28  28  28 SER SER A . n 
A 1 29  ARG 29  29  29 ARG ARG A . n 
A 1 30  GLY 30  30  30 GLY GLY A . n 
A 1 31  PRO 31  31  31 PRO PRO A . n 
A 1 32  ALA 32  32  32 ALA ALA A . n 
A 1 33  THR 33  33  33 THR THR A . n 
A 1 34  VAL 34  34  34 VAL VAL A . n 
A 1 35  SER 35  35  35 SER SER A . n 
A 1 36  GLU 36  36  36 GLU GLU A . n 
A 1 37  LEU 37  37  37 LEU LEU A . n 
A 1 38  ALA 38  38  38 ALA ALA A . n 
A 1 39  LYS 39  39  39 LYS LYS A . n 
A 1 40  PRO 40  40  40 PRO PRO A . n 
A 1 41  PHE 41  41  41 PHE PHE A . n 
A 1 42  ASP 42  42  42 ASP ASP A . n 
A 1 43  MET 43  43  43 MET MET A . n 
A 1 44  ALA 44  44  44 ALA ALA A . n 
A 1 45  LEU 45  45  45 LEU LEU A . n 
A 1 46  PRO 46  46  46 PRO PRO A . n 
A 1 47  SER 47  47  47 SER SER A . n 
A 1 48  PHE 48  48  48 PHE PHE A . n 
A 1 49  MET 49  49  49 MET MET A . n 
A 1 50  LYS 50  50  50 LYS LYS A . n 
A 1 51  HIS 51  51  51 HIS HIS A . n 
A 1 52  ILE 52  52  52 ILE ILE A . n 
A 1 53  HIS 53  53  53 HIS HIS A . n 
A 1 54  PHE 54  54  54 PHE PHE A . n 
A 1 55  LEU 55  55  55 LEU LEU A . n 
A 1 56  GLU 56  56  56 GLU GLU A . n 
A 1 57  ASP 57  57  57 ASP ASP A . n 
A 1 58  SER 58  58  58 SER SER A . n 
A 1 59  GLY 59  59  59 GLY GLY A . n 
A 1 60  TRP 60  60  60 TRP TRP A . n 
A 1 61  ILE 61  61  61 ILE ILE A . n 
A 1 62  ARG 62  62  62 ARG ARG A . n 
A 1 63  THR 63  63  63 THR THR A . n 
A 1 64  HIS 64  64  64 HIS HIS A . n 
A 1 65  LYS 65  65  65 LYS LYS A . n 
A 1 66  GLN 66  66  66 GLN GLN A . n 
A 1 67  GLY 67  67  67 GLY GLY A . n 
A 1 68  ARG 68  68  68 ARG ARG A . n 
A 1 69  VAL 69  69  69 VAL VAL A . n 
A 1 70  ARG 70  70  70 ARG ARG A . n 
A 1 71  THR 71  71  71 THR THR A . n 
A 1 72  CYS 72  72  72 CYS CYS A . n 
A 1 73  ALA 73  73  73 ALA ALA A . n 
A 1 74  ILE 74  74  74 ILE ILE A . n 
A 1 75  GLU 75  75  75 GLU GLU A . n 
A 1 76  LYS 76  76  76 LYS LYS A . n 
A 1 77  GLU 77  77  77 GLU GLU A . n 
A 1 78  PRO 78  78  78 PRO PRO A . n 
A 1 79  PHE 79  79  79 PHE PHE A . n 
A 1 80  THR 80  80  80 THR THR A . n 
A 1 81  ALA 81  81  81 ALA ALA A . n 
A 1 82  VAL 82  82  82 VAL VAL A . n 
A 1 83  GLU 83  83  83 GLU GLU A . n 
A 1 84  ALA 84  84  84 ALA ALA A . n 
A 1 85  TRP 85  85  85 TRP TRP A . n 
A 1 86  LEU 86  86  86 LEU LEU A . n 
A 1 87  ALA 87  87  87 ALA ALA A . n 
A 1 88  GLU 88  88  88 GLU GLU A . n 
A 1 89  GLN 89  89  89 GLN GLN A . n 
A 1 90  GLN 90  90  90 GLN GLN A . n 
A 1 91  GLU 91  91  91 GLU GLU A . n 
A 1 92  LEU 92  92  92 LEU LEU A . n 
A 1 93  TRP 93  93  93 TRP TRP A . n 
A 1 94  GLU 94  94  94 GLU GLU A . n 
A 1 95  SER 95  95  95 SER SER A . n 
A 1 96  ARG 96  96  96 ARG ARG A . n 
A 1 97  THR 97  97  97 THR THR A . n 
A 1 98  ASP 98  98  ?  ?   ?   A . n 
A 1 99  ARG 99  99  ?  ?   ?   A . n 
A 1 100 LEU 100 100 ?  ?   ?   A . n 
A 1 101 GLU 101 101 ?  ?   ?   A . n 
A 1 102 GLN 102 102 ?  ?   ?   A . n 
A 1 103 PHE 103 103 ?  ?   ?   A . n 
A 1 104 VAL 104 104 ?  ?   ?   A . n 
A 1 105 THR 105 105 ?  ?   ?   A . n 
A 1 106 GLU 106 106 ?  ?   ?   A . n 
A 1 107 HIS 107 107 ?  ?   ?   A . n 
A 1 108 THR 108 108 ?  ?   ?   A . n 
A 1 109 VAL 109 109 ?  ?   ?   A . n 
A 1 110 THR 110 110 ?  ?   ?   A . n 
A 1 111 ALA 111 111 ?  ?   ?   A . n 
A 1 112 HIS 112 112 ?  ?   ?   A . n 
A 1 113 ALA 113 113 ?  ?   ?   A . n 
A 1 114 LYS 114 114 ?  ?   ?   A . n 
A 1 115 ALA 115 115 ?  ?   ?   A . n 
A 1 116 THR 116 116 ?  ?   ?   A . n 
A 1 117 PRO 117 117 ?  ?   ?   A . n 
A 1 118 GLN 118 118 ?  ?   ?   A . n 
B 1 1   MET 1   1   ?  ?   ?   B . n 
B 1 2   ALA 2   2   ?  ?   ?   B . n 
B 1 3   GLN 3   3   ?  ?   ?   B . n 
B 1 4   TYR 4   4   ?  ?   ?   B . n 
B 1 5   PRO 5   5   ?  ?   ?   B . n 
B 1 6   GLU 6   6   6  GLU GLU B . n 
B 1 7   GLN 7   7   7  GLN GLN B . n 
B 1 8   LEU 8   8   8  LEU LEU B . n 
B 1 9   ASN 9   9   9  ASN ASN B . n 
B 1 10  GLY 10  10  10 GLY GLY B . n 
B 1 11  ILE 11  11  11 ILE ILE B . n 
B 1 12  PHE 12  12  12 PHE PHE B . n 
B 1 13  GLN 13  13  13 GLN GLN B . n 
B 1 14  ALA 14  14  14 ALA ALA B . n 
B 1 15  LEU 15  15  15 LEU LEU B . n 
B 1 16  ALA 16  16  16 ALA ALA B . n 
B 1 17  ASP 17  17  17 ASP ASP B . n 
B 1 18  PRO 18  18  18 PRO PRO B . n 
B 1 19  THR 19  19  19 THR THR B . n 
B 1 20  ARG 20  20  20 ARG ARG B . n 
B 1 21  ARG 21  21  21 ARG ARG B . n 
B 1 22  ALA 22  22  22 ALA ALA B . n 
B 1 23  VAL 23  23  23 VAL VAL B . n 
B 1 24  LEU 24  24  24 LEU LEU B . n 
B 1 25  GLY 25  25  25 GLY GLY B . n 
B 1 26  ARG 26  26  26 ARG ARG B . n 
B 1 27  LEU 27  27  27 LEU LEU B . n 
B 1 28  SER 28  28  28 SER SER B . n 
B 1 29  ARG 29  29  29 ARG ARG B . n 
B 1 30  GLY 30  30  30 GLY GLY B . n 
B 1 31  PRO 31  31  31 PRO PRO B . n 
B 1 32  ALA 32  32  32 ALA ALA B . n 
B 1 33  THR 33  33  33 THR THR B . n 
B 1 34  VAL 34  34  34 VAL VAL B . n 
B 1 35  SER 35  35  35 SER SER B . n 
B 1 36  GLU 36  36  36 GLU GLU B . n 
B 1 37  LEU 37  37  37 LEU LEU B . n 
B 1 38  ALA 38  38  38 ALA ALA B . n 
B 1 39  LYS 39  39  39 LYS LYS B . n 
B 1 40  PRO 40  40  40 PRO PRO B . n 
B 1 41  PHE 41  41  41 PHE PHE B . n 
B 1 42  ASP 42  42  42 ASP ASP B . n 
B 1 43  MET 43  43  43 MET MET B . n 
B 1 44  ALA 44  44  44 ALA ALA B . n 
B 1 45  LEU 45  45  45 LEU LEU B . n 
B 1 46  PRO 46  46  46 PRO PRO B . n 
B 1 47  SER 47  47  47 SER SER B . n 
B 1 48  PHE 48  48  48 PHE PHE B . n 
B 1 49  MET 49  49  49 MET MET B . n 
B 1 50  LYS 50  50  50 LYS LYS B . n 
B 1 51  HIS 51  51  51 HIS HIS B . n 
B 1 52  ILE 52  52  52 ILE ILE B . n 
B 1 53  HIS 53  53  53 HIS HIS B . n 
B 1 54  PHE 54  54  54 PHE PHE B . n 
B 1 55  LEU 55  55  55 LEU LEU B . n 
B 1 56  GLU 56  56  56 GLU GLU B . n 
B 1 57  ASP 57  57  57 ASP ASP B . n 
B 1 58  SER 58  58  58 SER SER B . n 
B 1 59  GLY 59  59  59 GLY GLY B . n 
B 1 60  TRP 60  60  60 TRP TRP B . n 
B 1 61  ILE 61  61  61 ILE ILE B . n 
B 1 62  ARG 62  62  62 ARG ARG B . n 
B 1 63  THR 63  63  63 THR THR B . n 
B 1 64  HIS 64  64  64 HIS HIS B . n 
B 1 65  LYS 65  65  65 LYS LYS B . n 
B 1 66  GLN 66  66  66 GLN GLN B . n 
B 1 67  GLY 67  67  67 GLY GLY B . n 
B 1 68  ARG 68  68  68 ARG ARG B . n 
B 1 69  VAL 69  69  69 VAL VAL B . n 
B 1 70  ARG 70  70  70 ARG ARG B . n 
B 1 71  THR 71  71  71 THR THR B . n 
B 1 72  CYS 72  72  72 CYS CYS B . n 
B 1 73  ALA 73  73  73 ALA ALA B . n 
B 1 74  ILE 74  74  74 ILE ILE B . n 
B 1 75  GLU 75  75  75 GLU GLU B . n 
B 1 76  LYS 76  76  76 LYS LYS B . n 
B 1 77  GLU 77  77  77 GLU GLU B . n 
B 1 78  PRO 78  78  78 PRO PRO B . n 
B 1 79  PHE 79  79  79 PHE PHE B . n 
B 1 80  THR 80  80  80 THR THR B . n 
B 1 81  ALA 81  81  81 ALA ALA B . n 
B 1 82  VAL 82  82  82 VAL VAL B . n 
B 1 83  GLU 83  83  83 GLU GLU B . n 
B 1 84  ALA 84  84  84 ALA ALA B . n 
B 1 85  TRP 85  85  85 TRP TRP B . n 
B 1 86  LEU 86  86  86 LEU LEU B . n 
B 1 87  ALA 87  87  87 ALA ALA B . n 
B 1 88  GLU 88  88  88 GLU GLU B . n 
B 1 89  GLN 89  89  89 GLN GLN B . n 
B 1 90  GLN 90  90  90 GLN GLN B . n 
B 1 91  GLU 91  91  91 GLU GLU B . n 
B 1 92  LEU 92  92  92 LEU LEU B . n 
B 1 93  TRP 93  93  93 TRP TRP B . n 
B 1 94  GLU 94  94  94 GLU GLU B . n 
B 1 95  SER 95  95  95 SER SER B . n 
B 1 96  ARG 96  96  96 ARG ARG B . n 
B 1 97  THR 97  97  ?  ?   ?   B . n 
B 1 98  ASP 98  98  ?  ?   ?   B . n 
B 1 99  ARG 99  99  ?  ?   ?   B . n 
B 1 100 LEU 100 100 ?  ?   ?   B . n 
B 1 101 GLU 101 101 ?  ?   ?   B . n 
B 1 102 GLN 102 102 ?  ?   ?   B . n 
B 1 103 PHE 103 103 ?  ?   ?   B . n 
B 1 104 VAL 104 104 ?  ?   ?   B . n 
B 1 105 THR 105 105 ?  ?   ?   B . n 
B 1 106 GLU 106 106 ?  ?   ?   B . n 
B 1 107 HIS 107 107 ?  ?   ?   B . n 
B 1 108 THR 108 108 ?  ?   ?   B . n 
B 1 109 VAL 109 109 ?  ?   ?   B . n 
B 1 110 THR 110 110 ?  ?   ?   B . n 
B 1 111 ALA 111 111 ?  ?   ?   B . n 
B 1 112 HIS 112 112 ?  ?   ?   B . n 
B 1 113 ALA 113 113 ?  ?   ?   B . n 
B 1 114 LYS 114 114 ?  ?   ?   B . n 
B 1 115 ALA 115 115 ?  ?   ?   B . n 
B 1 116 THR 116 116 ?  ?   ?   B . n 
B 1 117 PRO 117 117 ?  ?   ?   B . n 
B 1 118 GLN 118 118 ?  ?   ?   B . n 
# 
loop_
_pdbx_nonpoly_scheme.asym_id 
_pdbx_nonpoly_scheme.entity_id 
_pdbx_nonpoly_scheme.mon_id 
_pdbx_nonpoly_scheme.ndb_seq_num 
_pdbx_nonpoly_scheme.pdb_seq_num 
_pdbx_nonpoly_scheme.auth_seq_num 
_pdbx_nonpoly_scheme.pdb_mon_id 
_pdbx_nonpoly_scheme.auth_mon_id 
_pdbx_nonpoly_scheme.pdb_strand_id 
_pdbx_nonpoly_scheme.pdb_ins_code 
C 2 BR  1  119 2   BR  BR  A . 
D 2 BR  1  120 3   BR  BR  A . 
E 2 BR  1  119 1   BR  BR  B . 
F 3 HOH 1  121 1   HOH HOH A . 
F 3 HOH 2  122 2   HOH HOH A . 
F 3 HOH 3  123 4   HOH HOH A . 
F 3 HOH 4  124 124 HOH HOH A . 
F 3 HOH 5  125 8   HOH HOH A . 
F 3 HOH 6  126 126 HOH HOH A . 
F 3 HOH 7  127 10  HOH HOH A . 
F 3 HOH 8  128 14  HOH HOH A . 
F 3 HOH 9  129 129 HOH HOH A . 
F 3 HOH 10 130 130 HOH HOH A . 
F 3 HOH 11 131 131 HOH HOH A . 
F 3 HOH 12 132 132 HOH HOH A . 
F 3 HOH 13 133 16  HOH HOH A . 
F 3 HOH 14 134 19  HOH HOH A . 
F 3 HOH 15 135 20  HOH HOH A . 
F 3 HOH 16 136 23  HOH HOH A . 
F 3 HOH 17 137 137 HOH HOH A . 
F 3 HOH 18 138 138 HOH HOH A . 
F 3 HOH 19 139 25  HOH HOH A . 
F 3 HOH 20 140 27  HOH HOH A . 
F 3 HOH 21 141 28  HOH HOH A . 
F 3 HOH 22 142 31  HOH HOH A . 
F 3 HOH 23 143 32  HOH HOH A . 
F 3 HOH 24 144 144 HOH HOH A . 
F 3 HOH 25 145 34  HOH HOH A . 
F 3 HOH 26 146 146 HOH HOH A . 
F 3 HOH 27 147 147 HOH HOH A . 
F 3 HOH 28 148 148 HOH HOH A . 
F 3 HOH 29 149 149 HOH HOH A . 
F 3 HOH 30 150 150 HOH HOH A . 
F 3 HOH 31 151 36  HOH HOH A . 
F 3 HOH 32 152 152 HOH HOH A . 
F 3 HOH 33 153 153 HOH HOH A . 
F 3 HOH 34 154 37  HOH HOH A . 
F 3 HOH 35 155 39  HOH HOH A . 
F 3 HOH 36 156 42  HOH HOH A . 
F 3 HOH 37 157 157 HOH HOH A . 
F 3 HOH 38 158 45  HOH HOH A . 
F 3 HOH 39 159 47  HOH HOH A . 
F 3 HOH 40 160 48  HOH HOH A . 
F 3 HOH 41 161 161 HOH HOH A . 
F 3 HOH 42 162 49  HOH HOH A . 
F 3 HOH 43 163 163 HOH HOH A . 
F 3 HOH 44 164 50  HOH HOH A . 
F 3 HOH 45 165 165 HOH HOH A . 
F 3 HOH 46 166 53  HOH HOH A . 
F 3 HOH 47 167 54  HOH HOH A . 
F 3 HOH 48 168 168 HOH HOH A . 
F 3 HOH 49 169 56  HOH HOH A . 
F 3 HOH 50 170 170 HOH HOH A . 
F 3 HOH 51 171 59  HOH HOH A . 
F 3 HOH 52 172 172 HOH HOH A . 
F 3 HOH 53 173 62  HOH HOH A . 
F 3 HOH 54 174 174 HOH HOH A . 
F 3 HOH 55 175 66  HOH HOH A . 
F 3 HOH 56 176 69  HOH HOH A . 
F 3 HOH 57 177 177 HOH HOH A . 
F 3 HOH 58 178 71  HOH HOH A . 
F 3 HOH 59 179 74  HOH HOH A . 
F 3 HOH 60 180 76  HOH HOH A . 
F 3 HOH 61 181 77  HOH HOH A . 
F 3 HOH 62 182 78  HOH HOH A . 
F 3 HOH 63 183 81  HOH HOH A . 
F 3 HOH 64 184 82  HOH HOH A . 
F 3 HOH 65 185 83  HOH HOH A . 
F 3 HOH 66 186 85  HOH HOH A . 
F 3 HOH 67 187 87  HOH HOH A . 
F 3 HOH 68 188 88  HOH HOH A . 
F 3 HOH 69 189 89  HOH HOH A . 
F 3 HOH 70 190 90  HOH HOH A . 
F 3 HOH 71 191 91  HOH HOH A . 
F 3 HOH 72 192 94  HOH HOH A . 
F 3 HOH 73 193 95  HOH HOH A . 
F 3 HOH 74 194 99  HOH HOH A . 
F 3 HOH 75 195 100 HOH HOH A . 
F 3 HOH 76 196 108 HOH HOH A . 
F 3 HOH 77 197 110 HOH HOH A . 
F 3 HOH 78 198 112 HOH HOH A . 
F 3 HOH 79 199 115 HOH HOH A . 
F 3 HOH 80 200 118 HOH HOH A . 
F 3 HOH 81 201 121 HOH HOH A . 
F 3 HOH 82 202 166 HOH HOH A . 
G 3 HOH 1  120 120 HOH HOH B . 
G 3 HOH 2  122 122 HOH HOH B . 
G 3 HOH 3  123 123 HOH HOH B . 
G 3 HOH 4  124 3   HOH HOH B . 
G 3 HOH 5  125 125 HOH HOH B . 
G 3 HOH 6  126 5   HOH HOH B . 
G 3 HOH 7  127 127 HOH HOH B . 
G 3 HOH 8  128 128 HOH HOH B . 
G 3 HOH 9  129 6   HOH HOH B . 
G 3 HOH 10 130 7   HOH HOH B . 
G 3 HOH 11 131 9   HOH HOH B . 
G 3 HOH 12 132 11  HOH HOH B . 
G 3 HOH 13 133 133 HOH HOH B . 
G 3 HOH 14 134 134 HOH HOH B . 
G 3 HOH 15 135 135 HOH HOH B . 
G 3 HOH 16 136 136 HOH HOH B . 
G 3 HOH 17 137 12  HOH HOH B . 
G 3 HOH 18 138 13  HOH HOH B . 
G 3 HOH 19 139 18  HOH HOH B . 
G 3 HOH 20 140 140 HOH HOH B . 
G 3 HOH 21 141 141 HOH HOH B . 
G 3 HOH 22 142 22  HOH HOH B . 
G 3 HOH 23 143 24  HOH HOH B . 
G 3 HOH 24 144 30  HOH HOH B . 
G 3 HOH 25 145 145 HOH HOH B . 
G 3 HOH 26 146 33  HOH HOH B . 
G 3 HOH 27 147 35  HOH HOH B . 
G 3 HOH 28 148 38  HOH HOH B . 
G 3 HOH 29 149 40  HOH HOH B . 
G 3 HOH 30 150 41  HOH HOH B . 
G 3 HOH 31 151 151 HOH HOH B . 
G 3 HOH 32 152 43  HOH HOH B . 
G 3 HOH 33 153 44  HOH HOH B . 
G 3 HOH 34 154 154 HOH HOH B . 
G 3 HOH 35 155 155 HOH HOH B . 
G 3 HOH 36 156 156 HOH HOH B . 
G 3 HOH 37 157 46  HOH HOH B . 
G 3 HOH 38 158 158 HOH HOH B . 
G 3 HOH 39 159 159 HOH HOH B . 
G 3 HOH 40 160 160 HOH HOH B . 
G 3 HOH 41 161 51  HOH HOH B . 
G 3 HOH 42 162 162 HOH HOH B . 
G 3 HOH 43 163 52  HOH HOH B . 
G 3 HOH 44 164 55  HOH HOH B . 
G 3 HOH 45 165 57  HOH HOH B . 
G 3 HOH 46 167 167 HOH HOH B . 
G 3 HOH 47 168 58  HOH HOH B . 
G 3 HOH 48 169 169 HOH HOH B . 
G 3 HOH 49 170 60  HOH HOH B . 
G 3 HOH 50 171 61  HOH HOH B . 
G 3 HOH 51 172 63  HOH HOH B . 
G 3 HOH 52 173 64  HOH HOH B . 
G 3 HOH 53 174 65  HOH HOH B . 
G 3 HOH 54 175 67  HOH HOH B . 
G 3 HOH 55 176 176 HOH HOH B . 
G 3 HOH 56 177 70  HOH HOH B . 
G 3 HOH 57 178 72  HOH HOH B . 
G 3 HOH 58 179 75  HOH HOH B . 
G 3 HOH 59 180 79  HOH HOH B . 
G 3 HOH 60 181 80  HOH HOH B . 
G 3 HOH 61 182 84  HOH HOH B . 
G 3 HOH 62 183 86  HOH HOH B . 
G 3 HOH 63 184 92  HOH HOH B . 
G 3 HOH 64 185 97  HOH HOH B . 
G 3 HOH 65 186 101 HOH HOH B . 
G 3 HOH 66 187 102 HOH HOH B . 
G 3 HOH 67 188 103 HOH HOH B . 
G 3 HOH 68 189 104 HOH HOH B . 
G 3 HOH 69 190 105 HOH HOH B . 
G 3 HOH 70 191 106 HOH HOH B . 
G 3 HOH 71 192 107 HOH HOH B . 
G 3 HOH 72 193 109 HOH HOH B . 
G 3 HOH 73 194 113 HOH HOH B . 
G 3 HOH 74 195 114 HOH HOH B . 
G 3 HOH 75 196 116 HOH HOH B . 
G 3 HOH 76 197 117 HOH HOH B . 
G 3 HOH 77 198 119 HOH HOH B . 
# 
loop_
_pdbx_unobs_or_zero_occ_atoms.id 
_pdbx_unobs_or_zero_occ_atoms.PDB_model_num 
_pdbx_unobs_or_zero_occ_atoms.polymer_flag 
_pdbx_unobs_or_zero_occ_atoms.occupancy_flag 
_pdbx_unobs_or_zero_occ_atoms.auth_asym_id 
_pdbx_unobs_or_zero_occ_atoms.auth_comp_id 
_pdbx_unobs_or_zero_occ_atoms.auth_seq_id 
_pdbx_unobs_or_zero_occ_atoms.PDB_ins_code 
_pdbx_unobs_or_zero_occ_atoms.auth_atom_id 
_pdbx_unobs_or_zero_occ_atoms.label_alt_id 
_pdbx_unobs_or_zero_occ_atoms.label_asym_id 
_pdbx_unobs_or_zero_occ_atoms.label_comp_id 
_pdbx_unobs_or_zero_occ_atoms.label_seq_id 
_pdbx_unobs_or_zero_occ_atoms.label_atom_id 
1  1 Y 1 A ARG 68 ? CG  ? A ARG 68 CG  
2  1 Y 1 A ARG 68 ? CD  ? A ARG 68 CD  
3  1 Y 1 A ARG 68 ? NE  ? A ARG 68 NE  
4  1 Y 1 A ARG 68 ? CZ  ? A ARG 68 CZ  
5  1 Y 1 A ARG 68 ? NH1 ? A ARG 68 NH1 
6  1 Y 1 A ARG 68 ? NH2 ? A ARG 68 NH2 
7  1 Y 1 A GLU 83 ? OE1 ? A GLU 83 OE1 
8  1 Y 1 A GLU 83 ? OE2 ? A GLU 83 OE2 
9  1 Y 1 A ARG 96 ? CZ  ? A ARG 96 CZ  
10 1 Y 1 A ARG 96 ? NH1 ? A ARG 96 NH1 
11 1 Y 1 A ARG 96 ? NH2 ? A ARG 96 NH2 
12 1 Y 1 B GLU 6  ? CG  ? B GLU 6  CG  
13 1 Y 1 B GLU 6  ? CD  ? B GLU 6  CD  
14 1 Y 1 B GLU 6  ? OE1 ? B GLU 6  OE1 
15 1 Y 1 B GLU 6  ? OE2 ? B GLU 6  OE2 
16 1 Y 1 B LYS 39 ? CE  ? B LYS 39 CE  
17 1 Y 1 B LYS 39 ? NZ  ? B LYS 39 NZ  
18 1 Y 1 B LYS 50 ? CD  ? B LYS 50 CD  
19 1 Y 1 B LYS 50 ? CE  ? B LYS 50 CE  
20 1 Y 1 B LYS 50 ? NZ  ? B LYS 50 NZ  
21 1 Y 1 B LYS 76 ? CG  ? B LYS 76 CG  
22 1 Y 1 B LYS 76 ? CD  ? B LYS 76 CD  
23 1 Y 1 B LYS 76 ? CE  ? B LYS 76 CE  
24 1 Y 1 B LYS 76 ? NZ  ? B LYS 76 NZ  
25 1 Y 1 B ARG 96 ? CG  ? B ARG 96 CG  
26 1 Y 1 B ARG 96 ? CD  ? B ARG 96 CD  
27 1 Y 1 B ARG 96 ? NE  ? B ARG 96 NE  
28 1 Y 1 B ARG 96 ? CZ  ? B ARG 96 CZ  
29 1 Y 1 B ARG 96 ? NH1 ? B ARG 96 NH1 
30 1 Y 1 B ARG 96 ? NH2 ? B ARG 96 NH2 
# 
loop_
_software.name 
_software.classification 
_software.version 
_software.citation_id 
_software.pdbx_ordinal 
Blu-Ice  'data collection' .        ? 1 
SOLVE    phasing           .        ? 2 
REFMAC   refinement        5.2.0019 ? 3 
Coot     'model building'  0.3.3    ? 4 
HKL-2000 'data reduction'  .        ? 5 
HKL-2000 'data scaling'    .        ? 6 
# 
_cell.entry_id           3F6O 
_cell.length_a           65.543 
_cell.length_b           65.543 
_cell.length_c           93.024 
_cell.angle_alpha        90.00 
_cell.angle_beta         90.00 
_cell.angle_gamma        120.00 
_cell.Z_PDB              12 
_cell.pdbx_unique_axis   ? 
_cell.length_a_esd       ? 
_cell.length_b_esd       ? 
_cell.length_c_esd       ? 
_cell.angle_alpha_esd    ? 
_cell.angle_beta_esd     ? 
_cell.angle_gamma_esd    ? 
# 
_symmetry.entry_id                         3F6O 
_symmetry.space_group_name_H-M             'P 32 2 1' 
_symmetry.pdbx_full_space_group_name_H-M   ? 
_symmetry.cell_setting                     ? 
_symmetry.Int_Tables_number                154 
_symmetry.space_group_name_Hall            ? 
# 
_exptl.entry_id          3F6O 
_exptl.method            'X-RAY DIFFRACTION' 
_exptl.crystals_number   1 
# 
_exptl_crystal.id                    1 
_exptl_crystal.density_meas          ? 
_exptl_crystal.density_Matthews      2.14 
_exptl_crystal.density_percent_sol   42.52 
_exptl_crystal.description           ? 
_exptl_crystal.F_000                 ? 
_exptl_crystal.preparation           ? 
# 
_exptl_crystal_grow.crystal_id      1 
_exptl_crystal_grow.method          'VAPOR DIFFUSION, SITTING DROP' 
_exptl_crystal_grow.temp            297 
_exptl_crystal_grow.temp_details    ? 
_exptl_crystal_grow.pH              ? 
_exptl_crystal_grow.pdbx_details    
;0.1M Bis-tris pH5.5 
0.2M MgCl2 
25%PEG3350 
, VAPOR DIFFUSION, SITTING DROP, temperature 297K
;
_exptl_crystal_grow.pdbx_pH_range   pH5.5 
# 
_diffrn.id                     1 
_diffrn.ambient_temp           100 
_diffrn.ambient_temp_details   ? 
_diffrn.crystal_id             1 
# 
_diffrn_detector.diffrn_id              1 
_diffrn_detector.detector               CCD 
_diffrn_detector.type                   'ADSC QUANTUM 315' 
_diffrn_detector.pdbx_collection_date   2008-03-05 
_diffrn_detector.details                ? 
# 
_diffrn_radiation.diffrn_id                        1 
_diffrn_radiation.wavelength_id                    1 
_diffrn_radiation.pdbx_monochromatic_or_laue_m_l   M 
_diffrn_radiation.monochromator                    'Si(111)' 
_diffrn_radiation.pdbx_diffrn_protocol             'SINGLE WAVELENGTH' 
_diffrn_radiation.pdbx_scattering_type             x-ray 
# 
_diffrn_radiation_wavelength.id           1 
_diffrn_radiation_wavelength.wavelength   0.9199 
_diffrn_radiation_wavelength.wt           1.0 
# 
_diffrn_source.diffrn_id                   1 
_diffrn_source.source                      SYNCHROTRON 
_diffrn_source.type                        'APS BEAMLINE 23-ID-B' 
_diffrn_source.pdbx_synchrotron_site       APS 
_diffrn_source.pdbx_synchrotron_beamline   23-ID-B 
_diffrn_source.pdbx_wavelength             ? 
_diffrn_source.pdbx_wavelength_list        0.9199 
# 
_reflns.entry_id                     3F6O 
_reflns.observed_criterion_sigma_I   0 
_reflns.observed_criterion_sigma_F   0 
_reflns.d_resolution_low             100 
_reflns.d_resolution_high            1.90 
_reflns.number_obs                   18153 
_reflns.number_all                   18153 
_reflns.percent_possible_obs         97.4 
_reflns.pdbx_Rmerge_I_obs            0.10 
_reflns.pdbx_Rsym_value              0.10 
_reflns.pdbx_netI_over_sigmaI        9.8 
_reflns.B_iso_Wilson_estimate        27.0 
_reflns.pdbx_redundancy              9.1 
_reflns.R_free_details               ? 
_reflns.limit_h_max                  ? 
_reflns.limit_h_min                  ? 
_reflns.limit_k_max                  ? 
_reflns.limit_k_min                  ? 
_reflns.limit_l_max                  ? 
_reflns.limit_l_min                  ? 
_reflns.observed_criterion_F_max     ? 
_reflns.observed_criterion_F_min     ? 
_reflns.pdbx_chi_squared             ? 
_reflns.pdbx_scaling_rejects         ? 
_reflns.pdbx_diffrn_id               1 
_reflns.pdbx_ordinal                 1 
# 
_reflns_shell.d_res_high             1.9 
_reflns_shell.d_res_low              1.97 
_reflns_shell.percent_possible_all   93.4 
_reflns_shell.Rmerge_I_obs           0.428 
_reflns_shell.pdbx_Rsym_value        0.428 
_reflns_shell.meanI_over_sigI_obs    2.8 
_reflns_shell.pdbx_redundancy        3.3 
_reflns_shell.percent_possible_obs   ? 
_reflns_shell.number_unique_all      1726 
_reflns_shell.number_measured_all    ? 
_reflns_shell.number_measured_obs    ? 
_reflns_shell.number_unique_obs      ? 
_reflns_shell.pdbx_chi_squared       ? 
_reflns_shell.pdbx_diffrn_id         ? 
_reflns_shell.pdbx_ordinal           1 
# 
_refine.entry_id                                 3F6O 
_refine.ls_number_reflns_obs                     17965 
_refine.ls_number_reflns_all                     18153 
_refine.pdbx_ls_sigma_I                          0 
_refine.pdbx_ls_sigma_F                          0 
_refine.pdbx_data_cutoff_high_absF               ? 
_refine.pdbx_data_cutoff_low_absF                ? 
_refine.pdbx_data_cutoff_high_rms_absF           ? 
_refine.ls_d_res_low                             50.00 
_refine.ls_d_res_high                            1.90 
_refine.ls_percent_reflns_obs                    98.87 
_refine.ls_R_factor_obs                          0.21692 
_refine.ls_R_factor_all                          0.21692 
_refine.ls_R_factor_R_work                       0.21595 
_refine.ls_R_factor_R_free                       0.24693 
_refine.ls_R_factor_R_free_error                 ? 
_refine.ls_R_factor_R_free_error_details         ? 
_refine.ls_percent_reflns_R_free                 3.2 
_refine.ls_number_reflns_R_free                  592 
_refine.ls_number_parameters                     ? 
_refine.ls_number_restraints                     ? 
_refine.occupancy_min                            ? 
_refine.occupancy_max                            ? 
_refine.correlation_coeff_Fo_to_Fc               0.940 
_refine.correlation_coeff_Fo_to_Fc_free          0.921 
_refine.B_iso_mean                               25.591 
_refine.aniso_B[1][1]                            0.47 
_refine.aniso_B[2][2]                            0.47 
_refine.aniso_B[3][3]                            -0.71 
_refine.aniso_B[1][2]                            0.24 
_refine.aniso_B[1][3]                            0.00 
_refine.aniso_B[2][3]                            0.00 
_refine.solvent_model_details                    MASK 
_refine.solvent_model_param_ksol                 ? 
_refine.solvent_model_param_bsol                 ? 
_refine.pdbx_solvent_vdw_probe_radii             1.40 
_refine.pdbx_solvent_ion_probe_radii             0.80 
_refine.pdbx_solvent_shrinkage_radii             0.80 
_refine.pdbx_ls_cross_valid_method               THROUGHOUT 
_refine.details                                  'HYDROGENS HAVE BEEN ADDED IN THE RIDING POSITIONS' 
_refine.pdbx_starting_model                      ? 
_refine.pdbx_method_to_determine_struct          SAD 
_refine.pdbx_isotropic_thermal_model             ? 
_refine.pdbx_stereochemistry_target_values       'MAXIMUM LIKELIHOOD' 
_refine.pdbx_stereochem_target_val_spec_case     ? 
_refine.pdbx_R_Free_selection_details            RANDOM 
_refine.pdbx_overall_ESU_R                       0.158 
_refine.pdbx_overall_ESU_R_Free                  0.144 
_refine.overall_SU_ML                            0.104 
_refine.overall_SU_B                             3.475 
_refine.ls_redundancy_reflns_obs                 ? 
_refine.B_iso_min                                ? 
_refine.B_iso_max                                ? 
_refine.overall_SU_R_Cruickshank_DPI             ? 
_refine.overall_SU_R_free                        ? 
_refine.ls_wR_factor_R_free                      ? 
_refine.ls_wR_factor_R_work                      ? 
_refine.overall_FOM_free_R_set                   ? 
_refine.overall_FOM_work_R_set                   ? 
_refine.pdbx_overall_phase_error                 ? 
_refine.pdbx_refine_id                           'X-RAY DIFFRACTION' 
_refine.pdbx_diffrn_id                           1 
_refine.pdbx_TLS_residual_ADP_flag               ? 
_refine.pdbx_overall_SU_R_free_Cruickshank_DPI   ? 
_refine.pdbx_overall_SU_R_Blow_DPI               ? 
_refine.pdbx_overall_SU_R_free_Blow_DPI          ? 
# 
_refine_hist.pdbx_refine_id                   'X-RAY DIFFRACTION' 
_refine_hist.cycle_id                         LAST 
_refine_hist.pdbx_number_atoms_protein        1484 
_refine_hist.pdbx_number_atoms_nucleic_acid   0 
_refine_hist.pdbx_number_atoms_ligand         3 
_refine_hist.number_atoms_solvent             159 
_refine_hist.number_atoms_total               1646 
_refine_hist.d_res_high                       1.90 
_refine_hist.d_res_low                        50.00 
# 
loop_
_refine_ls_restr.type 
_refine_ls_restr.dev_ideal 
_refine_ls_restr.dev_ideal_target 
_refine_ls_restr.weight 
_refine_ls_restr.number 
_refine_ls_restr.pdbx_refine_id 
_refine_ls_restr.pdbx_restraint_function 
r_bond_refined_d             0.014  0.022  ? 1522 'X-RAY DIFFRACTION' ? 
r_bond_other_d               ?      ?      ? ?    'X-RAY DIFFRACTION' ? 
r_angle_refined_deg          1.393  1.938  ? 2064 'X-RAY DIFFRACTION' ? 
r_angle_other_deg            ?      ?      ? ?    'X-RAY DIFFRACTION' ? 
r_dihedral_angle_1_deg       4.648  5.000  ? 186  'X-RAY DIFFRACTION' ? 
r_dihedral_angle_2_deg       39.475 23.099 ? 71   'X-RAY DIFFRACTION' ? 
r_dihedral_angle_3_deg       13.986 15.000 ? 250  'X-RAY DIFFRACTION' ? 
r_dihedral_angle_4_deg       12.784 15.000 ? 13   'X-RAY DIFFRACTION' ? 
r_chiral_restr               0.085  0.200  ? 223  'X-RAY DIFFRACTION' ? 
r_gen_planes_refined         0.006  0.020  ? 1167 'X-RAY DIFFRACTION' ? 
r_gen_planes_other           ?      ?      ? ?    'X-RAY DIFFRACTION' ? 
r_nbd_refined                0.201  0.200  ? 707  'X-RAY DIFFRACTION' ? 
r_nbd_other                  ?      ?      ? ?    'X-RAY DIFFRACTION' ? 
r_nbtor_refined              0.298  0.200  ? 1053 'X-RAY DIFFRACTION' ? 
r_nbtor_other                ?      ?      ? ?    'X-RAY DIFFRACTION' ? 
r_xyhbond_nbd_refined        0.156  0.200  ? 105  'X-RAY DIFFRACTION' ? 
r_xyhbond_nbd_other          ?      ?      ? ?    'X-RAY DIFFRACTION' ? 
r_metal_ion_refined          ?      ?      ? ?    'X-RAY DIFFRACTION' ? 
r_metal_ion_other            ?      ?      ? ?    'X-RAY DIFFRACTION' ? 
r_symmetry_vdw_refined       0.188  0.200  ? 56   'X-RAY DIFFRACTION' ? 
r_symmetry_vdw_other         ?      ?      ? ?    'X-RAY DIFFRACTION' ? 
r_symmetry_hbond_refined     0.174  0.200  ? 25   'X-RAY DIFFRACTION' ? 
r_symmetry_hbond_other       ?      ?      ? ?    'X-RAY DIFFRACTION' ? 
r_symmetry_metal_ion_refined ?      ?      ? ?    'X-RAY DIFFRACTION' ? 
r_symmetry_metal_ion_other   ?      ?      ? ?    'X-RAY DIFFRACTION' ? 
r_mcbond_it                  0.995  1.500  ? 965  'X-RAY DIFFRACTION' ? 
r_mcbond_other               ?      ?      ? ?    'X-RAY DIFFRACTION' ? 
r_mcangle_it                 1.671  2.000  ? 1503 'X-RAY DIFFRACTION' ? 
r_scbond_it                  2.501  3.000  ? 638  'X-RAY DIFFRACTION' ? 
r_scangle_it                 4.150  4.500  ? 561  'X-RAY DIFFRACTION' ? 
r_rigid_bond_restr           ?      ?      ? ?    'X-RAY DIFFRACTION' ? 
r_sphericity_free            ?      ?      ? ?    'X-RAY DIFFRACTION' ? 
r_sphericity_bonded          ?      ?      ? ?    'X-RAY DIFFRACTION' ? 
# 
_refine_ls_shell.pdbx_total_number_of_bins_used   20 
_refine_ls_shell.d_res_high                       1.900 
_refine_ls_shell.d_res_low                        1.949 
_refine_ls_shell.number_reflns_R_work             1207 
_refine_ls_shell.R_factor_R_work                  0.283 
_refine_ls_shell.percent_reflns_obs               91.82 
_refine_ls_shell.R_factor_R_free                  0.337 
_refine_ls_shell.R_factor_R_free_error            ? 
_refine_ls_shell.percent_reflns_R_free            ? 
_refine_ls_shell.number_reflns_R_free             51 
_refine_ls_shell.number_reflns_all                ? 
_refine_ls_shell.R_factor_all                     ? 
_refine_ls_shell.number_reflns_obs                ? 
_refine_ls_shell.redundancy_reflns_obs            ? 
_refine_ls_shell.pdbx_refine_id                   'X-RAY DIFFRACTION' 
# 
_struct.entry_id                  3F6O 
_struct.title                     'Crystal structure of ArsR family transcriptional regulator, RHA00566' 
_struct.pdbx_model_details        ? 
_struct.pdbx_CASP_flag            ? 
_struct.pdbx_model_type_details   ? 
# 
_struct_keywords.entry_id        3F6O 
_struct_keywords.pdbx_keywords   'transcription regulator' 
_struct_keywords.text            
;ArsR family, transcriptional regulator, RHA00566, MCSG, Structural Genomics, PSI-2, Protein Structure Initiative, Midwest Center for Structural Genomics, DNA-binding, Transcription, Transcription regulation, transcription regulator
;
# 
loop_
_struct_asym.id 
_struct_asym.pdbx_blank_PDB_chainid_flag 
_struct_asym.pdbx_modified 
_struct_asym.entity_id 
_struct_asym.details 
A N N 1 ? 
B N N 1 ? 
C N N 2 ? 
D N N 2 ? 
E N N 2 ? 
F N N 3 ? 
G N N 3 ? 
# 
_struct_ref.id                         1 
_struct_ref.db_name                    UNP 
_struct_ref.db_code                    Q0S195_RHOSR 
_struct_ref.pdbx_db_accession          Q0S195 
_struct_ref.entity_id                  1 
_struct_ref.pdbx_seq_one_letter_code   
;MAQYPEQLNGIFQALADPTRRAVLGRLSRGPATVSELAKPFDMALPSFMKHIHFLEDSGWIRTHKQGRVRTCAIEKEPFT
AVEAWLAEQQELWESRTDRLEQFVTEHTVTAHAKATPQ
;
_struct_ref.pdbx_align_begin           1 
_struct_ref.pdbx_db_isoform            ? 
# 
loop_
_struct_ref_seq.align_id 
_struct_ref_seq.ref_id 
_struct_ref_seq.pdbx_PDB_id_code 
_struct_ref_seq.pdbx_strand_id 
_struct_ref_seq.seq_align_beg 
_struct_ref_seq.pdbx_seq_align_beg_ins_code 
_struct_ref_seq.seq_align_end 
_struct_ref_seq.pdbx_seq_align_end_ins_code 
_struct_ref_seq.pdbx_db_accession 
_struct_ref_seq.db_align_beg 
_struct_ref_seq.pdbx_db_align_beg_ins_code 
_struct_ref_seq.db_align_end 
_struct_ref_seq.pdbx_db_align_end_ins_code 
_struct_ref_seq.pdbx_auth_seq_align_beg 
_struct_ref_seq.pdbx_auth_seq_align_end 
1 1 3F6O A 1 ? 118 ? Q0S195 1 ? 118 ? 1 118 
2 1 3F6O B 1 ? 118 ? Q0S195 1 ? 118 ? 1 118 
# 
loop_
_pdbx_struct_assembly.id 
_pdbx_struct_assembly.details 
_pdbx_struct_assembly.method_details 
_pdbx_struct_assembly.oligomeric_details 
_pdbx_struct_assembly.oligomeric_count 
1 software_defined_assembly PISA dimeric 2 
2 software_defined_assembly PISA dimeric 2 
# 
loop_
_pdbx_struct_assembly_prop.biol_id 
_pdbx_struct_assembly_prop.type 
_pdbx_struct_assembly_prop.value 
_pdbx_struct_assembly_prop.details 
1 'ABSA (A^2)' 2810  ? 
1 MORE         -17   ? 
1 'SSA (A^2)'  10650 ? 
2 'ABSA (A^2)' 1470  ? 
2 MORE         -8    ? 
2 'SSA (A^2)'  12460 ? 
# 
loop_
_pdbx_struct_assembly_gen.assembly_id 
_pdbx_struct_assembly_gen.oper_expression 
_pdbx_struct_assembly_gen.asym_id_list 
1 1   A,B,C,D,E,F,G 
2 1,2 A,C,D,F       
# 
loop_
_pdbx_struct_oper_list.id 
_pdbx_struct_oper_list.type 
_pdbx_struct_oper_list.name 
_pdbx_struct_oper_list.symmetry_operation 
_pdbx_struct_oper_list.matrix[1][1] 
_pdbx_struct_oper_list.matrix[1][2] 
_pdbx_struct_oper_list.matrix[1][3] 
_pdbx_struct_oper_list.vector[1] 
_pdbx_struct_oper_list.matrix[2][1] 
_pdbx_struct_oper_list.matrix[2][2] 
_pdbx_struct_oper_list.matrix[2][3] 
_pdbx_struct_oper_list.vector[2] 
_pdbx_struct_oper_list.matrix[3][1] 
_pdbx_struct_oper_list.matrix[3][2] 
_pdbx_struct_oper_list.matrix[3][3] 
_pdbx_struct_oper_list.vector[3] 
1 'identity operation'         1_555 x,y,z  1.0000000000  0.0000000000 0.0000000000 0.0000000000   0.0000000000 1.0000000000  0.0000000000 0.0000000000  0.0000000000 0.0000000000 1.0000000000 0.0000000000  
2 'crystal symmetry operation' 4_555 y,x,-z -0.5996768054 0.1021790778 0.7936921098 -31.3609688064 0.1021790778 -0.9739196627 0.2025831353 20.5979410546 0.7936921098 0.2025831353 0.5735964681 13.1661187835 
# 
_struct_biol.id        1 
_struct_biol.details   ? 
# 
loop_
_struct_conf.conf_type_id 
_struct_conf.id 
_struct_conf.pdbx_PDB_helix_id 
_struct_conf.beg_label_comp_id 
_struct_conf.beg_label_asym_id 
_struct_conf.beg_label_seq_id 
_struct_conf.pdbx_beg_PDB_ins_code 
_struct_conf.end_label_comp_id 
_struct_conf.end_label_asym_id 
_struct_conf.end_label_seq_id 
_struct_conf.pdbx_end_PDB_ins_code 
_struct_conf.beg_auth_comp_id 
_struct_conf.beg_auth_asym_id 
_struct_conf.beg_auth_seq_id 
_struct_conf.end_auth_comp_id 
_struct_conf.end_auth_asym_id 
_struct_conf.end_auth_seq_id 
_struct_conf.pdbx_PDB_helix_class 
_struct_conf.details 
_struct_conf.pdbx_PDB_helix_length 
HELX_P HELX_P1  1  TYR A 4  ? ALA A 16 ? TYR A 4  ALA A 16 1 ? 13 
HELX_P HELX_P2  2  ASP A 17 ? ARG A 29 ? ASP A 17 ARG A 29 1 ? 13 
HELX_P HELX_P3  3  VAL A 34 ? LYS A 39 ? VAL A 34 LYS A 39 1 ? 6  
HELX_P HELX_P4  4  ALA A 44 ? SER A 58 ? ALA A 44 SER A 58 1 ? 15 
HELX_P HELX_P5  5  LYS A 76 ? SER A 95 ? LYS A 76 SER A 95 1 ? 20 
HELX_P HELX_P6  6  GLU B 6  ? ALA B 16 ? GLU B 6  ALA B 16 1 ? 11 
HELX_P HELX_P7  7  ASP B 17 ? ARG B 29 ? ASP B 17 ARG B 29 1 ? 13 
HELX_P HELX_P8  8  VAL B 34 ? LYS B 39 ? VAL B 34 LYS B 39 1 ? 6  
HELX_P HELX_P9  9  ALA B 44 ? SER B 58 ? ALA B 44 SER B 58 1 ? 15 
HELX_P HELX_P10 10 LYS B 76 ? SER B 95 ? LYS B 76 SER B 95 1 ? 20 
# 
_struct_conf_type.id          HELX_P 
_struct_conf_type.criteria    ? 
_struct_conf_type.reference   ? 
# 
loop_
_struct_sheet.id 
_struct_sheet.type 
_struct_sheet.number_strands 
_struct_sheet.details 
A ? 3 ? 
B ? 3 ? 
# 
loop_
_struct_sheet_order.sheet_id 
_struct_sheet_order.range_id_1 
_struct_sheet_order.range_id_2 
_struct_sheet_order.offset 
_struct_sheet_order.sense 
A 1 2 ? anti-parallel 
A 2 3 ? anti-parallel 
B 1 2 ? anti-parallel 
B 2 3 ? anti-parallel 
# 
loop_
_struct_sheet_range.sheet_id 
_struct_sheet_range.id 
_struct_sheet_range.beg_label_comp_id 
_struct_sheet_range.beg_label_asym_id 
_struct_sheet_range.beg_label_seq_id 
_struct_sheet_range.pdbx_beg_PDB_ins_code 
_struct_sheet_range.end_label_comp_id 
_struct_sheet_range.end_label_asym_id 
_struct_sheet_range.end_label_seq_id 
_struct_sheet_range.pdbx_end_PDB_ins_code 
_struct_sheet_range.beg_auth_comp_id 
_struct_sheet_range.beg_auth_asym_id 
_struct_sheet_range.beg_auth_seq_id 
_struct_sheet_range.end_auth_comp_id 
_struct_sheet_range.end_auth_asym_id 
_struct_sheet_range.end_auth_seq_id 
A 1 ALA A 32 ? THR A 33 ? ALA A 32 THR A 33 
A 2 VAL A 69 ? ILE A 74 ? VAL A 69 ILE A 74 
A 3 ILE A 61 ? GLN A 66 ? ILE A 61 GLN A 66 
B 1 ALA B 32 ? THR B 33 ? ALA B 32 THR B 33 
B 2 VAL B 69 ? ILE B 74 ? VAL B 69 ILE B 74 
B 3 ILE B 61 ? GLN B 66 ? ILE B 61 GLN B 66 
# 
loop_
_pdbx_struct_sheet_hbond.sheet_id 
_pdbx_struct_sheet_hbond.range_id_1 
_pdbx_struct_sheet_hbond.range_id_2 
_pdbx_struct_sheet_hbond.range_1_label_atom_id 
_pdbx_struct_sheet_hbond.range_1_label_comp_id 
_pdbx_struct_sheet_hbond.range_1_label_asym_id 
_pdbx_struct_sheet_hbond.range_1_label_seq_id 
_pdbx_struct_sheet_hbond.range_1_PDB_ins_code 
_pdbx_struct_sheet_hbond.range_1_auth_atom_id 
_pdbx_struct_sheet_hbond.range_1_auth_comp_id 
_pdbx_struct_sheet_hbond.range_1_auth_asym_id 
_pdbx_struct_sheet_hbond.range_1_auth_seq_id 
_pdbx_struct_sheet_hbond.range_2_label_atom_id 
_pdbx_struct_sheet_hbond.range_2_label_comp_id 
_pdbx_struct_sheet_hbond.range_2_label_asym_id 
_pdbx_struct_sheet_hbond.range_2_label_seq_id 
_pdbx_struct_sheet_hbond.range_2_PDB_ins_code 
_pdbx_struct_sheet_hbond.range_2_auth_atom_id 
_pdbx_struct_sheet_hbond.range_2_auth_comp_id 
_pdbx_struct_sheet_hbond.range_2_auth_asym_id 
_pdbx_struct_sheet_hbond.range_2_auth_seq_id 
A 1 2 N ALA A 32 ? N ALA A 32 O CYS A 72 ? O CYS A 72 
A 2 3 O VAL A 69 ? O VAL A 69 N GLN A 66 ? N GLN A 66 
B 1 2 N ALA B 32 ? N ALA B 32 O CYS B 72 ? O CYS B 72 
B 2 3 O THR B 71 ? O THR B 71 N HIS B 64 ? N HIS B 64 
# 
loop_
_struct_site.id 
_struct_site.pdbx_evidence_code 
_struct_site.pdbx_auth_asym_id 
_struct_site.pdbx_auth_comp_id 
_struct_site.pdbx_auth_seq_id 
_struct_site.pdbx_auth_ins_code 
_struct_site.pdbx_num_residues 
_struct_site.details 
AC1 Software A BR 119 ? 2 'BINDING SITE FOR RESIDUE BR A 119' 
AC2 Software A BR 120 ? 2 'BINDING SITE FOR RESIDUE BR A 120' 
AC3 Software B BR 119 ? 2 'BINDING SITE FOR RESIDUE BR B 119' 
# 
loop_
_struct_site_gen.id 
_struct_site_gen.site_id 
_struct_site_gen.pdbx_num_res 
_struct_site_gen.label_comp_id 
_struct_site_gen.label_asym_id 
_struct_site_gen.label_seq_id 
_struct_site_gen.pdbx_auth_ins_code 
_struct_site_gen.auth_comp_id 
_struct_site_gen.auth_asym_id 
_struct_site_gen.auth_seq_id 
_struct_site_gen.label_atom_id 
_struct_site_gen.label_alt_id 
_struct_site_gen.symmetry 
_struct_site_gen.details 
1 AC1 2 SER A 35 ? SER A 35 . ? 1_555 ? 
2 AC1 2 ARG A 70 ? ARG A 70 . ? 1_555 ? 
3 AC2 2 ASN A 9  ? ASN A 9  . ? 1_555 ? 
4 AC2 2 LYS B 65 ? LYS B 65 . ? 2_664 ? 
5 AC3 2 SER B 35 ? SER B 35 . ? 1_555 ? 
6 AC3 2 ARG B 70 ? ARG B 70 . ? 1_555 ? 
# 
_pdbx_SG_project.id                    1 
_pdbx_SG_project.project_name          'PSI, Protein Structure Initiative' 
_pdbx_SG_project.full_name_of_center   'Midwest Center for Structural Genomics' 
_pdbx_SG_project.initial_of_center     MCSG 
# 
_pdbx_struct_special_symmetry.id              1 
_pdbx_struct_special_symmetry.PDB_model_num   1 
_pdbx_struct_special_symmetry.auth_asym_id    A 
_pdbx_struct_special_symmetry.auth_comp_id    HOH 
_pdbx_struct_special_symmetry.auth_seq_id     122 
_pdbx_struct_special_symmetry.PDB_ins_code    ? 
_pdbx_struct_special_symmetry.label_asym_id   F 
_pdbx_struct_special_symmetry.label_comp_id   HOH 
_pdbx_struct_special_symmetry.label_seq_id    . 
# 
_pdbx_entry_details.entry_id                 3F6O 
_pdbx_entry_details.compound_details         ? 
_pdbx_entry_details.source_details           ? 
_pdbx_entry_details.nonpolymer_details       ? 
_pdbx_entry_details.sequence_details         
;AUTHORS STATE THAT THE PROTEIN WAS CRYSTALLIZED BY IN SITU PTOTEOLYSIS METHOD, THE PROTEIN WAS MIXED WITH 200:1(W/W) WITH THERMOLYSIN. THE FULL SEQUENCE WENT INTO CRYSTALLIZATION TRIAL IS 
MGSSHHHHHHSSGRENLYFQGMAQYPEQLNGIFQALADPTRRAVLGRLSRGPATVSELA
KPFDMALPSFMKHIHFLEDSGWIRTHKQGRVRTCAIEKEPFTAVEAWLAEQQELWESRTDRL
EQFVTEHTVTAHAKATPQ
;
_pdbx_entry_details.has_ligand_of_interest   ? 
# 
loop_
_pdbx_unobs_or_zero_occ_residues.id 
_pdbx_unobs_or_zero_occ_residues.PDB_model_num 
_pdbx_unobs_or_zero_occ_residues.polymer_flag 
_pdbx_unobs_or_zero_occ_residues.occupancy_flag 
_pdbx_unobs_or_zero_occ_residues.auth_asym_id 
_pdbx_unobs_or_zero_occ_residues.auth_comp_id 
_pdbx_unobs_or_zero_occ_residues.auth_seq_id 
_pdbx_unobs_or_zero_occ_residues.PDB_ins_code 
_pdbx_unobs_or_zero_occ_residues.label_asym_id 
_pdbx_unobs_or_zero_occ_residues.label_comp_id 
_pdbx_unobs_or_zero_occ_residues.label_seq_id 
1  1 Y 1 A ASP 98  ? A ASP 98  
2  1 Y 1 A ARG 99  ? A ARG 99  
3  1 Y 1 A LEU 100 ? A LEU 100 
4  1 Y 1 A GLU 101 ? A GLU 101 
5  1 Y 1 A GLN 102 ? A GLN 102 
6  1 Y 1 A PHE 103 ? A PHE 103 
7  1 Y 1 A VAL 104 ? A VAL 104 
8  1 Y 1 A THR 105 ? A THR 105 
9  1 Y 1 A GLU 106 ? A GLU 106 
10 1 Y 1 A HIS 107 ? A HIS 107 
11 1 Y 1 A THR 108 ? A THR 108 
12 1 Y 1 A VAL 109 ? A VAL 109 
13 1 Y 1 A THR 110 ? A THR 110 
14 1 Y 1 A ALA 111 ? A ALA 111 
15 1 Y 1 A HIS 112 ? A HIS 112 
16 1 Y 1 A ALA 113 ? A ALA 113 
17 1 Y 1 A LYS 114 ? A LYS 114 
18 1 Y 1 A ALA 115 ? A ALA 115 
19 1 Y 1 A THR 116 ? A THR 116 
20 1 Y 1 A PRO 117 ? A PRO 117 
21 1 Y 1 A GLN 118 ? A GLN 118 
22 1 Y 1 B MET 1   ? B MET 1   
23 1 Y 1 B ALA 2   ? B ALA 2   
24 1 Y 1 B GLN 3   ? B GLN 3   
25 1 Y 1 B TYR 4   ? B TYR 4   
26 1 Y 1 B PRO 5   ? B PRO 5   
27 1 Y 1 B THR 97  ? B THR 97  
28 1 Y 1 B ASP 98  ? B ASP 98  
29 1 Y 1 B ARG 99  ? B ARG 99  
30 1 Y 1 B LEU 100 ? B LEU 100 
31 1 Y 1 B GLU 101 ? B GLU 101 
32 1 Y 1 B GLN 102 ? B GLN 102 
33 1 Y 1 B PHE 103 ? B PHE 103 
34 1 Y 1 B VAL 104 ? B VAL 104 
35 1 Y 1 B THR 105 ? B THR 105 
36 1 Y 1 B GLU 106 ? B GLU 106 
37 1 Y 1 B HIS 107 ? B HIS 107 
38 1 Y 1 B THR 108 ? B THR 108 
39 1 Y 1 B VAL 109 ? B VAL 109 
40 1 Y 1 B THR 110 ? B THR 110 
41 1 Y 1 B ALA 111 ? B ALA 111 
42 1 Y 1 B HIS 112 ? B HIS 112 
43 1 Y 1 B ALA 113 ? B ALA 113 
44 1 Y 1 B LYS 114 ? B LYS 114 
45 1 Y 1 B ALA 115 ? B ALA 115 
46 1 Y 1 B THR 116 ? B THR 116 
47 1 Y 1 B PRO 117 ? B PRO 117 
48 1 Y 1 B GLN 118 ? B GLN 118 
# 
loop_
_chem_comp_atom.comp_id 
_chem_comp_atom.atom_id 
_chem_comp_atom.type_symbol 
_chem_comp_atom.pdbx_aromatic_flag 
_chem_comp_atom.pdbx_stereo_config 
_chem_comp_atom.pdbx_ordinal 
ALA N    N  N N 1   
ALA CA   C  N S 2   
ALA C    C  N N 3   
ALA O    O  N N 4   
ALA CB   C  N N 5   
ALA OXT  O  N N 6   
ALA H    H  N N 7   
ALA H2   H  N N 8   
ALA HA   H  N N 9   
ALA HB1  H  N N 10  
ALA HB2  H  N N 11  
ALA HB3  H  N N 12  
ALA HXT  H  N N 13  
ARG N    N  N N 14  
ARG CA   C  N S 15  
ARG C    C  N N 16  
ARG O    O  N N 17  
ARG CB   C  N N 18  
ARG CG   C  N N 19  
ARG CD   C  N N 20  
ARG NE   N  N N 21  
ARG CZ   C  N N 22  
ARG NH1  N  N N 23  
ARG NH2  N  N N 24  
ARG OXT  O  N N 25  
ARG H    H  N N 26  
ARG H2   H  N N 27  
ARG HA   H  N N 28  
ARG HB2  H  N N 29  
ARG HB3  H  N N 30  
ARG HG2  H  N N 31  
ARG HG3  H  N N 32  
ARG HD2  H  N N 33  
ARG HD3  H  N N 34  
ARG HE   H  N N 35  
ARG HH11 H  N N 36  
ARG HH12 H  N N 37  
ARG HH21 H  N N 38  
ARG HH22 H  N N 39  
ARG HXT  H  N N 40  
ASN N    N  N N 41  
ASN CA   C  N S 42  
ASN C    C  N N 43  
ASN O    O  N N 44  
ASN CB   C  N N 45  
ASN CG   C  N N 46  
ASN OD1  O  N N 47  
ASN ND2  N  N N 48  
ASN OXT  O  N N 49  
ASN H    H  N N 50  
ASN H2   H  N N 51  
ASN HA   H  N N 52  
ASN HB2  H  N N 53  
ASN HB3  H  N N 54  
ASN HD21 H  N N 55  
ASN HD22 H  N N 56  
ASN HXT  H  N N 57  
ASP N    N  N N 58  
ASP CA   C  N S 59  
ASP C    C  N N 60  
ASP O    O  N N 61  
ASP CB   C  N N 62  
ASP CG   C  N N 63  
ASP OD1  O  N N 64  
ASP OD2  O  N N 65  
ASP OXT  O  N N 66  
ASP H    H  N N 67  
ASP H2   H  N N 68  
ASP HA   H  N N 69  
ASP HB2  H  N N 70  
ASP HB3  H  N N 71  
ASP HD2  H  N N 72  
ASP HXT  H  N N 73  
BR  BR   BR N N 74  
CYS N    N  N N 75  
CYS CA   C  N R 76  
CYS C    C  N N 77  
CYS O    O  N N 78  
CYS CB   C  N N 79  
CYS SG   S  N N 80  
CYS OXT  O  N N 81  
CYS H    H  N N 82  
CYS H2   H  N N 83  
CYS HA   H  N N 84  
CYS HB2  H  N N 85  
CYS HB3  H  N N 86  
CYS HG   H  N N 87  
CYS HXT  H  N N 88  
GLN N    N  N N 89  
GLN CA   C  N S 90  
GLN C    C  N N 91  
GLN O    O  N N 92  
GLN CB   C  N N 93  
GLN CG   C  N N 94  
GLN CD   C  N N 95  
GLN OE1  O  N N 96  
GLN NE2  N  N N 97  
GLN OXT  O  N N 98  
GLN H    H  N N 99  
GLN H2   H  N N 100 
GLN HA   H  N N 101 
GLN HB2  H  N N 102 
GLN HB3  H  N N 103 
GLN HG2  H  N N 104 
GLN HG3  H  N N 105 
GLN HE21 H  N N 106 
GLN HE22 H  N N 107 
GLN HXT  H  N N 108 
GLU N    N  N N 109 
GLU CA   C  N S 110 
GLU C    C  N N 111 
GLU O    O  N N 112 
GLU CB   C  N N 113 
GLU CG   C  N N 114 
GLU CD   C  N N 115 
GLU OE1  O  N N 116 
GLU OE2  O  N N 117 
GLU OXT  O  N N 118 
GLU H    H  N N 119 
GLU H2   H  N N 120 
GLU HA   H  N N 121 
GLU HB2  H  N N 122 
GLU HB3  H  N N 123 
GLU HG2  H  N N 124 
GLU HG3  H  N N 125 
GLU HE2  H  N N 126 
GLU HXT  H  N N 127 
GLY N    N  N N 128 
GLY CA   C  N N 129 
GLY C    C  N N 130 
GLY O    O  N N 131 
GLY OXT  O  N N 132 
GLY H    H  N N 133 
GLY H2   H  N N 134 
GLY HA2  H  N N 135 
GLY HA3  H  N N 136 
GLY HXT  H  N N 137 
HIS N    N  N N 138 
HIS CA   C  N S 139 
HIS C    C  N N 140 
HIS O    O  N N 141 
HIS CB   C  N N 142 
HIS CG   C  Y N 143 
HIS ND1  N  Y N 144 
HIS CD2  C  Y N 145 
HIS CE1  C  Y N 146 
HIS NE2  N  Y N 147 
HIS OXT  O  N N 148 
HIS H    H  N N 149 
HIS H2   H  N N 150 
HIS HA   H  N N 151 
HIS HB2  H  N N 152 
HIS HB3  H  N N 153 
HIS HD1  H  N N 154 
HIS HD2  H  N N 155 
HIS HE1  H  N N 156 
HIS HE2  H  N N 157 
HIS HXT  H  N N 158 
HOH O    O  N N 159 
HOH H1   H  N N 160 
HOH H2   H  N N 161 
ILE N    N  N N 162 
ILE CA   C  N S 163 
ILE C    C  N N 164 
ILE O    O  N N 165 
ILE CB   C  N S 166 
ILE CG1  C  N N 167 
ILE CG2  C  N N 168 
ILE CD1  C  N N 169 
ILE OXT  O  N N 170 
ILE H    H  N N 171 
ILE H2   H  N N 172 
ILE HA   H  N N 173 
ILE HB   H  N N 174 
ILE HG12 H  N N 175 
ILE HG13 H  N N 176 
ILE HG21 H  N N 177 
ILE HG22 H  N N 178 
ILE HG23 H  N N 179 
ILE HD11 H  N N 180 
ILE HD12 H  N N 181 
ILE HD13 H  N N 182 
ILE HXT  H  N N 183 
LEU N    N  N N 184 
LEU CA   C  N S 185 
LEU C    C  N N 186 
LEU O    O  N N 187 
LEU CB   C  N N 188 
LEU CG   C  N N 189 
LEU CD1  C  N N 190 
LEU CD2  C  N N 191 
LEU OXT  O  N N 192 
LEU H    H  N N 193 
LEU H2   H  N N 194 
LEU HA   H  N N 195 
LEU HB2  H  N N 196 
LEU HB3  H  N N 197 
LEU HG   H  N N 198 
LEU HD11 H  N N 199 
LEU HD12 H  N N 200 
LEU HD13 H  N N 201 
LEU HD21 H  N N 202 
LEU HD22 H  N N 203 
LEU HD23 H  N N 204 
LEU HXT  H  N N 205 
LYS N    N  N N 206 
LYS CA   C  N S 207 
LYS C    C  N N 208 
LYS O    O  N N 209 
LYS CB   C  N N 210 
LYS CG   C  N N 211 
LYS CD   C  N N 212 
LYS CE   C  N N 213 
LYS NZ   N  N N 214 
LYS OXT  O  N N 215 
LYS H    H  N N 216 
LYS H2   H  N N 217 
LYS HA   H  N N 218 
LYS HB2  H  N N 219 
LYS HB3  H  N N 220 
LYS HG2  H  N N 221 
LYS HG3  H  N N 222 
LYS HD2  H  N N 223 
LYS HD3  H  N N 224 
LYS HE2  H  N N 225 
LYS HE3  H  N N 226 
LYS HZ1  H  N N 227 
LYS HZ2  H  N N 228 
LYS HZ3  H  N N 229 
LYS HXT  H  N N 230 
MET N    N  N N 231 
MET CA   C  N S 232 
MET C    C  N N 233 
MET O    O  N N 234 
MET CB   C  N N 235 
MET CG   C  N N 236 
MET SD   S  N N 237 
MET CE   C  N N 238 
MET OXT  O  N N 239 
MET H    H  N N 240 
MET H2   H  N N 241 
MET HA   H  N N 242 
MET HB2  H  N N 243 
MET HB3  H  N N 244 
MET HG2  H  N N 245 
MET HG3  H  N N 246 
MET HE1  H  N N 247 
MET HE2  H  N N 248 
MET HE3  H  N N 249 
MET HXT  H  N N 250 
PHE N    N  N N 251 
PHE CA   C  N S 252 
PHE C    C  N N 253 
PHE O    O  N N 254 
PHE CB   C  N N 255 
PHE CG   C  Y N 256 
PHE CD1  C  Y N 257 
PHE CD2  C  Y N 258 
PHE CE1  C  Y N 259 
PHE CE2  C  Y N 260 
PHE CZ   C  Y N 261 
PHE OXT  O  N N 262 
PHE H    H  N N 263 
PHE H2   H  N N 264 
PHE HA   H  N N 265 
PHE HB2  H  N N 266 
PHE HB3  H  N N 267 
PHE HD1  H  N N 268 
PHE HD2  H  N N 269 
PHE HE1  H  N N 270 
PHE HE2  H  N N 271 
PHE HZ   H  N N 272 
PHE HXT  H  N N 273 
PRO N    N  N N 274 
PRO CA   C  N S 275 
PRO C    C  N N 276 
PRO O    O  N N 277 
PRO CB   C  N N 278 
PRO CG   C  N N 279 
PRO CD   C  N N 280 
PRO OXT  O  N N 281 
PRO H    H  N N 282 
PRO HA   H  N N 283 
PRO HB2  H  N N 284 
PRO HB3  H  N N 285 
PRO HG2  H  N N 286 
PRO HG3  H  N N 287 
PRO HD2  H  N N 288 
PRO HD3  H  N N 289 
PRO HXT  H  N N 290 
SER N    N  N N 291 
SER CA   C  N S 292 
SER C    C  N N 293 
SER O    O  N N 294 
SER CB   C  N N 295 
SER OG   O  N N 296 
SER OXT  O  N N 297 
SER H    H  N N 298 
SER H2   H  N N 299 
SER HA   H  N N 300 
SER HB2  H  N N 301 
SER HB3  H  N N 302 
SER HG   H  N N 303 
SER HXT  H  N N 304 
THR N    N  N N 305 
THR CA   C  N S 306 
THR C    C  N N 307 
THR O    O  N N 308 
THR CB   C  N R 309 
THR OG1  O  N N 310 
THR CG2  C  N N 311 
THR OXT  O  N N 312 
THR H    H  N N 313 
THR H2   H  N N 314 
THR HA   H  N N 315 
THR HB   H  N N 316 
THR HG1  H  N N 317 
THR HG21 H  N N 318 
THR HG22 H  N N 319 
THR HG23 H  N N 320 
THR HXT  H  N N 321 
TRP N    N  N N 322 
TRP CA   C  N S 323 
TRP C    C  N N 324 
TRP O    O  N N 325 
TRP CB   C  N N 326 
TRP CG   C  Y N 327 
TRP CD1  C  Y N 328 
TRP CD2  C  Y N 329 
TRP NE1  N  Y N 330 
TRP CE2  C  Y N 331 
TRP CE3  C  Y N 332 
TRP CZ2  C  Y N 333 
TRP CZ3  C  Y N 334 
TRP CH2  C  Y N 335 
TRP OXT  O  N N 336 
TRP H    H  N N 337 
TRP H2   H  N N 338 
TRP HA   H  N N 339 
TRP HB2  H  N N 340 
TRP HB3  H  N N 341 
TRP HD1  H  N N 342 
TRP HE1  H  N N 343 
TRP HE3  H  N N 344 
TRP HZ2  H  N N 345 
TRP HZ3  H  N N 346 
TRP HH2  H  N N 347 
TRP HXT  H  N N 348 
TYR N    N  N N 349 
TYR CA   C  N S 350 
TYR C    C  N N 351 
TYR O    O  N N 352 
TYR CB   C  N N 353 
TYR CG   C  Y N 354 
TYR CD1  C  Y N 355 
TYR CD2  C  Y N 356 
TYR CE1  C  Y N 357 
TYR CE2  C  Y N 358 
TYR CZ   C  Y N 359 
TYR OH   O  N N 360 
TYR OXT  O  N N 361 
TYR H    H  N N 362 
TYR H2   H  N N 363 
TYR HA   H  N N 364 
TYR HB2  H  N N 365 
TYR HB3  H  N N 366 
TYR HD1  H  N N 367 
TYR HD2  H  N N 368 
TYR HE1  H  N N 369 
TYR HE2  H  N N 370 
TYR HH   H  N N 371 
TYR HXT  H  N N 372 
VAL N    N  N N 373 
VAL CA   C  N S 374 
VAL C    C  N N 375 
VAL O    O  N N 376 
VAL CB   C  N N 377 
VAL CG1  C  N N 378 
VAL CG2  C  N N 379 
VAL OXT  O  N N 380 
VAL H    H  N N 381 
VAL H2   H  N N 382 
VAL HA   H  N N 383 
VAL HB   H  N N 384 
VAL HG11 H  N N 385 
VAL HG12 H  N N 386 
VAL HG13 H  N N 387 
VAL HG21 H  N N 388 
VAL HG22 H  N N 389 
VAL HG23 H  N N 390 
VAL HXT  H  N N 391 
# 
loop_
_chem_comp_bond.comp_id 
_chem_comp_bond.atom_id_1 
_chem_comp_bond.atom_id_2 
_chem_comp_bond.value_order 
_chem_comp_bond.pdbx_aromatic_flag 
_chem_comp_bond.pdbx_stereo_config 
_chem_comp_bond.pdbx_ordinal 
ALA N   CA   sing N N 1   
ALA N   H    sing N N 2   
ALA N   H2   sing N N 3   
ALA CA  C    sing N N 4   
ALA CA  CB   sing N N 5   
ALA CA  HA   sing N N 6   
ALA C   O    doub N N 7   
ALA C   OXT  sing N N 8   
ALA CB  HB1  sing N N 9   
ALA CB  HB2  sing N N 10  
ALA CB  HB3  sing N N 11  
ALA OXT HXT  sing N N 12  
ARG N   CA   sing N N 13  
ARG N   H    sing N N 14  
ARG N   H2   sing N N 15  
ARG CA  C    sing N N 16  
ARG CA  CB   sing N N 17  
ARG CA  HA   sing N N 18  
ARG C   O    doub N N 19  
ARG C   OXT  sing N N 20  
ARG CB  CG   sing N N 21  
ARG CB  HB2  sing N N 22  
ARG CB  HB3  sing N N 23  
ARG CG  CD   sing N N 24  
ARG CG  HG2  sing N N 25  
ARG CG  HG3  sing N N 26  
ARG CD  NE   sing N N 27  
ARG CD  HD2  sing N N 28  
ARG CD  HD3  sing N N 29  
ARG NE  CZ   sing N N 30  
ARG NE  HE   sing N N 31  
ARG CZ  NH1  sing N N 32  
ARG CZ  NH2  doub N N 33  
ARG NH1 HH11 sing N N 34  
ARG NH1 HH12 sing N N 35  
ARG NH2 HH21 sing N N 36  
ARG NH2 HH22 sing N N 37  
ARG OXT HXT  sing N N 38  
ASN N   CA   sing N N 39  
ASN N   H    sing N N 40  
ASN N   H2   sing N N 41  
ASN CA  C    sing N N 42  
ASN CA  CB   sing N N 43  
ASN CA  HA   sing N N 44  
ASN C   O    doub N N 45  
ASN C   OXT  sing N N 46  
ASN CB  CG   sing N N 47  
ASN CB  HB2  sing N N 48  
ASN CB  HB3  sing N N 49  
ASN CG  OD1  doub N N 50  
ASN CG  ND2  sing N N 51  
ASN ND2 HD21 sing N N 52  
ASN ND2 HD22 sing N N 53  
ASN OXT HXT  sing N N 54  
ASP N   CA   sing N N 55  
ASP N   H    sing N N 56  
ASP N   H2   sing N N 57  
ASP CA  C    sing N N 58  
ASP CA  CB   sing N N 59  
ASP CA  HA   sing N N 60  
ASP C   O    doub N N 61  
ASP C   OXT  sing N N 62  
ASP CB  CG   sing N N 63  
ASP CB  HB2  sing N N 64  
ASP CB  HB3  sing N N 65  
ASP CG  OD1  doub N N 66  
ASP CG  OD2  sing N N 67  
ASP OD2 HD2  sing N N 68  
ASP OXT HXT  sing N N 69  
CYS N   CA   sing N N 70  
CYS N   H    sing N N 71  
CYS N   H2   sing N N 72  
CYS CA  C    sing N N 73  
CYS CA  CB   sing N N 74  
CYS CA  HA   sing N N 75  
CYS C   O    doub N N 76  
CYS C   OXT  sing N N 77  
CYS CB  SG   sing N N 78  
CYS CB  HB2  sing N N 79  
CYS CB  HB3  sing N N 80  
CYS SG  HG   sing N N 81  
CYS OXT HXT  sing N N 82  
GLN N   CA   sing N N 83  
GLN N   H    sing N N 84  
GLN N   H2   sing N N 85  
GLN CA  C    sing N N 86  
GLN CA  CB   sing N N 87  
GLN CA  HA   sing N N 88  
GLN C   O    doub N N 89  
GLN C   OXT  sing N N 90  
GLN CB  CG   sing N N 91  
GLN CB  HB2  sing N N 92  
GLN CB  HB3  sing N N 93  
GLN CG  CD   sing N N 94  
GLN CG  HG2  sing N N 95  
GLN CG  HG3  sing N N 96  
GLN CD  OE1  doub N N 97  
GLN CD  NE2  sing N N 98  
GLN NE2 HE21 sing N N 99  
GLN NE2 HE22 sing N N 100 
GLN OXT HXT  sing N N 101 
GLU N   CA   sing N N 102 
GLU N   H    sing N N 103 
GLU N   H2   sing N N 104 
GLU CA  C    sing N N 105 
GLU CA  CB   sing N N 106 
GLU CA  HA   sing N N 107 
GLU C   O    doub N N 108 
GLU C   OXT  sing N N 109 
GLU CB  CG   sing N N 110 
GLU CB  HB2  sing N N 111 
GLU CB  HB3  sing N N 112 
GLU CG  CD   sing N N 113 
GLU CG  HG2  sing N N 114 
GLU CG  HG3  sing N N 115 
GLU CD  OE1  doub N N 116 
GLU CD  OE2  sing N N 117 
GLU OE2 HE2  sing N N 118 
GLU OXT HXT  sing N N 119 
GLY N   CA   sing N N 120 
GLY N   H    sing N N 121 
GLY N   H2   sing N N 122 
GLY CA  C    sing N N 123 
GLY CA  HA2  sing N N 124 
GLY CA  HA3  sing N N 125 
GLY C   O    doub N N 126 
GLY C   OXT  sing N N 127 
GLY OXT HXT  sing N N 128 
HIS N   CA   sing N N 129 
HIS N   H    sing N N 130 
HIS N   H2   sing N N 131 
HIS CA  C    sing N N 132 
HIS CA  CB   sing N N 133 
HIS CA  HA   sing N N 134 
HIS C   O    doub N N 135 
HIS C   OXT  sing N N 136 
HIS CB  CG   sing N N 137 
HIS CB  HB2  sing N N 138 
HIS CB  HB3  sing N N 139 
HIS CG  ND1  sing Y N 140 
HIS CG  CD2  doub Y N 141 
HIS ND1 CE1  doub Y N 142 
HIS ND1 HD1  sing N N 143 
HIS CD2 NE2  sing Y N 144 
HIS CD2 HD2  sing N N 145 
HIS CE1 NE2  sing Y N 146 
HIS CE1 HE1  sing N N 147 
HIS NE2 HE2  sing N N 148 
HIS OXT HXT  sing N N 149 
HOH O   H1   sing N N 150 
HOH O   H2   sing N N 151 
ILE N   CA   sing N N 152 
ILE N   H    sing N N 153 
ILE N   H2   sing N N 154 
ILE CA  C    sing N N 155 
ILE CA  CB   sing N N 156 
ILE CA  HA   sing N N 157 
ILE C   O    doub N N 158 
ILE C   OXT  sing N N 159 
ILE CB  CG1  sing N N 160 
ILE CB  CG2  sing N N 161 
ILE CB  HB   sing N N 162 
ILE CG1 CD1  sing N N 163 
ILE CG1 HG12 sing N N 164 
ILE CG1 HG13 sing N N 165 
ILE CG2 HG21 sing N N 166 
ILE CG2 HG22 sing N N 167 
ILE CG2 HG23 sing N N 168 
ILE CD1 HD11 sing N N 169 
ILE CD1 HD12 sing N N 170 
ILE CD1 HD13 sing N N 171 
ILE OXT HXT  sing N N 172 
LEU N   CA   sing N N 173 
LEU N   H    sing N N 174 
LEU N   H2   sing N N 175 
LEU CA  C    sing N N 176 
LEU CA  CB   sing N N 177 
LEU CA  HA   sing N N 178 
LEU C   O    doub N N 179 
LEU C   OXT  sing N N 180 
LEU CB  CG   sing N N 181 
LEU CB  HB2  sing N N 182 
LEU CB  HB3  sing N N 183 
LEU CG  CD1  sing N N 184 
LEU CG  CD2  sing N N 185 
LEU CG  HG   sing N N 186 
LEU CD1 HD11 sing N N 187 
LEU CD1 HD12 sing N N 188 
LEU CD1 HD13 sing N N 189 
LEU CD2 HD21 sing N N 190 
LEU CD2 HD22 sing N N 191 
LEU CD2 HD23 sing N N 192 
LEU OXT HXT  sing N N 193 
LYS N   CA   sing N N 194 
LYS N   H    sing N N 195 
LYS N   H2   sing N N 196 
LYS CA  C    sing N N 197 
LYS CA  CB   sing N N 198 
LYS CA  HA   sing N N 199 
LYS C   O    doub N N 200 
LYS C   OXT  sing N N 201 
LYS CB  CG   sing N N 202 
LYS CB  HB2  sing N N 203 
LYS CB  HB3  sing N N 204 
LYS CG  CD   sing N N 205 
LYS CG  HG2  sing N N 206 
LYS CG  HG3  sing N N 207 
LYS CD  CE   sing N N 208 
LYS CD  HD2  sing N N 209 
LYS CD  HD3  sing N N 210 
LYS CE  NZ   sing N N 211 
LYS CE  HE2  sing N N 212 
LYS CE  HE3  sing N N 213 
LYS NZ  HZ1  sing N N 214 
LYS NZ  HZ2  sing N N 215 
LYS NZ  HZ3  sing N N 216 
LYS OXT HXT  sing N N 217 
MET N   CA   sing N N 218 
MET N   H    sing N N 219 
MET N   H2   sing N N 220 
MET CA  C    sing N N 221 
MET CA  CB   sing N N 222 
MET CA  HA   sing N N 223 
MET C   O    doub N N 224 
MET C   OXT  sing N N 225 
MET CB  CG   sing N N 226 
MET CB  HB2  sing N N 227 
MET CB  HB3  sing N N 228 
MET CG  SD   sing N N 229 
MET CG  HG2  sing N N 230 
MET CG  HG3  sing N N 231 
MET SD  CE   sing N N 232 
MET CE  HE1  sing N N 233 
MET CE  HE2  sing N N 234 
MET CE  HE3  sing N N 235 
MET OXT HXT  sing N N 236 
PHE N   CA   sing N N 237 
PHE N   H    sing N N 238 
PHE N   H2   sing N N 239 
PHE CA  C    sing N N 240 
PHE CA  CB   sing N N 241 
PHE CA  HA   sing N N 242 
PHE C   O    doub N N 243 
PHE C   OXT  sing N N 244 
PHE CB  CG   sing N N 245 
PHE CB  HB2  sing N N 246 
PHE CB  HB3  sing N N 247 
PHE CG  CD1  doub Y N 248 
PHE CG  CD2  sing Y N 249 
PHE CD1 CE1  sing Y N 250 
PHE CD1 HD1  sing N N 251 
PHE CD2 CE2  doub Y N 252 
PHE CD2 HD2  sing N N 253 
PHE CE1 CZ   doub Y N 254 
PHE CE1 HE1  sing N N 255 
PHE CE2 CZ   sing Y N 256 
PHE CE2 HE2  sing N N 257 
PHE CZ  HZ   sing N N 258 
PHE OXT HXT  sing N N 259 
PRO N   CA   sing N N 260 
PRO N   CD   sing N N 261 
PRO N   H    sing N N 262 
PRO CA  C    sing N N 263 
PRO CA  CB   sing N N 264 
PRO CA  HA   sing N N 265 
PRO C   O    doub N N 266 
PRO C   OXT  sing N N 267 
PRO CB  CG   sing N N 268 
PRO CB  HB2  sing N N 269 
PRO CB  HB3  sing N N 270 
PRO CG  CD   sing N N 271 
PRO CG  HG2  sing N N 272 
PRO CG  HG3  sing N N 273 
PRO CD  HD2  sing N N 274 
PRO CD  HD3  sing N N 275 
PRO OXT HXT  sing N N 276 
SER N   CA   sing N N 277 
SER N   H    sing N N 278 
SER N   H2   sing N N 279 
SER CA  C    sing N N 280 
SER CA  CB   sing N N 281 
SER CA  HA   sing N N 282 
SER C   O    doub N N 283 
SER C   OXT  sing N N 284 
SER CB  OG   sing N N 285 
SER CB  HB2  sing N N 286 
SER CB  HB3  sing N N 287 
SER OG  HG   sing N N 288 
SER OXT HXT  sing N N 289 
THR N   CA   sing N N 290 
THR N   H    sing N N 291 
THR N   H2   sing N N 292 
THR CA  C    sing N N 293 
THR CA  CB   sing N N 294 
THR CA  HA   sing N N 295 
THR C   O    doub N N 296 
THR C   OXT  sing N N 297 
THR CB  OG1  sing N N 298 
THR CB  CG2  sing N N 299 
THR CB  HB   sing N N 300 
THR OG1 HG1  sing N N 301 
THR CG2 HG21 sing N N 302 
THR CG2 HG22 sing N N 303 
THR CG2 HG23 sing N N 304 
THR OXT HXT  sing N N 305 
TRP N   CA   sing N N 306 
TRP N   H    sing N N 307 
TRP N   H2   sing N N 308 
TRP CA  C    sing N N 309 
TRP CA  CB   sing N N 310 
TRP CA  HA   sing N N 311 
TRP C   O    doub N N 312 
TRP C   OXT  sing N N 313 
TRP CB  CG   sing N N 314 
TRP CB  HB2  sing N N 315 
TRP CB  HB3  sing N N 316 
TRP CG  CD1  doub Y N 317 
TRP CG  CD2  sing Y N 318 
TRP CD1 NE1  sing Y N 319 
TRP CD1 HD1  sing N N 320 
TRP CD2 CE2  doub Y N 321 
TRP CD2 CE3  sing Y N 322 
TRP NE1 CE2  sing Y N 323 
TRP NE1 HE1  sing N N 324 
TRP CE2 CZ2  sing Y N 325 
TRP CE3 CZ3  doub Y N 326 
TRP CE3 HE3  sing N N 327 
TRP CZ2 CH2  doub Y N 328 
TRP CZ2 HZ2  sing N N 329 
TRP CZ3 CH2  sing Y N 330 
TRP CZ3 HZ3  sing N N 331 
TRP CH2 HH2  sing N N 332 
TRP OXT HXT  sing N N 333 
TYR N   CA   sing N N 334 
TYR N   H    sing N N 335 
TYR N   H2   sing N N 336 
TYR CA  C    sing N N 337 
TYR CA  CB   sing N N 338 
TYR CA  HA   sing N N 339 
TYR C   O    doub N N 340 
TYR C   OXT  sing N N 341 
TYR CB  CG   sing N N 342 
TYR CB  HB2  sing N N 343 
TYR CB  HB3  sing N N 344 
TYR CG  CD1  doub Y N 345 
TYR CG  CD2  sing Y N 346 
TYR CD1 CE1  sing Y N 347 
TYR CD1 HD1  sing N N 348 
TYR CD2 CE2  doub Y N 349 
TYR CD2 HD2  sing N N 350 
TYR CE1 CZ   doub Y N 351 
TYR CE1 HE1  sing N N 352 
TYR CE2 CZ   sing Y N 353 
TYR CE2 HE2  sing N N 354 
TYR CZ  OH   sing N N 355 
TYR OH  HH   sing N N 356 
TYR OXT HXT  sing N N 357 
VAL N   CA   sing N N 358 
VAL N   H    sing N N 359 
VAL N   H2   sing N N 360 
VAL CA  C    sing N N 361 
VAL CA  CB   sing N N 362 
VAL CA  HA   sing N N 363 
VAL C   O    doub N N 364 
VAL C   OXT  sing N N 365 
VAL CB  CG1  sing N N 366 
VAL CB  CG2  sing N N 367 
VAL CB  HB   sing N N 368 
VAL CG1 HG11 sing N N 369 
VAL CG1 HG12 sing N N 370 
VAL CG1 HG13 sing N N 371 
VAL CG2 HG21 sing N N 372 
VAL CG2 HG22 sing N N 373 
VAL CG2 HG23 sing N N 374 
VAL OXT HXT  sing N N 375 
# 
_atom_sites.entry_id                    3F6O 
_atom_sites.fract_transf_matrix[1][1]   -0.01305818 
_atom_sites.fract_transf_matrix[1][2]   -0.00668801 
_atom_sites.fract_transf_matrix[1][3]   -0.00975341 
_atom_sites.fract_transf_matrix[2][1]   -0.00059361 
_atom_sites.fract_transf_matrix[2][2]   0.00320352 
_atom_sites.fract_transf_matrix[2][3]   -0.01731311 
_atom_sites.fract_transf_matrix[3][1]   0.00588071 
_atom_sites.fract_transf_matrix[3][2]   -0.00881045 
_atom_sites.fract_transf_matrix[3][3]   -0.00183187 
_atom_sites.fract_transf_vector[1]      0.328730 
_atom_sites.fract_transf_vector[2]      0.472059 
_atom_sites.fract_transf_vector[3]      0.195010 
# 
loop_
_atom_type.symbol 
BR 
C  
N  
O  
S  
# 
loop_
_atom_site.group_PDB 
_atom_site.id 
_atom_site.type_symbol 
_atom_site.label_atom_id 
_atom_site.label_alt_id 
_atom_site.label_comp_id 
_atom_site.label_asym_id 
_atom_site.label_entity_id 
_atom_site.label_seq_id 
_atom_site.pdbx_PDB_ins_code 
_atom_site.Cartn_x 
_atom_site.Cartn_y 
_atom_site.Cartn_z 
_atom_site.occupancy 
_atom_site.B_iso_or_equiv 
_atom_site.pdbx_formal_charge 
_atom_site.auth_seq_id 
_atom_site.auth_comp_id 
_atom_site.auth_asym_id 
_atom_site.auth_atom_id 
_atom_site.pdbx_PDB_model_num 
ATOM   1    N  N   . MET A 1 1  ? -9.438  10.216  -15.407 1.00 38.70 ? 1   MET A N   1 
ATOM   2    C  CA  . MET A 1 1  ? -8.037  10.563  -15.035 1.00 38.91 ? 1   MET A CA  1 
ATOM   3    C  C   . MET A 1 1  ? -7.685  9.996   -13.653 1.00 38.10 ? 1   MET A C   1 
ATOM   4    O  O   . MET A 1 1  ? -8.311  10.366  -12.645 1.00 37.97 ? 1   MET A O   1 
ATOM   5    C  CB  . MET A 1 1  ? -7.849  12.088  -15.059 1.00 38.90 ? 1   MET A CB  1 
ATOM   6    C  CG  . MET A 1 1  ? -6.407  12.545  -14.819 1.00 39.65 ? 1   MET A CG  1 
ATOM   7    S  SD  . MET A 1 1  ? -6.174  14.345  -14.882 1.00 41.03 ? 1   MET A SD  1 
ATOM   8    C  CE  . MET A 1 1  ? -5.941  14.554  -16.650 1.00 40.13 ? 1   MET A CE  1 
ATOM   9    N  N   . ALA A 1 2  ? -6.693  9.102   -13.604 1.00 37.10 ? 2   ALA A N   1 
ATOM   10   C  CA  . ALA A 1 2  ? -6.223  8.506   -12.339 1.00 36.13 ? 2   ALA A CA  1 
ATOM   11   C  C   . ALA A 1 2  ? -5.697  9.580   -11.384 1.00 34.92 ? 2   ALA A C   1 
ATOM   12   O  O   . ALA A 1 2  ? -5.205  10.612  -11.844 1.00 34.87 ? 2   ALA A O   1 
ATOM   13   C  CB  . ALA A 1 2  ? -5.111  7.460   -12.619 1.00 36.71 ? 2   ALA A CB  1 
ATOM   14   N  N   . GLN A 1 3  ? -5.805  9.341   -10.072 1.00 33.52 ? 3   GLN A N   1 
ATOM   15   C  CA  . GLN A 1 3  ? -5.209  10.226  -9.039  1.00 31.90 ? 3   GLN A CA  1 
ATOM   16   C  C   . GLN A 1 3  ? -3.723  10.447  -9.353  1.00 29.21 ? 3   GLN A C   1 
ATOM   17   O  O   . GLN A 1 3  ? -3.092  9.550   -9.890  1.00 29.19 ? 3   GLN A O   1 
ATOM   18   C  CB  . GLN A 1 3  ? -5.324  9.612   -7.635  1.00 32.04 ? 3   GLN A CB  1 
ATOM   19   C  CG  . GLN A 1 3  ? -6.519  8.676   -7.392  1.00 33.51 ? 3   GLN A CG  1 
ATOM   20   C  CD  . GLN A 1 3  ? -6.544  8.088   -5.963  1.00 33.46 ? 3   GLN A CD  1 
ATOM   21   O  OE1 . GLN A 1 3  ? -6.397  8.839   -4.967  1.00 35.60 ? 3   GLN A OE1 1 
ATOM   22   N  NE2 . GLN A 1 3  ? -6.745  6.744   -5.854  1.00 26.69 ? 3   GLN A NE2 1 
ATOM   23   N  N   . TYR A 1 4  ? -3.163  11.617  -9.031  1.00 26.93 ? 4   TYR A N   1 
ATOM   24   C  CA  . TYR A 1 4  ? -1.712  11.865  -9.265  1.00 24.51 ? 4   TYR A CA  1 
ATOM   25   C  C   . TYR A 1 4  ? -0.907  10.864  -8.431  1.00 23.54 ? 4   TYR A C   1 
ATOM   26   O  O   . TYR A 1 4  ? -1.301  10.564  -7.298  1.00 22.53 ? 4   TYR A O   1 
ATOM   27   C  CB  . TYR A 1 4  ? -1.317  13.278  -8.849  1.00 24.02 ? 4   TYR A CB  1 
ATOM   28   C  CG  . TYR A 1 4  ? -1.842  14.370  -9.760  1.00 22.69 ? 4   TYR A CG  1 
ATOM   29   C  CD1 . TYR A 1 4  ? -1.605  14.327  -11.137 1.00 19.21 ? 4   TYR A CD1 1 
ATOM   30   C  CD2 . TYR A 1 4  ? -2.546  15.458  -9.238  1.00 22.25 ? 4   TYR A CD2 1 
ATOM   31   C  CE1 . TYR A 1 4  ? -2.076  15.338  -11.983 1.00 20.89 ? 4   TYR A CE1 1 
ATOM   32   C  CE2 . TYR A 1 4  ? -3.042  16.470  -10.076 1.00 20.48 ? 4   TYR A CE2 1 
ATOM   33   C  CZ  . TYR A 1 4  ? -2.798  16.398  -11.448 1.00 22.98 ? 4   TYR A CZ  1 
ATOM   34   O  OH  . TYR A 1 4  ? -3.248  17.394  -12.308 1.00 22.55 ? 4   TYR A OH  1 
ATOM   35   N  N   . PRO A 1 5  ? 0.205   10.344  -8.980  1.00 23.11 ? 5   PRO A N   1 
ATOM   36   C  CA  . PRO A 1 5  ? 0.915   9.286   -8.254  1.00 22.97 ? 5   PRO A CA  1 
ATOM   37   C  C   . PRO A 1 5  ? 1.492   9.712   -6.907  1.00 23.63 ? 5   PRO A C   1 
ATOM   38   O  O   . PRO A 1 5  ? 1.475   8.923   -5.966  1.00 21.85 ? 5   PRO A O   1 
ATOM   39   C  CB  . PRO A 1 5  ? 2.023   8.853   -9.229  1.00 22.80 ? 5   PRO A CB  1 
ATOM   40   C  CG  . PRO A 1 5  ? 2.187   10.006  -10.186 1.00 24.37 ? 5   PRO A CG  1 
ATOM   41   C  CD  . PRO A 1 5  ? 0.841   10.663  -10.279 1.00 23.15 ? 5   PRO A CD  1 
ATOM   42   N  N   . GLU A 1 6  ? 1.952   10.958  -6.780  1.00 24.18 ? 6   GLU A N   1 
ATOM   43   C  CA  . GLU A 1 6  ? 2.607   11.391  -5.547  1.00 25.73 ? 6   GLU A CA  1 
ATOM   44   C  C   . GLU A 1 6  ? 1.714   11.327  -4.299  1.00 27.50 ? 6   GLU A C   1 
ATOM   45   O  O   . GLU A 1 6  ? 2.210   11.143  -3.174  1.00 29.23 ? 6   GLU A O   1 
ATOM   46   C  CB  . GLU A 1 6  ? 3.206   12.804  -5.698  1.00 25.96 ? 6   GLU A CB  1 
ATOM   47   C  CG  . GLU A 1 6  ? 2.206   13.902  -6.128  1.00 24.12 ? 6   GLU A CG  1 
ATOM   48   C  CD  . GLU A 1 6  ? 2.224   14.167  -7.626  1.00 22.19 ? 6   GLU A CD  1 
ATOM   49   O  OE1 . GLU A 1 6  ? 2.066   15.332  -8.042  1.00 24.32 ? 6   GLU A OE1 1 
ATOM   50   O  OE2 . GLU A 1 6  ? 2.427   13.227  -8.415  1.00 23.84 ? 6   GLU A OE2 1 
ATOM   51   N  N   . GLN A 1 7  ? 0.409   11.476  -4.492  1.00 27.62 ? 7   GLN A N   1 
ATOM   52   C  CA  . GLN A 1 7  ? -0.537  11.309  -3.398  1.00 28.65 ? 7   GLN A CA  1 
ATOM   53   C  C   . GLN A 1 7  ? -0.587  9.846   -2.905  1.00 27.23 ? 7   GLN A C   1 
ATOM   54   O  O   . GLN A 1 7  ? -0.594  9.574   -1.682  1.00 28.41 ? 7   GLN A O   1 
ATOM   55   C  CB  . GLN A 1 7  ? -1.923  11.848  -3.807  1.00 29.21 ? 7   GLN A CB  1 
ATOM   56   C  CG  . GLN A 1 7  ? -1.974  13.414  -3.873  1.00 33.75 ? 7   GLN A CG  1 
ATOM   57   C  CD  . GLN A 1 7  ? -2.238  14.075  -2.497  1.00 35.60 ? 7   GLN A CD  1 
ATOM   58   O  OE1 . GLN A 1 7  ? -1.323  14.558  -1.807  1.00 37.79 ? 7   GLN A OE1 1 
ATOM   59   N  NE2 . GLN A 1 7  ? -3.488  14.054  -2.086  1.00 37.41 ? 7   GLN A NE2 1 
ATOM   60   N  N   . LEU A 1 8  ? -0.549  8.903   -3.844  1.00 24.78 ? 8   LEU A N   1 
ATOM   61   C  CA  . LEU A 1 8  ? -0.619  7.491   -3.469  1.00 22.46 ? 8   LEU A CA  1 
ATOM   62   C  C   . LEU A 1 8  ? 0.672   6.928   -2.873  1.00 20.44 ? 8   LEU A C   1 
ATOM   63   O  O   . LEU A 1 8  ? 0.630   6.042   -2.051  1.00 19.85 ? 8   LEU A O   1 
ATOM   64   C  CB  . LEU A 1 8  ? -1.084  6.635   -4.643  1.00 21.87 ? 8   LEU A CB  1 
ATOM   65   C  CG  . LEU A 1 8  ? -2.528  6.826   -5.117  1.00 23.06 ? 8   LEU A CG  1 
ATOM   66   C  CD1 . LEU A 1 8  ? -2.650  6.173   -6.475  1.00 24.16 ? 8   LEU A CD1 1 
ATOM   67   C  CD2 . LEU A 1 8  ? -3.566  6.246   -4.131  1.00 23.56 ? 8   LEU A CD2 1 
ATOM   68   N  N   . ASN A 1 9  ? 1.828   7.420   -3.309  1.00 20.09 ? 9   ASN A N   1 
ATOM   69   C  CA  . ASN A 1 9  ? 3.090   6.909   -2.800  1.00 18.27 ? 9   ASN A CA  1 
ATOM   70   C  C   . ASN A 1 9  ? 3.160   6.873   -1.284  1.00 18.27 ? 9   ASN A C   1 
ATOM   71   O  O   . ASN A 1 9  ? 3.449   5.821   -0.690  1.00 16.10 ? 9   ASN A O   1 
ATOM   72   C  CB  . ASN A 1 9  ? 4.252   7.755   -3.328  1.00 19.82 ? 9   ASN A CB  1 
ATOM   73   C  CG  . ASN A 1 9  ? 4.364   7.726   -4.845  1.00 20.81 ? 9   ASN A CG  1 
ATOM   74   O  OD1 . ASN A 1 9  ? 3.857   6.811   -5.522  1.00 19.06 ? 9   ASN A OD1 1 
ATOM   75   N  ND2 . ASN A 1 9  ? 5.036   8.734   -5.391  1.00 20.49 ? 9   ASN A ND2 1 
ATOM   76   N  N   . GLY A 1 10 ? 2.877   8.013   -0.650  1.00 16.54 ? 10  GLY A N   1 
ATOM   77   C  CA  . GLY A 1 10 ? 2.979   8.095   0.801   1.00 17.79 ? 10  GLY A CA  1 
ATOM   78   C  C   . GLY A 1 10 ? 1.884   7.320   1.527   1.00 17.27 ? 10  GLY A C   1 
ATOM   79   O  O   . GLY A 1 10 ? 2.098   6.803   2.612   1.00 17.46 ? 10  GLY A O   1 
ATOM   80   N  N   . ILE A 1 11 ? 0.695   7.288   0.942   1.00 17.19 ? 11  ILE A N   1 
ATOM   81   C  CA  . ILE A 1 11 ? -0.432  6.527   1.505   1.00 17.19 ? 11  ILE A CA  1 
ATOM   82   C  C   . ILE A 1 11 ? -0.068  5.040   1.593   1.00 15.71 ? 11  ILE A C   1 
ATOM   83   O  O   . ILE A 1 11 ? -0.239  4.405   2.625   1.00 16.18 ? 11  ILE A O   1 
ATOM   84   C  CB  . ILE A 1 11 ? -1.720  6.789   0.682   1.00 17.42 ? 11  ILE A CB  1 
ATOM   85   C  CG1 . ILE A 1 11 ? -2.315  8.163   1.068   1.00 18.27 ? 11  ILE A CG1 1 
ATOM   86   C  CG2 . ILE A 1 11 ? -2.773  5.667   0.862   1.00 18.67 ? 11  ILE A CG2 1 
ATOM   87   C  CD1 . ILE A 1 11 ? -3.406  8.592   0.117   1.00 21.61 ? 11  ILE A CD1 1 
ATOM   88   N  N   . PHE A 1 12 ? 0.449   4.490   0.505   1.00 14.85 ? 12  PHE A N   1 
ATOM   89   C  CA  . PHE A 1 12 ? 0.851   3.097   0.524   1.00 15.10 ? 12  PHE A CA  1 
ATOM   90   C  C   . PHE A 1 12 ? 2.116   2.852   1.364   1.00 15.29 ? 12  PHE A C   1 
ATOM   91   O  O   . PHE A 1 12 ? 2.184   1.861   2.070   1.00 14.82 ? 12  PHE A O   1 
ATOM   92   C  CB  . PHE A 1 12 ? 1.024   2.573   -0.893  1.00 14.80 ? 12  PHE A CB  1 
ATOM   93   C  CG  . PHE A 1 12 ? -0.257  2.323   -1.602  1.00 14.65 ? 12  PHE A CG  1 
ATOM   94   C  CD1 . PHE A 1 12 ? -1.185  1.418   -1.090  1.00 15.52 ? 12  PHE A CD1 1 
ATOM   95   C  CD2 . PHE A 1 12 ? -0.507  2.928   -2.819  1.00 14.93 ? 12  PHE A CD2 1 
ATOM   96   C  CE1 . PHE A 1 12 ? -2.368  1.177   -1.783  1.00 16.68 ? 12  PHE A CE1 1 
ATOM   97   C  CE2 . PHE A 1 12 ? -1.692  2.675   -3.528  1.00 17.42 ? 12  PHE A CE2 1 
ATOM   98   C  CZ  . PHE A 1 12 ? -2.618  1.798   -3.001  1.00 15.82 ? 12  PHE A CZ  1 
ATOM   99   N  N   . GLN A 1 13 ? 3.093   3.766   1.335   1.00 14.90 ? 13  GLN A N   1 
ATOM   100  C  CA  . GLN A 1 13 ? 4.277   3.604   2.194   1.00 15.57 ? 13  GLN A CA  1 
ATOM   101  C  C   . GLN A 1 13 ? 3.915   3.524   3.682   1.00 15.21 ? 13  GLN A C   1 
ATOM   102  O  O   . GLN A 1 13 ? 4.551   2.789   4.461   1.00 15.68 ? 13  GLN A O   1 
ATOM   103  C  CB  . GLN A 1 13 ? 5.274   4.753   1.951   1.00 15.86 ? 13  GLN A CB  1 
ATOM   104  C  CG  . GLN A 1 13 ? 6.594   4.583   2.690   1.00 20.29 ? 13  GLN A CG  1 
ATOM   105  C  CD  . GLN A 1 13 ? 7.408   3.419   2.195   1.00 22.65 ? 13  GLN A CD  1 
ATOM   106  O  OE1 . GLN A 1 13 ? 7.913   3.441   1.080   1.00 25.45 ? 13  GLN A OE1 1 
ATOM   107  N  NE2 . GLN A 1 13 ? 7.554   2.385   3.030   1.00 24.88 ? 13  GLN A NE2 1 
ATOM   108  N  N   . ALA A 1 14 ? 2.892   4.280   4.073   1.00 14.64 ? 14  ALA A N   1 
ATOM   109  C  CA  . ALA A 1 14 ? 2.438   4.288   5.450   1.00 13.75 ? 14  ALA A CA  1 
ATOM   110  C  C   . ALA A 1 14 ? 1.966   2.898   5.856   1.00 13.84 ? 14  ALA A C   1 
ATOM   111  O  O   . ALA A 1 14 ? 2.261   2.445   6.959   1.00 12.72 ? 14  ALA A O   1 
ATOM   112  C  CB  . ALA A 1 14 ? 1.351   5.329   5.667   1.00 12.27 ? 14  ALA A CB  1 
ATOM   113  N  N   . LEU A 1 15 ? 1.255   2.227   4.957   1.00 14.11 ? 15  LEU A N   1 
ATOM   114  C  CA  . LEU A 1 15 ? 0.729   0.881   5.225   1.00 15.18 ? 15  LEU A CA  1 
ATOM   115  C  C   . LEU A 1 15 ? 1.776   -0.246  5.177   1.00 16.44 ? 15  LEU A C   1 
ATOM   116  O  O   . LEU A 1 15 ? 1.483   -1.385  5.567   1.00 16.66 ? 15  LEU A O   1 
ATOM   117  C  CB  . LEU A 1 15 ? -0.414  0.552   4.236   1.00 15.23 ? 15  LEU A CB  1 
ATOM   118  C  CG  . LEU A 1 15 ? -1.658  1.419   4.317   1.00 13.99 ? 15  LEU A CG  1 
ATOM   119  C  CD1 . LEU A 1 15 ? -2.766  0.922   3.352   1.00 18.08 ? 15  LEU A CD1 1 
ATOM   120  C  CD2 . LEU A 1 15 ? -2.183  1.512   5.746   1.00 14.42 ? 15  LEU A CD2 1 
ATOM   121  N  N   . ALA A 1 16 ? 2.990   0.059   4.701   1.00 17.13 ? 16  ALA A N   1 
ATOM   122  C  CA  . ALA A 1 16 ? 4.039   -0.961  4.588   1.00 17.54 ? 16  ALA A CA  1 
ATOM   123  C  C   . ALA A 1 16 ? 4.613   -1.403  5.945   1.00 19.07 ? 16  ALA A C   1 
ATOM   124  O  O   . ALA A 1 16 ? 5.276   -2.435  6.034   1.00 20.22 ? 16  ALA A O   1 
ATOM   125  C  CB  . ALA A 1 16 ? 5.146   -0.463  3.653   1.00 17.94 ? 16  ALA A CB  1 
ATOM   126  N  N   . ASP A 1 17 ? 4.365   -0.628  6.995   1.00 19.77 ? 17  ASP A N   1 
ATOM   127  C  CA  . ASP A 1 17 ? 4.891   -0.908  8.343   1.00 20.20 ? 17  ASP A CA  1 
ATOM   128  C  C   . ASP A 1 17 ? 3.826   -1.534  9.245   1.00 20.25 ? 17  ASP A C   1 
ATOM   129  O  O   . ASP A 1 17 ? 2.689   -1.028  9.337   1.00 19.33 ? 17  ASP A O   1 
ATOM   130  C  CB  . ASP A 1 17 ? 5.435   0.382   8.967   1.00 20.26 ? 17  ASP A CB  1 
ATOM   131  C  CG  . ASP A 1 17 ? 6.046   0.163   10.330  1.00 22.35 ? 17  ASP A CG  1 
ATOM   132  O  OD1 . ASP A 1 17 ? 7.230   -0.209  10.392  1.00 23.26 ? 17  ASP A OD1 1 
ATOM   133  O  OD2 . ASP A 1 17 ? 5.352   0.362   11.355  1.00 22.67 ? 17  ASP A OD2 1 
ATOM   134  N  N   . PRO A 1 18 ? 4.190   -2.631  9.929   1.00 20.64 ? 18  PRO A N   1 
ATOM   135  C  CA  . PRO A 1 18 ? 3.219   -3.319  10.767  1.00 21.23 ? 18  PRO A CA  1 
ATOM   136  C  C   . PRO A 1 18 ? 2.780   -2.534  12.020  1.00 20.59 ? 18  PRO A C   1 
ATOM   137  O  O   . PRO A 1 18 ? 1.631   -2.703  12.480  1.00 21.12 ? 18  PRO A O   1 
ATOM   138  C  CB  . PRO A 1 18 ? 3.965   -4.621  11.178  1.00 21.91 ? 18  PRO A CB  1 
ATOM   139  C  CG  . PRO A 1 18 ? 5.416   -4.258  11.117  1.00 22.71 ? 18  PRO A CG  1 
ATOM   140  C  CD  . PRO A 1 18 ? 5.527   -3.287  9.956   1.00 20.22 ? 18  PRO A CD  1 
ATOM   141  N  N   . THR A 1 19 ? 3.674   -1.720  12.578  1.00 19.92 ? 19  THR A N   1 
ATOM   142  C  CA  . THR A 1 19 ? 3.314   -0.852  13.700  1.00 18.96 ? 19  THR A CA  1 
ATOM   143  C  C   . THR A 1 19 ? 2.231   0.146   13.280  1.00 18.72 ? 19  THR A C   1 
ATOM   144  O  O   . THR A 1 19 ? 1.224   0.355   13.991  1.00 17.16 ? 19  THR A O   1 
ATOM   145  C  CB  . THR A 1 19 ? 4.519   -0.069  14.258  1.00 19.61 ? 19  THR A CB  1 
ATOM   146  O  OG1 . THR A 1 19 ? 5.531   -0.989  14.682  1.00 20.47 ? 19  THR A OG1 1 
ATOM   147  C  CG2 . THR A 1 19 ? 4.077   0.776   15.478  1.00 16.45 ? 19  THR A CG2 1 
ATOM   148  N  N   . ARG A 1 20 ? 2.460   0.780   12.133  1.00 17.50 ? 20  ARG A N   1 
ATOM   149  C  CA  . ARG A 1 20 ? 1.503   1.744   11.607  1.00 16.80 ? 20  ARG A CA  1 
ATOM   150  C  C   . ARG A 1 20 ? 0.168   1.088   11.290  1.00 16.65 ? 20  ARG A C   1 
ATOM   151  O  O   . ARG A 1 20 ? -0.873  1.651   11.600  1.00 15.38 ? 20  ARG A O   1 
ATOM   152  C  CB  . ARG A 1 20 ? 2.079   2.483   10.398  1.00 16.09 ? 20  ARG A CB  1 
ATOM   153  C  CG  . ARG A 1 20 ? 3.263   3.366   10.791  1.00 17.40 ? 20  ARG A CG  1 
ATOM   154  C  CD  . ARG A 1 20 ? 3.608   4.335   9.672   1.00 16.83 ? 20  ARG A CD  1 
ATOM   155  N  NE  . ARG A 1 20 ? 4.213   3.746   8.459   1.00 18.59 ? 20  ARG A NE  1 
ATOM   156  C  CZ  . ARG A 1 20 ? 5.519   3.727   8.165   1.00 23.12 ? 20  ARG A CZ  1 
ATOM   157  N  NH1 . ARG A 1 20 ? 6.424   4.127   9.066   1.00 22.94 ? 20  ARG A NH1 1 
ATOM   158  N  NH2 . ARG A 1 20 ? 5.940   3.276   6.971   1.00 18.16 ? 20  ARG A NH2 1 
ATOM   159  N  N   . ARG A 1 21 ? 0.187   -0.101  10.670  1.00 16.29 ? 21  ARG A N   1 
ATOM   160  C  CA  . ARG A 1 21 ? -1.083  -0.814  10.410  1.00 17.22 ? 21  ARG A CA  1 
ATOM   161  C  C   . ARG A 1 21 ? -1.806  -1.133  11.722  1.00 16.65 ? 21  ARG A C   1 
ATOM   162  O  O   . ARG A 1 21 ? -3.035  -0.992  11.794  1.00 16.80 ? 21  ARG A O   1 
ATOM   163  C  CB  . ARG A 1 21 ? -0.888  -2.088  9.570   1.00 16.46 ? 21  ARG A CB  1 
ATOM   164  C  CG  . ARG A 1 21 ? -0.497  -1.827  8.097   1.00 17.75 ? 21  ARG A CG  1 
ATOM   165  C  CD  . ARG A 1 21 ? -0.634  -3.097  7.230   1.00 18.81 ? 21  ARG A CD  1 
ATOM   166  N  NE  . ARG A 1 21 ? -0.015  -4.265  7.875   1.00 19.11 ? 21  ARG A NE  1 
ATOM   167  C  CZ  . ARG A 1 21 ? 1.265   -4.581  7.756   1.00 21.84 ? 21  ARG A CZ  1 
ATOM   168  N  NH1 . ARG A 1 21 ? 2.053   -3.839  6.984   1.00 23.32 ? 21  ARG A NH1 1 
ATOM   169  N  NH2 . ARG A 1 21 ? 1.763   -5.657  8.374   1.00 22.81 ? 21  ARG A NH2 1 
ATOM   170  N  N   . ALA A 1 22 ? -1.051  -1.518  12.760  1.00 16.26 ? 22  ALA A N   1 
ATOM   171  C  CA  . ALA A 1 22 ? -1.637  -1.815  14.086  1.00 16.61 ? 22  ALA A CA  1 
ATOM   172  C  C   . ALA A 1 22 ? -2.277  -0.595  14.757  1.00 17.07 ? 22  ALA A C   1 
ATOM   173  O  O   . ALA A 1 22 ? -3.353  -0.663  15.406  1.00 17.53 ? 22  ALA A O   1 
ATOM   174  C  CB  . ALA A 1 22 ? -0.580  -2.417  15.009  1.00 17.13 ? 22  ALA A CB  1 
ATOM   175  N  N   . VAL A 1 23 ? -1.586  0.526   14.649  1.00 16.22 ? 23  VAL A N   1 
ATOM   176  C  CA  . VAL A 1 23 ? -2.115  1.794   15.160  1.00 16.02 ? 23  VAL A CA  1 
ATOM   177  C  C   . VAL A 1 23 ? -3.388  2.156   14.431  1.00 15.15 ? 23  VAL A C   1 
ATOM   178  O  O   . VAL A 1 23 ? -4.348  2.582   15.071  1.00 15.61 ? 23  VAL A O   1 
ATOM   179  C  CB  . VAL A 1 23 ? -1.085  2.909   14.998  1.00 15.38 ? 23  VAL A CB  1 
ATOM   180  C  CG1 . VAL A 1 23 ? -1.727  4.294   15.221  1.00 15.83 ? 23  VAL A CG1 1 
ATOM   181  C  CG2 . VAL A 1 23 ? 0.148   2.693   15.945  1.00 15.96 ? 23  VAL A CG2 1 
ATOM   182  N  N   . LEU A 1 24 ? -3.398  2.038   13.105  1.00 15.32 ? 24  LEU A N   1 
ATOM   183  C  CA  . LEU A 1 24 ? -4.614  2.338   12.344  1.00 15.94 ? 24  LEU A CA  1 
ATOM   184  C  C   . LEU A 1 24 ? -5.775  1.398   12.756  1.00 16.96 ? 24  LEU A C   1 
ATOM   185  O  O   . LEU A 1 24 ? -6.917  1.830   12.861  1.00 17.02 ? 24  LEU A O   1 
ATOM   186  C  CB  . LEU A 1 24 ? -4.374  2.274   10.839  1.00 15.54 ? 24  LEU A CB  1 
ATOM   187  C  CG  . LEU A 1 24 ? -3.514  3.413   10.279  1.00 15.05 ? 24  LEU A CG  1 
ATOM   188  C  CD1 . LEU A 1 24 ? -3.227  3.151   8.796   1.00 15.66 ? 24  LEU A CD1 1 
ATOM   189  C  CD2 . LEU A 1 24 ? -4.200  4.789   10.537  1.00 15.50 ? 24  LEU A CD2 1 
ATOM   190  N  N   . GLY A 1 25 ? -5.450  0.132   13.005  1.00 18.05 ? 25  GLY A N   1 
ATOM   191  C  CA  . GLY A 1 25 ? -6.440  -0.860  13.481  1.00 18.80 ? 25  GLY A CA  1 
ATOM   192  C  C   . GLY A 1 25 ? -7.064  -0.403  14.785  1.00 19.24 ? 25  GLY A C   1 
ATOM   193  O  O   . GLY A 1 25 ? -8.275  -0.456  14.949  1.00 21.08 ? 25  GLY A O   1 
ATOM   194  N  N   . ARG A 1 26 ? -6.247  0.113   15.696  1.00 19.39 ? 26  ARG A N   1 
ATOM   195  C  CA  . ARG A 1 26 ? -6.739  0.633   16.944  1.00 19.65 ? 26  ARG A CA  1 
ATOM   196  C  C   . ARG A 1 26 ? -7.597  1.878   16.742  1.00 18.73 ? 26  ARG A C   1 
ATOM   197  O  O   . ARG A 1 26 ? -8.666  2.000   17.353  1.00 19.10 ? 26  ARG A O   1 
ATOM   198  C  CB  . ARG A 1 26 ? -5.578  0.896   17.931  1.00 19.46 ? 26  ARG A CB  1 
ATOM   199  C  CG  . ARG A 1 26 ? -5.973  1.693   19.178  1.00 22.12 ? 26  ARG A CG  1 
ATOM   200  C  CD  . ARG A 1 26 ? -7.034  0.953   20.078  1.00 25.26 ? 26  ARG A CD  1 
ATOM   201  N  NE  . ARG A 1 26 ? -7.448  1.797   21.196  1.00 28.70 ? 26  ARG A NE  1 
ATOM   202  C  CZ  . ARG A 1 26 ? -8.271  2.839   21.085  1.00 32.32 ? 26  ARG A CZ  1 
ATOM   203  N  NH1 . ARG A 1 26 ? -8.790  3.178   19.900  1.00 31.44 ? 26  ARG A NH1 1 
ATOM   204  N  NH2 . ARG A 1 26 ? -8.578  3.545   22.162  1.00 33.69 ? 26  ARG A NH2 1 
ATOM   205  N  N   . LEU A 1 27 ? -7.120  2.822   15.926  1.00 17.28 ? 27  LEU A N   1 
ATOM   206  C  CA  . LEU A 1 27 ? -7.853  4.063   15.708  1.00 17.34 ? 27  LEU A CA  1 
ATOM   207  C  C   . LEU A 1 27 ? -9.160  3.863   14.939  1.00 18.05 ? 27  LEU A C   1 
ATOM   208  O  O   . LEU A 1 27 ? -10.066 4.712   14.988  1.00 18.07 ? 27  LEU A O   1 
ATOM   209  C  CB  . LEU A 1 27 ? -6.955  5.141   15.075  1.00 16.18 ? 27  LEU A CB  1 
ATOM   210  C  CG  . LEU A 1 27 ? -5.845  5.656   16.023  1.00 15.17 ? 27  LEU A CG  1 
ATOM   211  C  CD1 . LEU A 1 27 ? -4.906  6.551   15.212  1.00 13.90 ? 27  LEU A CD1 1 
ATOM   212  C  CD2 . LEU A 1 27 ? -6.448  6.406   17.192  1.00 15.68 ? 27  LEU A CD2 1 
ATOM   213  N  N   . SER A 1 28 ? -9.277  2.729   14.263  1.00 20.33 ? 28  SER A N   1 
ATOM   214  C  CA  . SER A 1 28 ? -10.544 2.362   13.631  1.00 22.42 ? 28  SER A CA  1 
ATOM   215  C  C   . SER A 1 28 ? -11.618 2.149   14.709  1.00 24.24 ? 28  SER A C   1 
ATOM   216  O  O   . SER A 1 28 ? -12.789 2.423   14.480  1.00 25.63 ? 28  SER A O   1 
ATOM   217  C  CB  . SER A 1 28 ? -10.362 1.132   12.724  1.00 22.46 ? 28  SER A CB  1 
ATOM   218  O  OG  . SER A 1 28 ? -9.725  1.521   11.514  1.00 24.17 ? 28  SER A OG  1 
ATOM   219  N  N   . ARG A 1 29 ? -11.202 1.713   15.895  1.00 25.98 ? 29  ARG A N   1 
ATOM   220  C  CA  . ARG A 1 29 ? -12.119 1.515   17.035  1.00 27.15 ? 29  ARG A CA  1 
ATOM   221  C  C   . ARG A 1 29 ? -12.513 2.826   17.710  1.00 27.29 ? 29  ARG A C   1 
ATOM   222  O  O   . ARG A 1 29 ? -13.470 2.862   18.492  1.00 28.59 ? 29  ARG A O   1 
ATOM   223  C  CB  . ARG A 1 29 ? -11.483 0.568   18.065  1.00 28.15 ? 29  ARG A CB  1 
ATOM   224  C  CG  . ARG A 1 29 ? -11.494 -0.930  17.707  1.00 30.08 ? 29  ARG A CG  1 
ATOM   225  C  CD  . ARG A 1 29 ? -10.326 -1.633  18.426  1.00 38.92 ? 29  ARG A CD  1 
ATOM   226  N  NE  . ARG A 1 29 ? -10.429 -3.091  18.529  1.00 45.20 ? 29  ARG A NE  1 
ATOM   227  C  CZ  . ARG A 1 29 ? -10.473 -3.774  19.681  1.00 49.36 ? 29  ARG A CZ  1 
ATOM   228  N  NH1 . ARG A 1 29 ? -10.436 -3.147  20.858  1.00 50.71 ? 29  ARG A NH1 1 
ATOM   229  N  NH2 . ARG A 1 29 ? -10.546 -5.098  19.661  1.00 50.58 ? 29  ARG A NH2 1 
ATOM   230  N  N   . GLY A 1 30 ? -11.787 3.911   17.425  1.00 25.65 ? 30  GLY A N   1 
ATOM   231  C  CA  . GLY A 1 30 ? -12.078 5.212   18.038  1.00 23.87 ? 30  GLY A CA  1 
ATOM   232  C  C   . GLY A 1 30 ? -10.797 5.946   18.378  1.00 22.29 ? 30  GLY A C   1 
ATOM   233  O  O   . GLY A 1 30 ? -9.733  5.358   18.273  1.00 20.95 ? 30  GLY A O   1 
ATOM   234  N  N   . PRO A 1 31 ? -10.894 7.228   18.799  1.00 21.13 ? 31  PRO A N   1 
ATOM   235  C  CA  . PRO A 1 31 ? -9.670  8.018   19.058  1.00 20.61 ? 31  PRO A CA  1 
ATOM   236  C  C   . PRO A 1 31 ? -8.900  7.552   20.303  1.00 20.85 ? 31  PRO A C   1 
ATOM   237  O  O   . PRO A 1 31 ? -9.439  6.779   21.127  1.00 19.57 ? 31  PRO A O   1 
ATOM   238  C  CB  . PRO A 1 31 ? -10.210 9.443   19.248  1.00 20.16 ? 31  PRO A CB  1 
ATOM   239  C  CG  . PRO A 1 31 ? -11.654 9.195   19.824  1.00 20.65 ? 31  PRO A CG  1 
ATOM   240  C  CD  . PRO A 1 31 ? -12.128 8.022   19.020  1.00 21.02 ? 31  PRO A CD  1 
ATOM   241  N  N   . ALA A 1 32 ? -7.672  8.053   20.447  1.00 20.58 ? 32  ALA A N   1 
ATOM   242  C  CA  . ALA A 1 32 ? -6.763  7.629   21.508  1.00 21.26 ? 32  ALA A CA  1 
ATOM   243  C  C   . ALA A 1 32 ? -5.622  8.628   21.628  1.00 21.30 ? 32  ALA A C   1 
ATOM   244  O  O   . ALA A 1 32 ? -5.343  9.384   20.689  1.00 22.39 ? 32  ALA A O   1 
ATOM   245  C  CB  . ALA A 1 32 ? -6.212  6.210   21.193  1.00 19.98 ? 32  ALA A CB  1 
ATOM   246  N  N   . THR A 1 33 ? -4.961  8.646   22.779  1.00 20.86 ? 33  THR A N   1 
ATOM   247  C  CA  . THR A 1 33 ? -3.754  9.437   22.960  1.00 20.20 ? 33  THR A CA  1 
ATOM   248  C  C   . THR A 1 33 ? -2.534  8.644   22.461  1.00 20.37 ? 33  THR A C   1 
ATOM   249  O  O   . THR A 1 33 ? -2.586  7.424   22.359  1.00 19.97 ? 33  THR A O   1 
ATOM   250  C  CB  . THR A 1 33 ? -3.506  9.793   24.439  1.00 20.89 ? 33  THR A CB  1 
ATOM   251  O  OG1 . THR A 1 33 ? -3.236  8.596   25.182  1.00 20.80 ? 33  THR A OG1 1 
ATOM   252  C  CG2 . THR A 1 33 ? -4.710  10.519  25.033  1.00 22.51 ? 33  THR A CG2 1 
ATOM   253  N  N   . VAL A 1 34 ? -1.456  9.342   22.137  1.00 20.31 ? 34  VAL A N   1 
ATOM   254  C  CA  . VAL A 1 34 ? -0.195  8.683   21.781  1.00 21.98 ? 34  VAL A CA  1 
ATOM   255  C  C   . VAL A 1 34 ? 0.268   7.681   22.860  1.00 22.67 ? 34  VAL A C   1 
ATOM   256  O  O   . VAL A 1 34 ? 0.707   6.578   22.535  1.00 23.25 ? 34  VAL A O   1 
ATOM   257  C  CB  . VAL A 1 34 ? 0.911   9.738   21.475  1.00 22.32 ? 34  VAL A CB  1 
ATOM   258  C  CG1 . VAL A 1 34 ? 2.318   9.094   21.451  1.00 24.60 ? 34  VAL A CG1 1 
ATOM   259  C  CG2 . VAL A 1 34 ? 0.603   10.471  20.162  1.00 22.74 ? 34  VAL A CG2 1 
ATOM   260  N  N   . SER A 1 35 ? 0.149   8.049   24.145  1.00 23.19 ? 35  SER A N   1 
ATOM   261  C  CA  . SER A 1 35 ? 0.678   7.185   25.213  1.00 24.43 ? 35  SER A CA  1 
ATOM   262  C  C   . SER A 1 35 ? -0.095  5.874   25.256  1.00 24.08 ? 35  SER A C   1 
ATOM   263  O  O   . SER A 1 35 ? 0.458   4.804   25.471  1.00 23.98 ? 35  SER A O   1 
ATOM   264  C  CB  . SER A 1 35 ? 0.656   7.901   26.558  1.00 25.68 ? 35  SER A CB  1 
ATOM   265  O  OG  . SER A 1 35 ? -0.603  7.700   27.170  1.00 28.57 ? 35  SER A OG  1 
ATOM   266  N  N   . GLU A 1 36 ? -1.385  5.957   24.985  1.00 23.39 ? 36  GLU A N   1 
ATOM   267  C  CA  . GLU A 1 36 ? -2.236  4.800   24.871  1.00 22.51 ? 36  GLU A CA  1 
ATOM   268  C  C   . GLU A 1 36 ? -1.831  3.926   23.668  1.00 21.64 ? 36  GLU A C   1 
ATOM   269  O  O   . GLU A 1 36 ? -1.663  2.697   23.800  1.00 20.44 ? 36  GLU A O   1 
ATOM   270  C  CB  . GLU A 1 36 ? -3.643  5.349   24.722  1.00 23.19 ? 36  GLU A CB  1 
ATOM   271  C  CG  . GLU A 1 36 ? -4.710  4.420   24.864  1.00 27.45 ? 36  GLU A CG  1 
ATOM   272  C  CD  . GLU A 1 36 ? -6.080  5.102   24.764  1.00 30.63 ? 36  GLU A CD  1 
ATOM   273  O  OE1 . GLU A 1 36 ? -6.237  6.383   24.924  1.00 30.43 ? 36  GLU A OE1 1 
ATOM   274  O  OE2 . GLU A 1 36 ? -7.005  4.305   24.537  1.00 34.26 ? 36  GLU A OE2 1 
ATOM   275  N  N   . LEU A 1 37 ? -1.639  4.568   22.507  1.00 19.69 ? 37  LEU A N   1 
ATOM   276  C  CA  . LEU A 1 37 ? -1.265  3.876   21.269  1.00 19.40 ? 37  LEU A CA  1 
ATOM   277  C  C   . LEU A 1 37 ? 0.092   3.189   21.341  1.00 19.22 ? 37  LEU A C   1 
ATOM   278  O  O   . LEU A 1 37 ? 0.270   2.134   20.746  1.00 19.45 ? 37  LEU A O   1 
ATOM   279  C  CB  . LEU A 1 37 ? -1.317  4.832   20.057  1.00 18.38 ? 37  LEU A CB  1 
ATOM   280  C  CG  . LEU A 1 37 ? -2.691  5.418   19.710  1.00 17.76 ? 37  LEU A CG  1 
ATOM   281  C  CD1 . LEU A 1 37 ? -2.570  6.553   18.647  1.00 15.07 ? 37  LEU A CD1 1 
ATOM   282  C  CD2 . LEU A 1 37 ? -3.660  4.304   19.222  1.00 18.04 ? 37  LEU A CD2 1 
ATOM   283  N  N   . ALA A 1 38 ? 1.013   3.768   22.115  1.00 20.40 ? 38  ALA A N   1 
ATOM   284  C  CA  . ALA A 1 38 ? 2.389   3.265   22.222  1.00 21.02 ? 38  ALA A CA  1 
ATOM   285  C  C   . ALA A 1 38 ? 2.517   1.997   23.073  1.00 21.90 ? 38  ALA A C   1 
ATOM   286  O  O   . ALA A 1 38 ? 3.451   1.236   22.882  1.00 22.04 ? 38  ALA A O   1 
ATOM   287  C  CB  . ALA A 1 38 ? 3.293   4.329   22.782  1.00 20.79 ? 38  ALA A CB  1 
ATOM   288  N  N   . LYS A 1 39 ? 1.582   1.781   24.004  1.00 23.94 ? 39  LYS A N   1 
ATOM   289  C  CA  . LYS A 1 39 ? 1.689   0.655   24.969  1.00 25.57 ? 39  LYS A CA  1 
ATOM   290  C  C   . LYS A 1 39 ? 2.038   -0.744  24.376  1.00 25.54 ? 39  LYS A C   1 
ATOM   291  O  O   . LYS A 1 39 ? 2.895   -1.437  24.919  1.00 27.09 ? 39  LYS A O   1 
ATOM   292  C  CB  . LYS A 1 39 ? 0.461   0.605   25.902  1.00 25.11 ? 39  LYS A CB  1 
ATOM   293  C  CG  . LYS A 1 39 ? 0.338   1.814   26.826  1.00 26.00 ? 39  LYS A CG  1 
ATOM   294  C  CD  . LYS A 1 39 ? -0.752  1.605   27.867  1.00 27.45 ? 39  LYS A CD  1 
ATOM   295  C  CE  . LYS A 1 39 ? -0.859  2.791   28.795  1.00 30.80 ? 39  LYS A CE  1 
ATOM   296  N  NZ  . LYS A 1 39 ? -1.723  2.429   29.967  1.00 33.19 ? 39  LYS A NZ  1 
ATOM   297  N  N   . PRO A 1 40 ? 1.399   -1.163  23.261  1.00 26.01 ? 40  PRO A N   1 
ATOM   298  C  CA  . PRO A 1 40 ? 1.712   -2.507  22.738  1.00 25.77 ? 40  PRO A CA  1 
ATOM   299  C  C   . PRO A 1 40 ? 3.131   -2.691  22.161  1.00 25.72 ? 40  PRO A C   1 
ATOM   300  O  O   . PRO A 1 40 ? 3.522   -3.804  21.846  1.00 25.62 ? 40  PRO A O   1 
ATOM   301  C  CB  . PRO A 1 40 ? 0.665   -2.704  21.614  1.00 26.07 ? 40  PRO A CB  1 
ATOM   302  C  CG  . PRO A 1 40 ? -0.368  -1.661  21.850  1.00 26.14 ? 40  PRO A CG  1 
ATOM   303  C  CD  . PRO A 1 40 ? 0.343   -0.507  22.462  1.00 25.53 ? 40  PRO A CD  1 
ATOM   304  N  N   . PHE A 1 41 ? 3.890   -1.617  22.013  1.00 25.28 ? 41  PHE A N   1 
ATOM   305  C  CA  . PHE A 1 41 ? 5.093   -1.674  21.182  1.00 26.35 ? 41  PHE A CA  1 
ATOM   306  C  C   . PHE A 1 41 ? 6.366   -1.544  22.001  1.00 28.19 ? 41  PHE A C   1 
ATOM   307  O  O   . PHE A 1 41 ? 6.438   -0.707  22.902  1.00 28.51 ? 41  PHE A O   1 
ATOM   308  C  CB  . PHE A 1 41 ? 5.004   -0.631  20.048  1.00 24.78 ? 41  PHE A CB  1 
ATOM   309  C  CG  . PHE A 1 41 ? 3.738   -0.760  19.233  1.00 22.99 ? 41  PHE A CG  1 
ATOM   310  C  CD1 . PHE A 1 41 ? 3.553   -1.843  18.375  1.00 21.96 ? 41  PHE A CD1 1 
ATOM   311  C  CD2 . PHE A 1 41 ? 2.720   0.191   19.342  1.00 20.13 ? 41  PHE A CD2 1 
ATOM   312  C  CE1 . PHE A 1 41 ? 2.359   -1.985  17.641  1.00 21.84 ? 41  PHE A CE1 1 
ATOM   313  C  CE2 . PHE A 1 41 ? 1.543   0.051   18.617  1.00 19.49 ? 41  PHE A CE2 1 
ATOM   314  C  CZ  . PHE A 1 41 ? 1.374   -1.044  17.766  1.00 21.76 ? 41  PHE A CZ  1 
ATOM   315  N  N   . ASP A 1 42 ? 7.347   -2.411  21.734  1.00 30.31 ? 42  ASP A N   1 
ATOM   316  C  CA  . ASP A 1 42 ? 8.642   -2.291  22.416  1.00 32.40 ? 42  ASP A CA  1 
ATOM   317  C  C   . ASP A 1 42 ? 9.590   -1.514  21.549  1.00 32.50 ? 42  ASP A C   1 
ATOM   318  O  O   . ASP A 1 42 ? 10.396  -2.096  20.796  1.00 33.93 ? 42  ASP A O   1 
ATOM   319  C  CB  . ASP A 1 42 ? 9.258   -3.652  22.731  1.00 34.05 ? 42  ASP A CB  1 
ATOM   320  C  CG  . ASP A 1 42 ? 8.287   -4.577  23.371  1.00 36.57 ? 42  ASP A CG  1 
ATOM   321  O  OD1 . ASP A 1 42 ? 7.798   -4.248  24.482  1.00 40.32 ? 42  ASP A OD1 1 
ATOM   322  O  OD2 . ASP A 1 42 ? 8.003   -5.627  22.744  1.00 41.45 ? 42  ASP A OD2 1 
ATOM   323  N  N   . MET A 1 43 ? 9.426   -0.199  21.601  1.00 31.00 ? 43  MET A N   1 
ATOM   324  C  CA  . MET A 1 43 ? 10.330  0.747   20.986  1.00 29.36 ? 43  MET A CA  1 
ATOM   325  C  C   . MET A 1 43 ? 10.278  1.963   21.859  1.00 28.49 ? 43  MET A C   1 
ATOM   326  O  O   . MET A 1 43 ? 9.331   2.156   22.624  1.00 27.63 ? 43  MET A O   1 
ATOM   327  C  CB  . MET A 1 43 ? 9.948   1.075   19.529  1.00 29.60 ? 43  MET A CB  1 
ATOM   328  C  CG  . MET A 1 43 ? 8.572   1.720   19.298  1.00 29.17 ? 43  MET A CG  1 
ATOM   329  S  SD  . MET A 1 43 ? 8.206   1.941   17.530  1.00 27.98 ? 43  MET A SD  1 
ATOM   330  C  CE  . MET A 1 43 ? 7.791   0.271   17.020  1.00 28.52 ? 43  MET A CE  1 
ATOM   331  N  N   . ALA A 1 44 ? 11.322  2.761   21.767  1.00 27.99 ? 44  ALA A N   1 
ATOM   332  C  CA  . ALA A 1 44 ? 11.414  3.996   22.497  1.00 27.53 ? 44  ALA A CA  1 
ATOM   333  C  C   . ALA A 1 44 ? 10.420  4.984   21.887  1.00 27.10 ? 44  ALA A C   1 
ATOM   334  O  O   . ALA A 1 44 ? 10.074  4.899   20.697  1.00 26.93 ? 44  ALA A O   1 
ATOM   335  C  CB  . ALA A 1 44 ? 12.845  4.523   22.428  1.00 28.07 ? 44  ALA A CB  1 
ATOM   336  N  N   . LEU A 1 45 ? 9.932   5.899   22.709  1.00 26.03 ? 45  LEU A N   1 
ATOM   337  C  CA  . LEU A 1 45 ? 8.934   6.855   22.248  1.00 25.75 ? 45  LEU A CA  1 
ATOM   338  C  C   . LEU A 1 45 ? 9.342   7.649   20.981  1.00 25.12 ? 45  LEU A C   1 
ATOM   339  O  O   . LEU A 1 45 ? 8.504   7.860   20.114  1.00 24.71 ? 45  LEU A O   1 
ATOM   340  C  CB  . LEU A 1 45 ? 8.532   7.794   23.376  1.00 25.54 ? 45  LEU A CB  1 
ATOM   341  C  CG  . LEU A 1 45 ? 7.471   8.873   23.119  1.00 26.87 ? 45  LEU A CG  1 
ATOM   342  C  CD1 . LEU A 1 45 ? 6.118   8.274   22.754  1.00 25.30 ? 45  LEU A CD1 1 
ATOM   343  C  CD2 . LEU A 1 45 ? 7.368   9.745   24.372  1.00 26.50 ? 45  LEU A CD2 1 
ATOM   344  N  N   . PRO A 1 46 ? 10.619  8.106   20.880  1.00 24.74 ? 46  PRO A N   1 
ATOM   345  C  CA  . PRO A 1 46 ? 11.058  8.773   19.635  1.00 23.95 ? 46  PRO A CA  1 
ATOM   346  C  C   . PRO A 1 46 ? 10.827  7.926   18.381  1.00 22.88 ? 46  PRO A C   1 
ATOM   347  O  O   . PRO A 1 46 ? 10.361  8.451   17.350  1.00 23.36 ? 46  PRO A O   1 
ATOM   348  C  CB  . PRO A 1 46 ? 12.566  8.964   19.858  1.00 23.34 ? 46  PRO A CB  1 
ATOM   349  C  CG  . PRO A 1 46 ? 12.682  9.128   21.355  1.00 25.64 ? 46  PRO A CG  1 
ATOM   350  C  CD  . PRO A 1 46 ? 11.715  8.073   21.875  1.00 24.28 ? 46  PRO A CD  1 
ATOM   351  N  N   . SER A 1 47 ? 11.134  6.639   18.465  1.00 21.98 ? 47  SER A N   1 
ATOM   352  C  CA  . SER A 1 47 ? 10.901  5.727   17.344  1.00 21.51 ? 47  SER A CA  1 
ATOM   353  C  C   . SER A 1 47 ? 9.407   5.586   17.040  1.00 20.15 ? 47  SER A C   1 
ATOM   354  O  O   . SER A 1 47 ? 9.010   5.529   15.876  1.00 19.18 ? 47  SER A O   1 
ATOM   355  C  CB  . SER A 1 47 ? 11.507  4.352   17.598  1.00 22.50 ? 47  SER A CB  1 
ATOM   356  O  OG  . SER A 1 47 ? 12.912  4.474   17.793  1.00 26.02 ? 47  SER A OG  1 
ATOM   357  N  N   . PHE A 1 48 ? 8.596   5.558   18.091  1.00 18.70 ? 48  PHE A N   1 
ATOM   358  C  CA  . PHE A 1 48 ? 7.140   5.490   17.906  1.00 17.97 ? 48  PHE A CA  1 
ATOM   359  C  C   . PHE A 1 48 ? 6.592   6.770   17.292  1.00 17.45 ? 48  PHE A C   1 
ATOM   360  O  O   . PHE A 1 48 ? 5.737   6.722   16.409  1.00 16.22 ? 48  PHE A O   1 
ATOM   361  C  CB  . PHE A 1 48 ? 6.409   5.171   19.203  1.00 17.26 ? 48  PHE A CB  1 
ATOM   362  C  CG  . PHE A 1 48 ? 4.915   4.919   19.003  1.00 17.06 ? 48  PHE A CG  1 
ATOM   363  C  CD1 . PHE A 1 48 ? 4.460   3.767   18.349  1.00 15.67 ? 48  PHE A CD1 1 
ATOM   364  C  CD2 . PHE A 1 48 ? 3.985   5.841   19.454  1.00 17.18 ? 48  PHE A CD2 1 
ATOM   365  C  CE1 . PHE A 1 48 ? 3.055   3.530   18.160  1.00 16.07 ? 48  PHE A CE1 1 
ATOM   366  C  CE2 . PHE A 1 48 ? 2.595   5.624   19.272  1.00 16.44 ? 48  PHE A CE2 1 
ATOM   367  C  CZ  . PHE A 1 48 ? 2.144   4.455   18.633  1.00 16.49 ? 48  PHE A CZ  1 
ATOM   368  N  N   . MET A 1 49 ? 7.105   7.906   17.751  1.00 17.19 ? 49  MET A N   1 
ATOM   369  C  CA  . MET A 1 49 ? 6.730   9.199   17.195  1.00 17.41 ? 49  MET A CA  1 
ATOM   370  C  C   . MET A 1 49 ? 7.001   9.321   15.694  1.00 16.60 ? 49  MET A C   1 
ATOM   371  O  O   . MET A 1 49 ? 6.277   10.001  14.991  1.00 16.57 ? 49  MET A O   1 
ATOM   372  C  CB  . MET A 1 49 ? 7.360   10.348  17.997  1.00 17.58 ? 49  MET A CB  1 
ATOM   373  C  CG  . MET A 1 49 ? 6.744   10.573  19.410  1.00 21.02 ? 49  MET A CG  1 
ATOM   374  S  SD  . MET A 1 49 ? 4.939   10.684  19.460  1.00 24.41 ? 49  MET A SD  1 
ATOM   375  C  CE  . MET A 1 49 ? 4.627   11.980  18.280  1.00 23.93 ? 49  MET A CE  1 
ATOM   376  N  N   . LYS A 1 50 ? 8.036   8.648   15.207  1.00 17.17 ? 50  LYS A N   1 
ATOM   377  C  CA  . LYS A 1 50 ? 8.300   8.594   13.758  1.00 17.69 ? 50  LYS A CA  1 
ATOM   378  C  C   . LYS A 1 50 ? 7.125   7.968   13.002  1.00 17.05 ? 50  LYS A C   1 
ATOM   379  O  O   . LYS A 1 50 ? 6.728   8.449   11.942  1.00 15.63 ? 50  LYS A O   1 
ATOM   380  C  CB  . LYS A 1 50 ? 9.592   7.822   13.482  1.00 18.01 ? 50  LYS A CB  1 
ATOM   381  C  CG  . LYS A 1 50 ? 10.792  8.720   13.374  1.00 24.07 ? 50  LYS A CG  1 
ATOM   382  C  CD  . LYS A 1 50 ? 12.006  8.118   14.031  1.00 31.99 ? 50  LYS A CD  1 
ATOM   383  C  CE  . LYS A 1 50 ? 12.716  7.115   13.177  1.00 34.73 ? 50  LYS A CE  1 
ATOM   384  N  NZ  . LYS A 1 50 ? 14.085  6.929   13.783  1.00 36.86 ? 50  LYS A NZ  1 
ATOM   385  N  N   . HIS A 1 51 ? 6.545   6.929   13.577  1.00 16.03 ? 51  HIS A N   1 
ATOM   386  C  CA  . HIS A 1 51 ? 5.350   6.306   12.977  1.00 16.79 ? 51  HIS A CA  1 
ATOM   387  C  C   . HIS A 1 51 ? 4.109   7.199   13.041  1.00 16.37 ? 51  HIS A C   1 
ATOM   388  O  O   . HIS A 1 51 ? 3.385   7.353   12.063  1.00 15.55 ? 51  HIS A O   1 
ATOM   389  C  CB  . HIS A 1 51 ? 5.076   4.948   13.619  1.00 16.64 ? 51  HIS A CB  1 
ATOM   390  C  CG  . HIS A 1 51 ? 6.153   3.949   13.359  1.00 18.54 ? 51  HIS A CG  1 
ATOM   391  N  ND1 . HIS A 1 51 ? 6.556   3.627   12.086  1.00 18.83 ? 51  HIS A ND1 1 
ATOM   392  C  CD2 . HIS A 1 51 ? 6.923   3.216   14.197  1.00 20.05 ? 51  HIS A CD2 1 
ATOM   393  C  CE1 . HIS A 1 51 ? 7.527   2.727   12.145  1.00 20.94 ? 51  HIS A CE1 1 
ATOM   394  N  NE2 . HIS A 1 51 ? 7.765   2.459   13.418  1.00 22.99 ? 51  HIS A NE2 1 
ATOM   395  N  N   . ILE A 1 52 ? 3.868   7.786   14.197  1.00 15.91 ? 52  ILE A N   1 
ATOM   396  C  CA  . ILE A 1 52 ? 2.765   8.724   14.337  1.00 15.43 ? 52  ILE A CA  1 
ATOM   397  C  C   . ILE A 1 52 ? 2.892   9.889   13.307  1.00 15.10 ? 52  ILE A C   1 
ATOM   398  O  O   . ILE A 1 52 ? 1.939   10.245  12.602  1.00 14.45 ? 52  ILE A O   1 
ATOM   399  C  CB  . ILE A 1 52 ? 2.721   9.266   15.790  1.00 15.84 ? 52  ILE A CB  1 
ATOM   400  C  CG1 . ILE A 1 52 ? 2.334   8.133   16.767  1.00 15.57 ? 52  ILE A CG1 1 
ATOM   401  C  CG2 . ILE A 1 52 ? 1.748   10.454  15.912  1.00 15.41 ? 52  ILE A CG2 1 
ATOM   402  C  CD1 . ILE A 1 52 ? 0.916   7.540   16.548  1.00 18.10 ? 52  ILE A CD1 1 
ATOM   403  N  N   . HIS A 1 53 ? 4.085   10.469  13.229  1.00 15.99 ? 53  HIS A N   1 
ATOM   404  C  CA  . HIS A 1 53 ? 4.322   11.584  12.313  1.00 17.09 ? 53  HIS A CA  1 
ATOM   405  C  C   . HIS A 1 53 ? 4.128   11.175  10.854  1.00 16.36 ? 53  HIS A C   1 
ATOM   406  O  O   . HIS A 1 53 ? 3.573   11.924  10.050  1.00 15.73 ? 53  HIS A O   1 
ATOM   407  C  CB  . HIS A 1 53 ? 5.727   12.159  12.528  1.00 17.69 ? 53  HIS A CB  1 
ATOM   408  C  CG  . HIS A 1 53 ? 5.851   12.939  13.798  1.00 21.11 ? 53  HIS A CG  1 
ATOM   409  N  ND1 . HIS A 1 53 ? 6.934   12.820  14.644  1.00 24.65 ? 53  HIS A ND1 1 
ATOM   410  C  CD2 . HIS A 1 53 ? 5.011   13.829  14.386  1.00 25.28 ? 53  HIS A CD2 1 
ATOM   411  C  CE1 . HIS A 1 53 ? 6.766   13.609  15.693  1.00 23.50 ? 53  HIS A CE1 1 
ATOM   412  N  NE2 . HIS A 1 53 ? 5.608   14.232  15.561  1.00 24.96 ? 53  HIS A NE2 1 
ATOM   413  N  N   . PHE A 1 54 ? 4.587   9.976   10.521  1.00 16.57 ? 54  PHE A N   1 
ATOM   414  C  CA  . PHE A 1 54 ? 4.449   9.484   9.154   1.00 16.44 ? 54  PHE A CA  1 
ATOM   415  C  C   . PHE A 1 54 ? 2.965   9.316   8.829   1.00 16.04 ? 54  PHE A C   1 
ATOM   416  O  O   . PHE A 1 54 ? 2.513   9.710   7.746   1.00 15.83 ? 54  PHE A O   1 
ATOM   417  C  CB  . PHE A 1 54 ? 5.238   8.179   8.946   1.00 17.37 ? 54  PHE A CB  1 
ATOM   418  C  CG  . PHE A 1 54 ? 5.436   7.844   7.494   1.00 18.86 ? 54  PHE A CG  1 
ATOM   419  C  CD1 . PHE A 1 54 ? 6.653   8.075   6.876   1.00 23.04 ? 54  PHE A CD1 1 
ATOM   420  C  CD2 . PHE A 1 54 ? 4.381   7.372   6.720   1.00 20.62 ? 54  PHE A CD2 1 
ATOM   421  C  CE1 . PHE A 1 54 ? 6.814   7.789   5.517   1.00 25.47 ? 54  PHE A CE1 1 
ATOM   422  C  CE2 . PHE A 1 54 ? 4.543   7.096   5.358   1.00 21.80 ? 54  PHE A CE2 1 
ATOM   423  C  CZ  . PHE A 1 54 ? 5.733   7.315   4.768   1.00 23.31 ? 54  PHE A CZ  1 
ATOM   424  N  N   . LEU A 1 55 ? 2.202   8.745   9.778   1.00 15.24 ? 55  LEU A N   1 
ATOM   425  C  CA  . LEU A 1 55 ? 0.738   8.591   9.633   1.00 15.55 ? 55  LEU A CA  1 
ATOM   426  C  C   . LEU A 1 55 ? 0.029   9.937   9.430   1.00 15.56 ? 55  LEU A C   1 
ATOM   427  O  O   . LEU A 1 55 ? -0.873  10.073  8.593   1.00 14.95 ? 55  LEU A O   1 
ATOM   428  C  CB  . LEU A 1 55 ? 0.127   7.853   10.860  1.00 16.47 ? 55  LEU A CB  1 
ATOM   429  C  CG  . LEU A 1 55 ? 0.352   6.318   10.865  1.00 18.71 ? 55  LEU A CG  1 
ATOM   430  C  CD1 . LEU A 1 55 ? -0.261  5.651   12.129  1.00 16.93 ? 55  LEU A CD1 1 
ATOM   431  C  CD2 . LEU A 1 55 ? -0.217  5.678   9.567   1.00 18.92 ? 55  LEU A CD2 1 
ATOM   432  N  N   . GLU A 1 56 ? 0.452   10.944  10.178  1.00 16.96 ? 56  GLU A N   1 
ATOM   433  C  CA  . GLU A 1 56 ? -0.173  12.251  10.039  1.00 18.77 ? 56  GLU A CA  1 
ATOM   434  C  C   . GLU A 1 56 ? 0.219   12.899  8.698   1.00 18.20 ? 56  GLU A C   1 
ATOM   435  O  O   . GLU A 1 56 ? -0.642  13.380  7.971   1.00 17.88 ? 56  GLU A O   1 
ATOM   436  C  CB  . GLU A 1 56 ? 0.120   13.175  11.230  1.00 17.66 ? 56  GLU A CB  1 
ATOM   437  C  CG  . GLU A 1 56 ? -0.840  14.416  11.182  1.00 21.29 ? 56  GLU A CG  1 
ATOM   438  C  CD  . GLU A 1 56 ? -0.957  15.211  12.488  1.00 24.11 ? 56  GLU A CD  1 
ATOM   439  O  OE1 . GLU A 1 56 ? -0.077  15.068  13.384  1.00 28.41 ? 56  GLU A OE1 1 
ATOM   440  O  OE2 . GLU A 1 56 ? -1.951  16.003  12.588  1.00 28.85 ? 56  GLU A OE2 1 
ATOM   441  N  N   . ASP A 1 57 ? 1.502   12.866  8.372   1.00 18.29 ? 57  ASP A N   1 
ATOM   442  C  CA  . ASP A 1 57 ? 1.988   13.482  7.135   1.00 21.19 ? 57  ASP A CA  1 
ATOM   443  C  C   . ASP A 1 57 ? 1.371   12.866  5.898   1.00 20.71 ? 57  ASP A C   1 
ATOM   444  O  O   . ASP A 1 57 ? 1.085   13.563  4.947   1.00 21.13 ? 57  ASP A O   1 
ATOM   445  C  CB  . ASP A 1 57 ? 3.513   13.425  7.042   1.00 20.95 ? 57  ASP A CB  1 
ATOM   446  C  CG  . ASP A 1 57 ? 4.183   14.386  8.000   1.00 26.85 ? 57  ASP A CG  1 
ATOM   447  O  OD1 . ASP A 1 57 ? 3.530   15.343  8.474   1.00 30.18 ? 57  ASP A OD1 1 
ATOM   448  O  OD2 . ASP A 1 57 ? 5.374   14.172  8.287   1.00 33.63 ? 57  ASP A OD2 1 
ATOM   449  N  N   . SER A 1 58 ? 1.172   11.547  5.910   1.00 20.38 ? 58  SER A N   1 
ATOM   450  C  CA  . SER A 1 58 ? 0.544   10.870  4.788   1.00 19.34 ? 58  SER A CA  1 
ATOM   451  C  C   . SER A 1 58 ? -1.005  10.959  4.773   1.00 19.21 ? 58  SER A C   1 
ATOM   452  O  O   . SER A 1 58 ? -1.654  10.458  3.835   1.00 19.59 ? 58  SER A O   1 
ATOM   453  C  CB  . SER A 1 58 ? 1.032   9.415   4.722   1.00 20.00 ? 58  SER A CB  1 
ATOM   454  O  OG  . SER A 1 58 ? 0.720   8.725   5.923   1.00 19.02 ? 58  SER A OG  1 
ATOM   455  N  N   . GLY A 1 59 ? -1.600  11.599  5.777   1.00 17.70 ? 59  GLY A N   1 
ATOM   456  C  CA  . GLY A 1 59 ? -3.060  11.847  5.793   1.00 16.75 ? 59  GLY A CA  1 
ATOM   457  C  C   . GLY A 1 59 ? -3.923  10.777  6.460   1.00 16.17 ? 59  GLY A C   1 
ATOM   458  O  O   . GLY A 1 59 ? -5.142  10.887  6.464   1.00 16.64 ? 59  GLY A O   1 
ATOM   459  N  N   . TRP A 1 60 ? -3.295  9.724   7.007   1.00 16.02 ? 60  TRP A N   1 
ATOM   460  C  CA  . TRP A 1 60 ? -4.042  8.601   7.634   1.00 15.69 ? 60  TRP A CA  1 
ATOM   461  C  C   . TRP A 1 60 ? -4.659  8.972   8.990   1.00 16.14 ? 60  TRP A C   1 
ATOM   462  O  O   . TRP A 1 60 ? -5.676  8.401   9.378   1.00 16.70 ? 60  TRP A O   1 
ATOM   463  C  CB  . TRP A 1 60 ? -3.124  7.363   7.815   1.00 15.63 ? 60  TRP A CB  1 
ATOM   464  C  CG  . TRP A 1 60 ? -2.972  6.559   6.566   1.00 15.44 ? 60  TRP A CG  1 
ATOM   465  C  CD1 . TRP A 1 60 ? -1.910  6.552   5.721   1.00 18.02 ? 60  TRP A CD1 1 
ATOM   466  C  CD2 . TRP A 1 60 ? -3.949  5.678   5.995   1.00 17.50 ? 60  TRP A CD2 1 
ATOM   467  N  NE1 . TRP A 1 60 ? -2.151  5.684   4.658   1.00 17.41 ? 60  TRP A NE1 1 
ATOM   468  C  CE2 . TRP A 1 60 ? -3.403  5.152   4.808   1.00 16.81 ? 60  TRP A CE2 1 
ATOM   469  C  CE3 . TRP A 1 60 ? -5.236  5.270   6.388   1.00 16.78 ? 60  TRP A CE3 1 
ATOM   470  C  CZ2 . TRP A 1 60 ? -4.091  4.226   4.008   1.00 18.26 ? 60  TRP A CZ2 1 
ATOM   471  C  CZ3 . TRP A 1 60 ? -5.908  4.347   5.591   1.00 18.41 ? 60  TRP A CZ3 1 
ATOM   472  C  CH2 . TRP A 1 60 ? -5.348  3.863   4.411   1.00 17.01 ? 60  TRP A CH2 1 
ATOM   473  N  N   . ILE A 1 61 ? -4.021  9.880   9.731   1.00 15.88 ? 61  ILE A N   1 
ATOM   474  C  CA  . ILE A 1 61 ? -4.533  10.310  11.038  1.00 15.81 ? 61  ILE A CA  1 
ATOM   475  C  C   . ILE A 1 61 ? -4.427  11.830  11.181  1.00 17.16 ? 61  ILE A C   1 
ATOM   476  O  O   . ILE A 1 61 ? -3.685  12.473  10.435  1.00 16.00 ? 61  ILE A O   1 
ATOM   477  C  CB  . ILE A 1 61 ? -3.830  9.621   12.277  1.00 15.13 ? 61  ILE A CB  1 
ATOM   478  C  CG1 . ILE A 1 61 ? -2.413  10.200  12.484  1.00 15.36 ? 61  ILE A CG1 1 
ATOM   479  C  CG2 . ILE A 1 61 ? -3.859  8.074   12.143  1.00 14.41 ? 61  ILE A CG2 1 
ATOM   480  C  CD1 . ILE A 1 61 ? -1.599  9.636   13.677  1.00 15.54 ? 61  ILE A CD1 1 
ATOM   481  N  N   . ARG A 1 62 ? -5.167  12.372  12.155  1.00 17.20 ? 62  ARG A N   1 
ATOM   482  C  CA  . ARG A 1 62 ? -4.965  13.727  12.635  1.00 20.19 ? 62  ARG A CA  1 
ATOM   483  C  C   . ARG A 1 62 ? -4.642  13.652  14.103  1.00 20.31 ? 62  ARG A C   1 
ATOM   484  O  O   . ARG A 1 62 ? -5.212  12.835  14.834  1.00 19.30 ? 62  ARG A O   1 
ATOM   485  C  CB  . ARG A 1 62 ? -6.255  14.532  12.545  1.00 21.53 ? 62  ARG A CB  1 
ATOM   486  C  CG  . ARG A 1 62 ? -6.699  14.924  11.176  1.00 27.74 ? 62  ARG A CG  1 
ATOM   487  C  CD  . ARG A 1 62 ? -7.693  16.061  11.342  1.00 32.35 ? 62  ARG A CD  1 
ATOM   488  N  NE  . ARG A 1 62 ? -8.517  16.238  10.160  1.00 38.70 ? 62  ARG A NE  1 
ATOM   489  C  CZ  . ARG A 1 62 ? -9.082  17.391  9.808   1.00 42.27 ? 62  ARG A CZ  1 
ATOM   490  N  NH1 . ARG A 1 62 ? -9.814  17.444  8.696   1.00 44.36 ? 62  ARG A NH1 1 
ATOM   491  N  NH2 . ARG A 1 62 ? -8.903  18.486  10.555  1.00 41.69 ? 62  ARG A NH2 1 
ATOM   492  N  N   . THR A 1 63 ? -3.734  14.520  14.543  1.00 20.50 ? 63  THR A N   1 
ATOM   493  C  CA  . THR A 1 63 ? -3.387  14.592  15.943  1.00 21.44 ? 63  THR A CA  1 
ATOM   494  C  C   . THR A 1 63 ? -3.471  16.026  16.420  1.00 23.06 ? 63  THR A C   1 
ATOM   495  O  O   . THR A 1 63 ? -3.391  16.974  15.618  1.00 22.52 ? 63  THR A O   1 
ATOM   496  C  CB  . THR A 1 63 ? -1.998  14.030  16.271  1.00 21.75 ? 63  THR A CB  1 
ATOM   497  O  OG1 . THR A 1 63 ? -0.979  14.932  15.828  1.00 23.11 ? 63  THR A OG1 1 
ATOM   498  C  CG2 . THR A 1 63 ? -1.784  12.632  15.631  1.00 20.52 ? 63  THR A CG2 1 
ATOM   499  N  N   . HIS A 1 64 ? -3.605  16.161  17.730  1.00 23.67 ? 64  HIS A N   1 
ATOM   500  C  CA  . HIS A 1 64 ? -3.654  17.458  18.387  1.00 25.67 ? 64  HIS A CA  1 
ATOM   501  C  C   . HIS A 1 64 ? -2.997  17.382  19.751  1.00 26.96 ? 64  HIS A C   1 
ATOM   502  O  O   . HIS A 1 64 ? -3.303  16.497  20.552  1.00 25.28 ? 64  HIS A O   1 
ATOM   503  C  CB  . HIS A 1 64 ? -5.081  17.997  18.484  1.00 25.41 ? 64  HIS A CB  1 
ATOM   504  C  CG  . HIS A 1 64 ? -5.166  19.286  19.247  1.00 28.07 ? 64  HIS A CG  1 
ATOM   505  N  ND1 . HIS A 1 64 ? -4.841  20.503  18.688  1.00 30.80 ? 64  HIS A ND1 1 
ATOM   506  C  CD2 . HIS A 1 64 ? -5.481  19.538  20.539  1.00 30.42 ? 64  HIS A CD2 1 
ATOM   507  C  CE1 . HIS A 1 64 ? -4.977  21.454  19.595  1.00 29.38 ? 64  HIS A CE1 1 
ATOM   508  N  NE2 . HIS A 1 64 ? -5.373  20.896  20.723  1.00 30.23 ? 64  HIS A NE2 1 
ATOM   509  N  N   . LYS A 1 65 ? -2.059  18.300  19.988  1.00 29.46 ? 65  LYS A N   1 
ATOM   510  C  CA  . LYS A 1 65 ? -1.361  18.360  21.266  1.00 33.06 ? 65  LYS A CA  1 
ATOM   511  C  C   . LYS A 1 65 ? -1.925  19.462  22.148  1.00 33.94 ? 65  LYS A C   1 
ATOM   512  O  O   . LYS A 1 65 ? -2.106  20.606  21.708  1.00 33.67 ? 65  LYS A O   1 
ATOM   513  C  CB  . LYS A 1 65 ? 0.140   18.582  21.062  1.00 32.90 ? 65  LYS A CB  1 
ATOM   514  C  CG  . LYS A 1 65 ? 0.965   18.601  22.355  1.00 34.96 ? 65  LYS A CG  1 
ATOM   515  C  CD  . LYS A 1 65 ? 2.338   19.269  22.172  1.00 35.35 ? 65  LYS A CD  1 
ATOM   516  C  CE  . LYS A 1 65 ? 2.212   20.761  21.862  1.00 39.26 ? 65  LYS A CE  1 
ATOM   517  N  NZ  . LYS A 1 65 ? 1.584   21.525  23.002  1.00 43.58 ? 65  LYS A NZ  1 
ATOM   518  N  N   . GLN A 1 66 ? -2.202  19.103  23.389  1.00 35.50 ? 66  GLN A N   1 
ATOM   519  C  CA  . GLN A 1 66 ? -2.585  20.073  24.407  1.00 37.94 ? 66  GLN A CA  1 
ATOM   520  C  C   . GLN A 1 66 ? -1.843  19.694  25.671  1.00 39.06 ? 66  GLN A C   1 
ATOM   521  O  O   . GLN A 1 66 ? -2.131  18.661  26.285  1.00 39.86 ? 66  GLN A O   1 
ATOM   522  C  CB  . GLN A 1 66 ? -4.097  20.046  24.641  1.00 38.52 ? 66  GLN A CB  1 
ATOM   523  C  CG  . GLN A 1 66 ? -4.556  20.860  25.843  1.00 40.87 ? 66  GLN A CG  1 
ATOM   524  C  CD  . GLN A 1 66 ? -4.762  22.340  25.540  1.00 43.48 ? 66  GLN A CD  1 
ATOM   525  O  OE1 . GLN A 1 66 ? -3.846  23.024  25.080  1.00 45.33 ? 66  GLN A OE1 1 
ATOM   526  N  NE2 . GLN A 1 66 ? -5.971  22.846  25.828  1.00 43.81 ? 66  GLN A NE2 1 
ATOM   527  N  N   . GLY A 1 67 ? -0.862  20.515  26.043  1.00 40.11 ? 67  GLY A N   1 
ATOM   528  C  CA  . GLY A 1 67 ? 0.011   20.205  27.169  1.00 40.04 ? 67  GLY A CA  1 
ATOM   529  C  C   . GLY A 1 67 ? 0.926   19.075  26.745  1.00 40.04 ? 67  GLY A C   1 
ATOM   530  O  O   . GLY A 1 67 ? 1.540   19.129  25.665  1.00 40.96 ? 67  GLY A O   1 
ATOM   531  N  N   . ARG A 1 68 ? 1.004   18.045  27.585  1.00 39.03 ? 68  ARG A N   1 
ATOM   532  C  CA  . ARG A 1 68 ? 1.830   16.880  27.295  1.00 38.21 ? 68  ARG A CA  1 
ATOM   533  C  C   . ARG A 1 68 ? 1.020   15.754  26.624  1.00 36.84 ? 68  ARG A C   1 
ATOM   534  O  O   . ARG A 1 68 ? 1.544   14.658  26.403  1.00 37.77 ? 68  ARG A O   1 
ATOM   535  C  CB  . ARG A 1 68 ? 2.506   16.364  28.580  1.00 38.55 ? 68  ARG A CB  1 
ATOM   536  N  N   . VAL A 1 69 ? -0.241  16.041  26.298  1.00 34.77 ? 69  VAL A N   1 
ATOM   537  C  CA  . VAL A 1 69 ? -1.192  15.047  25.790  1.00 31.59 ? 69  VAL A CA  1 
ATOM   538  C  C   . VAL A 1 69 ? -1.435  15.288  24.312  1.00 29.32 ? 69  VAL A C   1 
ATOM   539  O  O   . VAL A 1 69 ? -1.772  16.399  23.928  1.00 29.33 ? 69  VAL A O   1 
ATOM   540  C  CB  . VAL A 1 69 ? -2.528  15.154  26.510  1.00 31.82 ? 69  VAL A CB  1 
ATOM   541  C  CG1 . VAL A 1 69 ? -3.519  14.073  26.001  1.00 31.16 ? 69  VAL A CG1 1 
ATOM   542  C  CG2 . VAL A 1 69 ? -2.331  15.045  28.025  1.00 32.61 ? 69  VAL A CG2 1 
ATOM   543  N  N   . ARG A 1 70 ? -1.290  14.238  23.501  1.00 26.48 ? 70  ARG A N   1 
ATOM   544  C  CA  . ARG A 1 70 ? -1.528  14.322  22.058  1.00 24.46 ? 70  ARG A CA  1 
ATOM   545  C  C   . ARG A 1 70 ? -2.645  13.350  21.671  1.00 22.70 ? 70  ARG A C   1 
ATOM   546  O  O   . ARG A 1 70 ? -2.465  12.136  21.759  1.00 22.63 ? 70  ARG A O   1 
ATOM   547  C  CB  . ARG A 1 70 ? -0.230  14.028  21.252  1.00 24.34 ? 70  ARG A CB  1 
ATOM   548  C  CG  . ARG A 1 70 ? -0.423  14.116  19.732  1.00 25.05 ? 70  ARG A CG  1 
ATOM   549  C  CD  . ARG A 1 70 ? 0.879   14.085  18.930  1.00 25.11 ? 70  ARG A CD  1 
ATOM   550  N  NE  . ARG A 1 70 ? 1.721   15.250  19.203  1.00 27.37 ? 70  ARG A NE  1 
ATOM   551  C  CZ  . ARG A 1 70 ? 1.633   16.433  18.595  1.00 30.79 ? 70  ARG A CZ  1 
ATOM   552  N  NH1 . ARG A 1 70 ? 0.743   16.658  17.627  1.00 30.90 ? 70  ARG A NH1 1 
ATOM   553  N  NH2 . ARG A 1 70 ? 2.465   17.413  18.953  1.00 33.81 ? 70  ARG A NH2 1 
ATOM   554  N  N   . THR A 1 71 ? -3.800  13.876  21.257  1.00 20.70 ? 71  THR A N   1 
ATOM   555  C  CA  . THR A 1 71 ? -4.910  13.027  20.840  1.00 19.88 ? 71  THR A CA  1 
ATOM   556  C  C   . THR A 1 71 ? -4.792  12.705  19.370  1.00 19.37 ? 71  THR A C   1 
ATOM   557  O  O   . THR A 1 71 ? -4.307  13.536  18.593  1.00 19.68 ? 71  THR A O   1 
ATOM   558  C  CB  . THR A 1 71 ? -6.289  13.675  21.166  1.00 20.39 ? 71  THR A CB  1 
ATOM   559  O  OG1 . THR A 1 71 ? -6.359  14.959  20.550  1.00 24.68 ? 71  THR A OG1 1 
ATOM   560  C  CG2 . THR A 1 71 ? -6.415  13.876  22.689  1.00 18.73 ? 71  THR A CG2 1 
ATOM   561  N  N   . CYS A 1 72 ? -5.209  11.499  18.997  1.00 18.42 ? 72  CYS A N   1 
ATOM   562  C  CA  . CYS A 1 72 ? -5.120  11.010  17.618  1.00 18.02 ? 72  CYS A CA  1 
ATOM   563  C  C   . CYS A 1 72 ? -6.464  10.488  17.157  1.00 17.71 ? 72  CYS A C   1 
ATOM   564  O  O   . CYS A 1 72 ? -7.224  9.836   17.929  1.00 16.90 ? 72  CYS A O   1 
ATOM   565  C  CB  . CYS A 1 72 ? -4.090  9.872   17.496  1.00 18.23 ? 72  CYS A CB  1 
ATOM   566  S  SG  . CYS A 1 72 ? -2.452  10.271  18.146  1.00 20.47 ? 72  CYS A SG  1 
ATOM   567  N  N   . ALA A 1 73 ? -6.770  10.744  15.892  1.00 17.19 ? 73  ALA A N   1 
ATOM   568  C  CA  . ALA A 1 73 ? -7.959  10.154  15.292  1.00 16.94 ? 73  ALA A CA  1 
ATOM   569  C  C   . ALA A 1 73 ? -7.692  9.769   13.842  1.00 17.40 ? 73  ALA A C   1 
ATOM   570  O  O   . ALA A 1 73 ? -6.949  10.452  13.134  1.00 17.50 ? 73  ALA A O   1 
ATOM   571  C  CB  . ALA A 1 73 ? -9.138  11.128  15.353  1.00 16.46 ? 73  ALA A CB  1 
ATOM   572  N  N   . ILE A 1 74 ? -8.355  8.712   13.401  1.00 17.66 ? 74  ILE A N   1 
ATOM   573  C  CA  . ILE A 1 74 ? -8.192  8.214   12.051  1.00 18.44 ? 74  ILE A CA  1 
ATOM   574  C  C   . ILE A 1 74 ? -8.889  9.139   11.061  1.00 19.41 ? 74  ILE A C   1 
ATOM   575  O  O   . ILE A 1 74 ? -9.876  9.828   11.407  1.00 19.03 ? 74  ILE A O   1 
ATOM   576  C  CB  . ILE A 1 74 ? -8.665  6.719   11.936  1.00 19.17 ? 74  ILE A CB  1 
ATOM   577  C  CG1 . ILE A 1 74 ? -7.959  6.020   10.770  1.00 19.62 ? 74  ILE A CG1 1 
ATOM   578  C  CG2 . ILE A 1 74 ? -10.210 6.609   11.934  1.00 20.74 ? 74  ILE A CG2 1 
ATOM   579  C  CD1 . ILE A 1 74 ? -8.220  4.519   10.702  1.00 18.51 ? 74  ILE A CD1 1 
ATOM   580  N  N   . GLU A 1 75 ? -8.341  9.189   9.849   1.00 19.63 ? 75  GLU A N   1 
ATOM   581  C  CA  . GLU A 1 75 ? -8.935  9.906   8.743   1.00 21.58 ? 75  GLU A CA  1 
ATOM   582  C  C   . GLU A 1 75 ? -9.437  8.901   7.734   1.00 22.19 ? 75  GLU A C   1 
ATOM   583  O  O   . GLU A 1 75 ? -8.844  7.843   7.569   1.00 21.46 ? 75  GLU A O   1 
ATOM   584  C  CB  . GLU A 1 75 ? -7.887  10.787  8.080   1.00 21.94 ? 75  GLU A CB  1 
ATOM   585  C  CG  . GLU A 1 75 ? -7.600  12.053  8.835   1.00 26.52 ? 75  GLU A CG  1 
ATOM   586  C  CD  . GLU A 1 75 ? -8.820  12.970  8.847   1.00 31.58 ? 75  GLU A CD  1 
ATOM   587  O  OE1 . GLU A 1 75 ? -9.178  13.468  7.774   1.00 37.19 ? 75  GLU A OE1 1 
ATOM   588  O  OE2 . GLU A 1 75 ? -9.436  13.162  9.910   1.00 32.73 ? 75  GLU A OE2 1 
ATOM   589  N  N   . LYS A 1 76 ? -10.499 9.249   7.015   1.00 22.34 ? 76  LYS A N   1 
ATOM   590  C  CA  . LYS A 1 76 ? -11.083 8.289   6.091   1.00 23.49 ? 76  LYS A CA  1 
ATOM   591  C  C   . LYS A 1 76 ? -10.594 8.453   4.660   1.00 22.98 ? 76  LYS A C   1 
ATOM   592  O  O   . LYS A 1 76 ? -10.626 7.505   3.908   1.00 23.00 ? 76  LYS A O   1 
ATOM   593  C  CB  . LYS A 1 76 ? -12.610 8.343   6.115   1.00 24.94 ? 76  LYS A CB  1 
ATOM   594  C  CG  . LYS A 1 76 ? -13.263 7.733   7.349   1.00 29.91 ? 76  LYS A CG  1 
ATOM   595  C  CD  . LYS A 1 76 ? -12.386 6.691   8.047   1.00 34.44 ? 76  LYS A CD  1 
ATOM   596  C  CE  . LYS A 1 76 ? -13.040 6.183   9.312   1.00 37.81 ? 76  LYS A CE  1 
ATOM   597  N  NZ  . LYS A 1 76 ? -12.156 5.122   9.860   1.00 40.96 ? 76  LYS A NZ  1 
ATOM   598  N  N   . GLU A 1 77 ? -10.109 9.635   4.292   1.00 23.23 ? 77  GLU A N   1 
ATOM   599  C  CA  . GLU A 1 77 ? -9.722  9.882   2.893   1.00 23.82 ? 77  GLU A CA  1 
ATOM   600  C  C   . GLU A 1 77 ? -8.727  8.866   2.307   1.00 22.93 ? 77  GLU A C   1 
ATOM   601  O  O   . GLU A 1 77 ? -8.966  8.350   1.194   1.00 23.27 ? 77  GLU A O   1 
ATOM   602  C  CB  . GLU A 1 77 ? -9.202  11.306  2.692   1.00 24.60 ? 77  GLU A CB  1 
ATOM   603  C  CG  . GLU A 1 77 ? -10.295 12.380  2.729   1.00 30.28 ? 77  GLU A CG  1 
ATOM   604  C  CD  . GLU A 1 77 ? -10.993 12.491  4.093   1.00 38.29 ? 77  GLU A CD  1 
ATOM   605  O  OE1 . GLU A 1 77 ? -10.301 12.447  5.171   1.00 36.01 ? 77  GLU A OE1 1 
ATOM   606  O  OE2 . GLU A 1 77 ? -12.253 12.599  4.062   1.00 41.85 ? 77  GLU A OE2 1 
ATOM   607  N  N   . PRO A 1 78 ? -7.625  8.558   3.035   1.00 21.09 ? 78  PRO A N   1 
ATOM   608  C  CA  . PRO A 1 78 ? -6.715  7.567   2.431   1.00 20.41 ? 78  PRO A CA  1 
ATOM   609  C  C   . PRO A 1 78 ? -7.366  6.200   2.157   1.00 19.78 ? 78  PRO A C   1 
ATOM   610  O  O   . PRO A 1 78 ? -6.979  5.522   1.211   1.00 19.11 ? 78  PRO A O   1 
ATOM   611  C  CB  . PRO A 1 78 ? -5.568  7.480   3.449   1.00 19.86 ? 78  PRO A CB  1 
ATOM   612  C  CG  . PRO A 1 78 ? -5.595  8.852   4.152   1.00 20.87 ? 78  PRO A CG  1 
ATOM   613  C  CD  . PRO A 1 78 ? -7.091  9.071   4.314   1.00 21.40 ? 78  PRO A CD  1 
ATOM   614  N  N   . PHE A 1 79 ? -8.329  5.790   2.982   1.00 20.16 ? 79  PHE A N   1 
ATOM   615  C  CA  . PHE A 1 79 ? -9.085  4.551   2.708   1.00 21.23 ? 79  PHE A CA  1 
ATOM   616  C  C   . PHE A 1 79 ? -9.759  4.611   1.347   1.00 21.58 ? 79  PHE A C   1 
ATOM   617  O  O   . PHE A 1 79 ? -9.736  3.650   0.570   1.00 21.97 ? 79  PHE A O   1 
ATOM   618  C  CB  . PHE A 1 79 ? -10.134 4.301   3.805   1.00 22.06 ? 79  PHE A CB  1 
ATOM   619  C  CG  . PHE A 1 79 ? -9.558  3.787   5.089   1.00 22.17 ? 79  PHE A CG  1 
ATOM   620  C  CD1 . PHE A 1 79 ? -9.330  4.648   6.153   1.00 24.35 ? 79  PHE A CD1 1 
ATOM   621  C  CD2 . PHE A 1 79 ? -9.261  2.435   5.247   1.00 23.88 ? 79  PHE A CD2 1 
ATOM   622  C  CE1 . PHE A 1 79 ? -8.814  4.187   7.343   1.00 24.32 ? 79  PHE A CE1 1 
ATOM   623  C  CE2 . PHE A 1 79 ? -8.733  1.951   6.432   1.00 23.20 ? 79  PHE A CE2 1 
ATOM   624  C  CZ  . PHE A 1 79 ? -8.511  2.812   7.495   1.00 22.96 ? 79  PHE A CZ  1 
ATOM   625  N  N   . THR A 1 80 ? -10.342 5.770   1.065   1.00 22.60 ? 80  THR A N   1 
ATOM   626  C  CA  . THR A 1 80 ? -11.031 6.027   -0.170  1.00 23.61 ? 80  THR A CA  1 
ATOM   627  C  C   . THR A 1 80 ? -10.062 5.970   -1.325  1.00 23.69 ? 80  THR A C   1 
ATOM   628  O  O   . THR A 1 80 ? -10.362 5.337   -2.352  1.00 23.92 ? 80  THR A O   1 
ATOM   629  C  CB  . THR A 1 80 ? -11.789 7.377   -0.068  1.00 24.10 ? 80  THR A CB  1 
ATOM   630  O  OG1 . THR A 1 80 ? -12.848 7.215   0.890   1.00 24.90 ? 80  THR A OG1 1 
ATOM   631  C  CG2 . THR A 1 80 ? -12.367 7.816   -1.429  1.00 26.07 ? 80  THR A CG2 1 
ATOM   632  N  N   . ALA A 1 81 ? -8.888  6.578   -1.150  1.00 23.04 ? 81  ALA A N   1 
ATOM   633  C  CA  . ALA A 1 81 ? -7.854  6.559   -2.196  1.00 23.25 ? 81  ALA A CA  1 
ATOM   634  C  C   . ALA A 1 81 ? -7.407  5.132   -2.568  1.00 23.43 ? 81  ALA A C   1 
ATOM   635  O  O   . ALA A 1 81 ? -7.297  4.784   -3.770  1.00 23.08 ? 81  ALA A O   1 
ATOM   636  C  CB  . ALA A 1 81 ? -6.654  7.414   -1.772  1.00 22.84 ? 81  ALA A CB  1 
ATOM   637  N  N   . VAL A 1 82 ? -7.137  4.320   -1.542  1.00 22.83 ? 82  VAL A N   1 
ATOM   638  C  CA  . VAL A 1 82 ? -6.695  2.921   -1.714  1.00 23.07 ? 82  VAL A CA  1 
ATOM   639  C  C   . VAL A 1 82 ? -7.792  2.107   -2.441  1.00 24.16 ? 82  VAL A C   1 
ATOM   640  O  O   . VAL A 1 82 ? -7.542  1.425   -3.466  1.00 23.46 ? 82  VAL A O   1 
ATOM   641  C  CB  . VAL A 1 82 ? -6.318  2.245   -0.344  1.00 22.51 ? 82  VAL A CB  1 
ATOM   642  C  CG1 . VAL A 1 82 ? -6.038  0.739   -0.540  1.00 21.78 ? 82  VAL A CG1 1 
ATOM   643  C  CG2 . VAL A 1 82 ? -5.114  2.916   0.308   1.00 21.30 ? 82  VAL A CG2 1 
ATOM   644  N  N   . GLU A 1 83 ? -9.011  2.204   -1.915  1.00 24.78 ? 83  GLU A N   1 
ATOM   645  C  CA  . GLU A 1 83 ? -10.184 1.617   -2.564  1.00 25.78 ? 83  GLU A CA  1 
ATOM   646  C  C   . GLU A 1 83 ? -10.294 1.989   -4.042  1.00 25.56 ? 83  GLU A C   1 
ATOM   647  O  O   . GLU A 1 83 ? -10.485 1.107   -4.896  1.00 26.67 ? 83  GLU A O   1 
ATOM   648  C  CB  . GLU A 1 83 ? -11.456 2.024   -1.820  1.00 26.01 ? 83  GLU A CB  1 
ATOM   649  C  CG  . GLU A 1 83 ? -11.853 1.038   -0.778  1.00 29.51 ? 83  GLU A CG  1 
ATOM   650  C  CD  . GLU A 1 83 ? -13.281 1.279   -0.283  1.00 34.31 ? 83  GLU A CD  1 
ATOM   651  N  N   . ALA A 1 84 ? -10.147 3.281   -4.334  1.00 25.07 ? 84  ALA A N   1 
ATOM   652  C  CA  . ALA A 1 84 ? -10.215 3.814   -5.693  1.00 24.23 ? 84  ALA A CA  1 
ATOM   653  C  C   . ALA A 1 84 ? -9.145  3.210   -6.620  1.00 24.05 ? 84  ALA A C   1 
ATOM   654  O  O   . ALA A 1 84 ? -9.450  2.822   -7.754  1.00 22.45 ? 84  ALA A O   1 
ATOM   655  C  CB  . ALA A 1 84 ? -10.083 5.341   -5.662  1.00 23.92 ? 84  ALA A CB  1 
ATOM   656  N  N   . TRP A 1 85 ? -7.896  3.125   -6.142  1.00 23.75 ? 85  TRP A N   1 
ATOM   657  C  CA  . TRP A 1 85 ? -6.831  2.600   -6.988  1.00 23.73 ? 85  TRP A CA  1 
ATOM   658  C  C   . TRP A 1 85 ? -7.082  1.119   -7.251  1.00 24.37 ? 85  TRP A C   1 
ATOM   659  O  O   . TRP A 1 85 ? -6.943  0.651   -8.395  1.00 24.28 ? 85  TRP A O   1 
ATOM   660  C  CB  . TRP A 1 85 ? -5.426  2.802   -6.367  1.00 23.32 ? 85  TRP A CB  1 
ATOM   661  C  CG  . TRP A 1 85 ? -4.336  2.269   -7.260  1.00 21.18 ? 85  TRP A CG  1 
ATOM   662  C  CD1 . TRP A 1 85 ? -3.725  2.927   -8.281  1.00 22.00 ? 85  TRP A CD1 1 
ATOM   663  C  CD2 . TRP A 1 85 ? -3.765  0.945   -7.229  1.00 20.49 ? 85  TRP A CD2 1 
ATOM   664  N  NE1 . TRP A 1 85 ? -2.803  2.094   -8.901  1.00 20.94 ? 85  TRP A NE1 1 
ATOM   665  C  CE2 . TRP A 1 85 ? -2.809  0.878   -8.262  1.00 21.08 ? 85  TRP A CE2 1 
ATOM   666  C  CE3 . TRP A 1 85 ? -3.977  -0.194  -6.420  1.00 21.54 ? 85  TRP A CE3 1 
ATOM   667  C  CZ2 . TRP A 1 85 ? -2.053  -0.278  -8.514  1.00 22.50 ? 85  TRP A CZ2 1 
ATOM   668  C  CZ3 . TRP A 1 85 ? -3.211  -1.346  -6.672  1.00 22.00 ? 85  TRP A CZ3 1 
ATOM   669  C  CH2 . TRP A 1 85 ? -2.273  -1.373  -7.714  1.00 21.51 ? 85  TRP A CH2 1 
ATOM   670  N  N   . LEU A 1 86 ? -7.424  0.383   -6.198  1.00 24.85 ? 86  LEU A N   1 
ATOM   671  C  CA  . LEU A 1 86 ? -7.707  -1.051  -6.316  1.00 27.14 ? 86  LEU A CA  1 
ATOM   672  C  C   . LEU A 1 86 ? -8.815  -1.302  -7.325  1.00 27.71 ? 86  LEU A C   1 
ATOM   673  O  O   . LEU A 1 86 ? -8.668  -2.136  -8.208  1.00 28.37 ? 86  LEU A O   1 
ATOM   674  C  CB  . LEU A 1 86 ? -8.172  -1.617  -4.983  1.00 27.22 ? 86  LEU A CB  1 
ATOM   675  C  CG  . LEU A 1 86 ? -7.135  -2.077  -3.970  1.00 30.65 ? 86  LEU A CG  1 
ATOM   676  C  CD1 . LEU A 1 86 ? -7.852  -2.224  -2.623  1.00 32.16 ? 86  LEU A CD1 1 
ATOM   677  C  CD2 . LEU A 1 86 ? -6.453  -3.387  -4.410  1.00 33.41 ? 86  LEU A CD2 1 
ATOM   678  N  N   . ALA A 1 87 ? -9.924  -0.580  -7.169  1.00 28.76 ? 87  ALA A N   1 
ATOM   679  C  CA  . ALA A 1 87 ? -11.108 -0.741  -8.010  1.00 29.28 ? 87  ALA A CA  1 
ATOM   680  C  C   . ALA A 1 87 ? -10.784 -0.513  -9.482  1.00 29.37 ? 87  ALA A C   1 
ATOM   681  O  O   . ALA A 1 87 ? -11.317 -1.200  -10.354 1.00 29.63 ? 87  ALA A O   1 
ATOM   682  C  CB  . ALA A 1 87 ? -12.211 0.216   -7.543  1.00 29.88 ? 87  ALA A CB  1 
ATOM   683  N  N   . GLU A 1 88 ? -9.917  0.457   -9.750  1.00 29.38 ? 88  GLU A N   1 
ATOM   684  C  CA  . GLU A 1 88 ? -9.478  0.778   -11.094 1.00 29.86 ? 88  GLU A CA  1 
ATOM   685  C  C   . GLU A 1 88 ? -8.758  -0.415  -11.742 1.00 28.98 ? 88  GLU A C   1 
ATOM   686  O  O   . GLU A 1 88 ? -8.992  -0.724  -12.912 1.00 28.45 ? 88  GLU A O   1 
ATOM   687  C  CB  . GLU A 1 88 ? -8.596  2.028   -11.063 1.00 30.20 ? 88  GLU A CB  1 
ATOM   688  C  CG  . GLU A 1 88 ? -7.617  2.163   -12.221 1.00 32.08 ? 88  GLU A CG  1 
ATOM   689  C  CD  . GLU A 1 88 ? -6.800  3.448   -12.144 1.00 33.79 ? 88  GLU A CD  1 
ATOM   690  O  OE1 . GLU A 1 88 ? -7.389  4.518   -12.464 1.00 39.06 ? 88  GLU A OE1 1 
ATOM   691  O  OE2 . GLU A 1 88 ? -5.581  3.393   -11.796 1.00 32.73 ? 88  GLU A OE2 1 
ATOM   692  N  N   . GLN A 1 89 ? -7.900  -1.095  -10.982 1.00 28.09 ? 89  GLN A N   1 
ATOM   693  C  CA  . GLN A 1 89 ? -7.176  -2.251  -11.518 1.00 27.07 ? 89  GLN A CA  1 
ATOM   694  C  C   . GLN A 1 89 ? -8.125  -3.436  -11.709 1.00 28.25 ? 89  GLN A C   1 
ATOM   695  O  O   . GLN A 1 89 ? -8.092  -4.143  -12.733 1.00 26.49 ? 89  GLN A O   1 
ATOM   696  C  CB  . GLN A 1 89 ? -6.020  -2.661  -10.591 1.00 27.45 ? 89  GLN A CB  1 
ATOM   697  C  CG  . GLN A 1 89 ? -5.078  -1.555  -10.152 1.00 23.01 ? 89  GLN A CG  1 
ATOM   698  C  CD  . GLN A 1 89 ? -4.962  -0.384  -11.108 1.00 25.43 ? 89  GLN A CD  1 
ATOM   699  O  OE1 . GLN A 1 89 ? -4.664  -0.540  -12.296 1.00 24.39 ? 89  GLN A OE1 1 
ATOM   700  N  NE2 . GLN A 1 89 ? -5.159  0.825   -10.569 1.00 25.18 ? 89  GLN A NE2 1 
ATOM   701  N  N   . GLN A 1 90 ? -8.958  -3.644  -10.704 1.00 28.96 ? 90  GLN A N   1 
ATOM   702  C  CA  . GLN A 1 90 ? -9.972  -4.676  -10.778 1.00 31.13 ? 90  GLN A CA  1 
ATOM   703  C  C   . GLN A 1 90 ? -10.995 -4.481  -11.908 1.00 30.97 ? 90  GLN A C   1 
ATOM   704  O  O   . GLN A 1 90 ? -11.416 -5.469  -12.501 1.00 32.55 ? 90  GLN A O   1 
ATOM   705  C  CB  . GLN A 1 90 ? -10.575 -4.904  -9.404  1.00 31.29 ? 90  GLN A CB  1 
ATOM   706  C  CG  . GLN A 1 90 ? -9.571  -5.704  -8.557  1.00 35.73 ? 90  GLN A CG  1 
ATOM   707  C  CD  . GLN A 1 90 ? -9.564  -5.336  -7.091  1.00 40.26 ? 90  GLN A CD  1 
ATOM   708  O  OE1 . GLN A 1 90 ? -8.490  -5.197  -6.476  1.00 41.66 ? 90  GLN A OE1 1 
ATOM   709  N  NE2 . GLN A 1 90 ? -10.750 -5.175  -6.512  1.00 40.57 ? 90  GLN A NE2 1 
ATOM   710  N  N   . GLU A 1 91 ? -11.348 -3.236  -12.248 1.00 31.10 ? 91  GLU A N   1 
ATOM   711  C  CA  . GLU A 1 91 ? -12.177 -2.974  -13.435 1.00 30.86 ? 91  GLU A CA  1 
ATOM   712  C  C   . GLU A 1 91 ? -11.470 -3.413  -14.716 1.00 30.23 ? 91  GLU A C   1 
ATOM   713  O  O   . GLU A 1 91 ? -12.098 -4.009  -15.602 1.00 29.10 ? 91  GLU A O   1 
ATOM   714  C  CB  . GLU A 1 91 ? -12.599 -1.503  -13.550 1.00 31.66 ? 91  GLU A CB  1 
ATOM   715  C  CG  . GLU A 1 91 ? -13.183 -1.155  -14.927 1.00 36.88 ? 91  GLU A CG  1 
ATOM   716  C  CD  . GLU A 1 91 ? -14.163 0.010   -14.926 1.00 43.04 ? 91  GLU A CD  1 
ATOM   717  O  OE1 . GLU A 1 91 ? -14.052 0.925   -14.068 1.00 46.00 ? 91  GLU A OE1 1 
ATOM   718  O  OE2 . GLU A 1 91 ? -15.047 0.013   -15.813 1.00 46.43 ? 91  GLU A OE2 1 
ATOM   719  N  N   . LEU A 1 92 ? -10.172 -3.111  -14.823 1.00 28.61 ? 92  LEU A N   1 
ATOM   720  C  CA  . LEU A 1 92 ? -9.391  -3.532  -15.989 1.00 28.74 ? 92  LEU A CA  1 
ATOM   721  C  C   . LEU A 1 92 ? -9.318  -5.050  -16.132 1.00 28.94 ? 92  LEU A C   1 
ATOM   722  O  O   . LEU A 1 92 ? -9.419  -5.567  -17.232 1.00 29.16 ? 92  LEU A O   1 
ATOM   723  C  CB  . LEU A 1 92 ? -7.972  -2.958  -15.956 1.00 27.93 ? 92  LEU A CB  1 
ATOM   724  C  CG  . LEU A 1 92 ? -7.880  -1.448  -16.142 1.00 27.43 ? 92  LEU A CG  1 
ATOM   725  C  CD1 . LEU A 1 92 ? -6.468  -1.029  -15.840 1.00 29.07 ? 92  LEU A CD1 1 
ATOM   726  C  CD2 . LEU A 1 92 ? -8.289  -1.016  -17.558 1.00 27.29 ? 92  LEU A CD2 1 
ATOM   727  N  N   . TRP A 1 93 ? -9.113  -5.730  -15.010 1.00 30.02 ? 93  TRP A N   1 
ATOM   728  C  CA  . TRP A 1 93 ? -9.052  -7.178  -14.962 1.00 31.61 ? 93  TRP A CA  1 
ATOM   729  C  C   . TRP A 1 93 ? -10.401 -7.830  -15.378 1.00 31.33 ? 93  TRP A C   1 
ATOM   730  O  O   . TRP A 1 93 ? -10.424 -8.724  -16.222 1.00 31.14 ? 93  TRP A O   1 
ATOM   731  C  CB  . TRP A 1 93 ? -8.642  -7.633  -13.558 1.00 33.33 ? 93  TRP A CB  1 
ATOM   732  C  CG  . TRP A 1 93 ? -8.670  -9.100  -13.412 1.00 35.67 ? 93  TRP A CG  1 
ATOM   733  C  CD1 . TRP A 1 93 ? -9.638  -9.851  -12.795 1.00 37.72 ? 93  TRP A CD1 1 
ATOM   734  C  CD2 . TRP A 1 93 ? -7.705  -10.018 -13.917 1.00 37.27 ? 93  TRP A CD2 1 
ATOM   735  N  NE1 . TRP A 1 93 ? -9.322  -11.187 -12.879 1.00 37.80 ? 93  TRP A NE1 1 
ATOM   736  C  CE2 . TRP A 1 93 ? -8.139  -11.316 -13.564 1.00 38.35 ? 93  TRP A CE2 1 
ATOM   737  C  CE3 . TRP A 1 93 ? -6.509  -9.873  -14.625 1.00 38.11 ? 93  TRP A CE3 1 
ATOM   738  C  CZ2 . TRP A 1 93 ? -7.420  -12.460 -13.900 1.00 37.46 ? 93  TRP A CZ2 1 
ATOM   739  C  CZ3 . TRP A 1 93 ? -5.793  -11.016 -14.965 1.00 38.55 ? 93  TRP A CZ3 1 
ATOM   740  C  CH2 . TRP A 1 93 ? -6.256  -12.292 -14.604 1.00 38.14 ? 93  TRP A CH2 1 
ATOM   741  N  N   . GLU A 1 94 ? -11.498 -7.363  -14.792 1.00 31.65 ? 94  GLU A N   1 
ATOM   742  C  CA  . GLU A 1 94 ? -12.837 -7.931  -15.049 1.00 32.14 ? 94  GLU A CA  1 
ATOM   743  C  C   . GLU A 1 94 ? -13.389 -7.571  -16.436 1.00 31.58 ? 94  GLU A C   1 
ATOM   744  O  O   . GLU A 1 94 ? -14.327 -8.210  -16.919 1.00 31.68 ? 94  GLU A O   1 
ATOM   745  C  CB  . GLU A 1 94 ? -13.848 -7.479  -13.986 1.00 32.82 ? 94  GLU A CB  1 
ATOM   746  C  CG  . GLU A 1 94 ? -13.443 -7.666  -12.505 1.00 36.22 ? 94  GLU A CG  1 
ATOM   747  C  CD  . GLU A 1 94 ? -13.307 -9.116  -12.043 1.00 40.38 ? 94  GLU A CD  1 
ATOM   748  O  OE1 . GLU A 1 94 ? -13.415 -10.068 -12.869 1.00 42.20 ? 94  GLU A OE1 1 
ATOM   749  O  OE2 . GLU A 1 94 ? -13.078 -9.297  -10.820 1.00 42.66 ? 94  GLU A OE2 1 
ATOM   750  N  N   . SER A 1 95 ? -12.850 -6.528  -17.052 1.00 30.90 ? 95  SER A N   1 
ATOM   751  C  CA  . SER A 1 95 ? -13.333 -6.092  -18.347 1.00 31.12 ? 95  SER A CA  1 
ATOM   752  C  C   . SER A 1 95 ? -12.506 -6.638  -19.528 1.00 31.54 ? 95  SER A C   1 
ATOM   753  O  O   . SER A 1 95 ? -12.755 -6.267  -20.669 1.00 30.63 ? 95  SER A O   1 
ATOM   754  C  CB  . SER A 1 95 ? -13.483 -4.564  -18.391 1.00 31.30 ? 95  SER A CB  1 
ATOM   755  O  OG  . SER A 1 95 ? -12.237 -3.894  -18.471 1.00 31.75 ? 95  SER A OG  1 
ATOM   756  N  N   . ARG A 1 96 ? -11.532 -7.517  -19.250 1.00 32.48 ? 96  ARG A N   1 
ATOM   757  C  CA  . ARG A 1 96 ? -10.694 -8.131  -20.303 1.00 33.64 ? 96  ARG A CA  1 
ATOM   758  C  C   . ARG A 1 96 ? -11.585 -8.882  -21.294 1.00 34.22 ? 96  ARG A C   1 
ATOM   759  O  O   . ARG A 1 96 ? -12.501 -9.601  -20.872 1.00 33.32 ? 96  ARG A O   1 
ATOM   760  C  CB  . ARG A 1 96 ? -9.693  -9.121  -19.701 1.00 33.76 ? 96  ARG A CB  1 
ATOM   761  C  CG  . ARG A 1 96 ? -8.611  -8.511  -18.844 1.00 34.18 ? 96  ARG A CG  1 
ATOM   762  C  CD  . ARG A 1 96 ? -7.824  -9.595  -18.095 1.00 35.37 ? 96  ARG A CD  1 
ATOM   763  N  NE  . ARG A 1 96 ? -6.648  -10.056 -18.834 1.00 38.19 ? 96  ARG A NE  1 
ATOM   764  N  N   . THR A 1 97 ? -11.310 -8.723  -22.595 1.00 34.94 ? 97  THR A N   1 
ATOM   765  C  CA  . THR A 1 97 ? -12.105 -9.375  -23.656 1.00 35.99 ? 97  THR A CA  1 
ATOM   766  C  C   . THR A 1 97 ? -11.301 -10.423 -24.419 1.00 36.59 ? 97  THR A C   1 
ATOM   767  O  O   . THR A 1 97 ? -10.068 -10.339 -24.494 1.00 36.89 ? 97  THR A O   1 
ATOM   768  C  CB  . THR A 1 97 ? -12.655 -8.360  -24.678 1.00 36.34 ? 97  THR A CB  1 
ATOM   769  O  OG1 . THR A 1 97 ? -11.565 -7.800  -25.428 1.00 36.91 ? 97  THR A OG1 1 
ATOM   770  C  CG2 . THR A 1 97 ? -13.398 -7.244  -23.982 1.00 35.78 ? 97  THR A CG2 1 
ATOM   771  N  N   . GLU B 1 6  ? 4.587   -10.011 8.031   1.00 42.86 ? 6   GLU B N   1 
ATOM   772  C  CA  . GLU B 1 6  ? 5.623   -9.629  7.021   1.00 42.72 ? 6   GLU B CA  1 
ATOM   773  C  C   . GLU B 1 6  ? 5.157   -9.716  5.545   1.00 42.05 ? 6   GLU B C   1 
ATOM   774  O  O   . GLU B 1 6  ? 5.919   -9.346  4.625   1.00 42.84 ? 6   GLU B O   1 
ATOM   775  C  CB  . GLU B 1 6  ? 6.908   -10.436 7.254   1.00 42.83 ? 6   GLU B CB  1 
ATOM   776  N  N   . GLN B 1 7  ? 3.912   -10.167 5.328   1.00 40.84 ? 7   GLN B N   1 
ATOM   777  C  CA  . GLN B 1 7  ? 3.343   -10.358 3.969   1.00 38.83 ? 7   GLN B CA  1 
ATOM   778  C  C   . GLN B 1 7  ? 2.627   -9.124  3.436   1.00 36.17 ? 7   GLN B C   1 
ATOM   779  O  O   . GLN B 1 7  ? 2.799   -8.766  2.267   1.00 35.26 ? 7   GLN B O   1 
ATOM   780  C  CB  . GLN B 1 7  ? 2.364   -11.536 3.928   1.00 39.54 ? 7   GLN B CB  1 
ATOM   781  C  CG  . GLN B 1 7  ? 1.599   -11.677 2.596   1.00 41.40 ? 7   GLN B CG  1 
ATOM   782  C  CD  . GLN B 1 7  ? 0.099   -11.890 2.780   1.00 44.21 ? 7   GLN B CD  1 
ATOM   783  O  OE1 . GLN B 1 7  ? -0.582  -11.074 3.399   1.00 45.31 ? 7   GLN B OE1 1 
ATOM   784  N  NE2 . GLN B 1 7  ? -0.428  -12.988 2.214   1.00 46.83 ? 7   GLN B NE2 1 
ATOM   785  N  N   . LEU B 1 8  ? 1.796   -8.502  4.275   1.00 33.10 ? 8   LEU B N   1 
ATOM   786  C  CA  . LEU B 1 8  ? 1.203   -7.227  3.894   1.00 30.15 ? 8   LEU B CA  1 
ATOM   787  C  C   . LEU B 1 8  ? 2.301   -6.160  3.809   1.00 27.16 ? 8   LEU B C   1 
ATOM   788  O  O   . LEU B 1 8  ? 2.138   -5.214  3.066   1.00 26.35 ? 8   LEU B O   1 
ATOM   789  C  CB  . LEU B 1 8  ? 0.045   -6.770  4.812   1.00 29.11 ? 8   LEU B CB  1 
ATOM   790  C  CG  . LEU B 1 8  ? -1.399  -7.269  4.619   1.00 29.61 ? 8   LEU B CG  1 
ATOM   791  C  CD1 . LEU B 1 8  ? -2.318  -6.703  5.739   1.00 29.06 ? 8   LEU B CD1 1 
ATOM   792  C  CD2 . LEU B 1 8  ? -1.988  -6.983  3.244   1.00 29.33 ? 8   LEU B CD2 1 
ATOM   793  N  N   . ASN B 1 9  ? 3.391   -6.328  4.560   1.00 25.68 ? 9   ASN B N   1 
ATOM   794  C  CA  . ASN B 1 9  ? 4.494   -5.365  4.519   1.00 25.07 ? 9   ASN B CA  1 
ATOM   795  C  C   . ASN B 1 9  ? 5.007   -5.247  3.092   1.00 23.95 ? 9   ASN B C   1 
ATOM   796  O  O   . ASN B 1 9  ? 5.096   -4.156  2.544   1.00 23.24 ? 9   ASN B O   1 
ATOM   797  C  CB  . ASN B 1 9  ? 5.675   -5.730  5.435   1.00 25.79 ? 9   ASN B CB  1 
ATOM   798  C  CG  . ASN B 1 9  ? 5.324   -5.766  6.926   1.00 26.53 ? 9   ASN B CG  1 
ATOM   799  O  OD1 . ASN B 1 9  ? 4.240   -5.393  7.363   1.00 25.17 ? 9   ASN B OD1 1 
ATOM   800  N  ND2 . ASN B 1 9  ? 6.274   -6.261  7.713   1.00 28.68 ? 9   ASN B ND2 1 
ATOM   801  N  N   . GLY B 1 10 ? 5.352   -6.387  2.499   1.00 22.67 ? 10  GLY B N   1 
ATOM   802  C  CA  . GLY B 1 10 ? 5.841   -6.423  1.120   1.00 21.45 ? 10  GLY B CA  1 
ATOM   803  C  C   . GLY B 1 10 ? 4.830   -5.995  0.075   1.00 20.34 ? 10  GLY B C   1 
ATOM   804  O  O   . GLY B 1 10 ? 5.181   -5.300  -0.845  1.00 19.62 ? 10  GLY B O   1 
ATOM   805  N  N   . ILE B 1 11 ? 3.574   -6.426  0.214   1.00 20.05 ? 11  ILE B N   1 
ATOM   806  C  CA  . ILE B 1 11 ? 2.482   -6.069  -0.689  1.00 19.93 ? 11  ILE B CA  1 
ATOM   807  C  C   . ILE B 1 11 ? 2.312   -4.541  -0.758  1.00 18.83 ? 11  ILE B C   1 
ATOM   808  O  O   . ILE B 1 11 ? 2.220   -3.945  -1.843  1.00 17.80 ? 11  ILE B O   1 
ATOM   809  C  CB  . ILE B 1 11 ? 1.145   -6.800  -0.277  1.00 20.02 ? 11  ILE B CB  1 
ATOM   810  C  CG1 . ILE B 1 11 ? 1.115   -8.227  -0.850  1.00 23.22 ? 11  ILE B CG1 1 
ATOM   811  C  CG2 . ILE B 1 11 ? -0.100  -6.017  -0.721  1.00 19.38 ? 11  ILE B CG2 1 
ATOM   812  C  CD1 . ILE B 1 11 ? -0.083  -9.094  -0.350  1.00 23.25 ? 11  ILE B CD1 1 
ATOM   813  N  N   . PHE B 1 12 ? 2.294   -3.912  0.414   1.00 18.72 ? 12  PHE B N   1 
ATOM   814  C  CA  . PHE B 1 12 ? 2.098   -2.464  0.458   1.00 18.09 ? 12  PHE B CA  1 
ATOM   815  C  C   . PHE B 1 12 ? 3.364   -1.719  0.089   1.00 17.40 ? 12  PHE B C   1 
ATOM   816  O  O   . PHE B 1 12 ? 3.284   -0.688  -0.531  1.00 16.79 ? 12  PHE B O   1 
ATOM   817  C  CB  . PHE B 1 12 ? 1.606   -2.015  1.831   1.00 18.52 ? 12  PHE B CB  1 
ATOM   818  C  CG  . PHE B 1 12 ? 0.145   -2.291  2.063   1.00 15.36 ? 12  PHE B CG  1 
ATOM   819  C  CD1 . PHE B 1 12 ? -0.808  -1.830  1.175   1.00 18.19 ? 12  PHE B CD1 1 
ATOM   820  C  CD2 . PHE B 1 12 ? -0.249  -3.003  3.174   1.00 19.38 ? 12  PHE B CD2 1 
ATOM   821  C  CE1 . PHE B 1 12 ? -2.162  -2.103  1.394   1.00 19.24 ? 12  PHE B CE1 1 
ATOM   822  C  CE2 . PHE B 1 12 ? -1.583  -3.267  3.414   1.00 18.67 ? 12  PHE B CE2 1 
ATOM   823  C  CZ  . PHE B 1 12 ? -2.532  -2.815  2.533   1.00 18.92 ? 12  PHE B CZ  1 
ATOM   824  N  N   . GLN B 1 13 ? 4.522   -2.233  0.484   1.00 18.47 ? 13  GLN B N   1 
ATOM   825  C  CA  . GLN B 1 13 ? 5.782   -1.613  0.037   1.00 18.01 ? 13  GLN B CA  1 
ATOM   826  C  C   . GLN B 1 13 ? 5.868   -1.629  -1.494  1.00 17.27 ? 13  GLN B C   1 
ATOM   827  O  O   . GLN B 1 13 ? 6.325   -0.661  -2.103  1.00 16.21 ? 13  GLN B O   1 
ATOM   828  C  CB  . GLN B 1 13 ? 6.993   -2.284  0.702   1.00 19.16 ? 13  GLN B CB  1 
ATOM   829  C  CG  . GLN B 1 13 ? 8.355   -1.618  0.369   1.00 21.49 ? 13  GLN B CG  1 
ATOM   830  C  CD  . GLN B 1 13 ? 8.442   -0.214  0.892   1.00 21.89 ? 13  GLN B CD  1 
ATOM   831  O  OE1 . GLN B 1 13 ? 8.450   -0.008  2.094   1.00 28.22 ? 13  GLN B OE1 1 
ATOM   832  N  NE2 . GLN B 1 13 ? 8.466   0.763   0.002   1.00 24.69 ? 13  GLN B NE2 1 
ATOM   833  N  N   . ALA B 1 14 ? 5.391   -2.703  -2.136  1.00 16.24 ? 14  ALA B N   1 
ATOM   834  C  CA  . ALA B 1 14 ? 5.385   -2.728  -3.600  1.00 16.01 ? 14  ALA B CA  1 
ATOM   835  C  C   . ALA B 1 14 ? 4.567   -1.571  -4.183  1.00 15.63 ? 14  ALA B C   1 
ATOM   836  O  O   . ALA B 1 14 ? 4.976   -0.925  -5.140  1.00 15.64 ? 14  ALA B O   1 
ATOM   837  C  CB  . ALA B 1 14 ? 4.869   -4.047  -4.132  1.00 15.51 ? 14  ALA B CB  1 
ATOM   838  N  N   . LEU B 1 15 ? 3.408   -1.329  -3.582  1.00 15.42 ? 15  LEU B N   1 
ATOM   839  C  CA  . LEU B 1 15 ? 2.456   -0.324  -4.039  1.00 16.02 ? 15  LEU B CA  1 
ATOM   840  C  C   . LEU B 1 15 ? 2.933   1.120   -3.753  1.00 15.61 ? 15  LEU B C   1 
ATOM   841  O  O   . LEU B 1 15 ? 2.343   2.085   -4.239  1.00 16.13 ? 15  LEU B O   1 
ATOM   842  C  CB  . LEU B 1 15 ? 1.104   -0.586  -3.354  1.00 15.01 ? 15  LEU B CB  1 
ATOM   843  C  CG  . LEU B 1 15 ? 0.337   -1.839  -3.820  1.00 15.92 ? 15  LEU B CG  1 
ATOM   844  C  CD1 . LEU B 1 15 ? -1.116  -1.864  -3.287  1.00 15.85 ? 15  LEU B CD1 1 
ATOM   845  C  CD2 . LEU B 1 15 ? 0.380   -1.992  -5.359  1.00 16.64 ? 15  LEU B CD2 1 
ATOM   846  N  N   . ALA B 1 16 ? 3.994   1.270   -2.964  1.00 16.52 ? 16  ALA B N   1 
ATOM   847  C  CA  . ALA B 1 16 ? 4.459   2.630   -2.632  1.00 16.47 ? 16  ALA B CA  1 
ATOM   848  C  C   . ALA B 1 16 ? 5.183   3.311   -3.802  1.00 17.37 ? 16  ALA B C   1 
ATOM   849  O  O   . ALA B 1 16 ? 5.399   4.532   -3.781  1.00 17.19 ? 16  ALA B O   1 
ATOM   850  C  CB  . ALA B 1 16 ? 5.332   2.605   -1.372  1.00 15.98 ? 16  ALA B CB  1 
ATOM   851  N  N   . ASP B 1 17 ? 5.564   2.527   -4.814  1.00 17.67 ? 17  ASP B N   1 
ATOM   852  C  CA  . ASP B 1 17 ? 6.299   3.060   -5.979  1.00 18.08 ? 17  ASP B CA  1 
ATOM   853  C  C   . ASP B 1 17 ? 5.367   3.230   -7.159  1.00 18.56 ? 17  ASP B C   1 
ATOM   854  O  O   . ASP B 1 17 ? 4.658   2.293   -7.480  1.00 18.15 ? 17  ASP B O   1 
ATOM   855  C  CB  . ASP B 1 17 ? 7.437   2.110   -6.385  1.00 17.32 ? 17  ASP B CB  1 
ATOM   856  C  CG  . ASP B 1 17 ? 8.195   2.613   -7.594  1.00 19.04 ? 17  ASP B CG  1 
ATOM   857  O  OD1 . ASP B 1 17 ? 9.148   3.422   -7.441  1.00 17.96 ? 17  ASP B OD1 1 
ATOM   858  O  OD2 . ASP B 1 17 ? 7.813   2.240   -8.724  1.00 15.70 ? 17  ASP B OD2 1 
ATOM   859  N  N   . PRO B 1 18 ? 5.418   4.394   -7.852  1.00 18.88 ? 18  PRO B N   1 
ATOM   860  C  CA  . PRO B 1 18 ? 4.557   4.645   -9.007  1.00 19.07 ? 18  PRO B CA  1 
ATOM   861  C  C   . PRO B 1 18 ? 4.825   3.790   -10.258 1.00 19.46 ? 18  PRO B C   1 
ATOM   862  O  O   . PRO B 1 18 ? 3.877   3.458   -10.983 1.00 18.41 ? 18  PRO B O   1 
ATOM   863  C  CB  . PRO B 1 18 ? 4.824   6.120   -9.321  1.00 20.09 ? 18  PRO B CB  1 
ATOM   864  C  CG  . PRO B 1 18 ? 6.181   6.370   -8.852  1.00 19.20 ? 18  PRO B CG  1 
ATOM   865  C  CD  . PRO B 1 18 ? 6.299   5.555   -7.579  1.00 19.45 ? 18  PRO B CD  1 
ATOM   866  N  N   . THR B 1 19 ? 6.095   3.460   -10.507 1.00 19.04 ? 19  THR B N   1 
ATOM   867  C  CA  . THR B 1 19 ? 6.452   2.581   -11.602 1.00 18.97 ? 19  THR B CA  1 
ATOM   868  C  C   . THR B 1 19 ? 5.827   1.218   -11.369 1.00 18.66 ? 19  THR B C   1 
ATOM   869  O  O   . THR B 1 19 ? 5.241   0.643   -12.288 1.00 18.42 ? 19  THR B O   1 
ATOM   870  C  CB  . THR B 1 19 ? 7.981   2.443   -11.801 1.00 19.68 ? 19  THR B CB  1 
ATOM   871  O  OG1 . THR B 1 19 ? 8.544   3.741   -11.980 1.00 19.93 ? 19  THR B OG1 1 
ATOM   872  C  CG2 . THR B 1 19 ? 8.261   1.651   -13.084 1.00 20.62 ? 19  THR B CG2 1 
ATOM   873  N  N   . ARG B 1 20 ? 5.906   0.731   -10.131 1.00 17.52 ? 20  ARG B N   1 
ATOM   874  C  CA  . ARG B 1 20 ? 5.351   -0.567  -9.815  1.00 17.62 ? 20  ARG B CA  1 
ATOM   875  C  C   . ARG B 1 20 ? 3.823   -0.601  -9.934  1.00 17.47 ? 20  ARG B C   1 
ATOM   876  O  O   . ARG B 1 20 ? 3.249   -1.549  -10.506 1.00 16.65 ? 20  ARG B O   1 
ATOM   877  C  CB  . ARG B 1 20 ? 5.839   -1.042  -8.444  1.00 17.64 ? 20  ARG B CB  1 
ATOM   878  C  CG  . ARG B 1 20 ? 7.335   -1.364  -8.446  1.00 18.62 ? 20  ARG B CG  1 
ATOM   879  C  CD  . ARG B 1 20 ? 7.750   -2.177  -7.246  1.00 19.89 ? 20  ARG B CD  1 
ATOM   880  N  NE  . ARG B 1 20 ? 7.629   -1.488  -5.963  1.00 19.31 ? 20  ARG B NE  1 
ATOM   881  C  CZ  . ARG B 1 20 ? 8.651   -0.955  -5.291  1.00 21.70 ? 20  ARG B CZ  1 
ATOM   882  N  NH1 . ARG B 1 20 ? 8.450   -0.380  -4.095  1.00 17.43 ? 20  ARG B NH1 1 
ATOM   883  N  NH2 . ARG B 1 20 ? 9.880   -0.963  -5.820  1.00 19.25 ? 20  ARG B NH2 1 
ATOM   884  N  N   . ARG B 1 21 ? 3.173   0.431   -9.393  1.00 16.34 ? 21  ARG B N   1 
ATOM   885  C  CA  . ARG B 1 21 ? 1.717   0.633   -9.643  1.00 16.44 ? 21  ARG B CA  1 
ATOM   886  C  C   . ARG B 1 21 ? 1.300   0.645   -11.129 1.00 16.30 ? 21  ARG B C   1 
ATOM   887  O  O   . ARG B 1 21 ? 0.338   -0.016  -11.485 1.00 15.54 ? 21  ARG B O   1 
ATOM   888  C  CB  . ARG B 1 21 ? 1.215   1.871   -8.899  1.00 15.45 ? 21  ARG B CB  1 
ATOM   889  C  CG  . ARG B 1 21 ? 1.197   1.676   -7.372  1.00 16.75 ? 21  ARG B CG  1 
ATOM   890  C  CD  . ARG B 1 21 ? 0.261   2.705   -6.692  1.00 17.08 ? 21  ARG B CD  1 
ATOM   891  N  NE  . ARG B 1 21 ? 0.546   4.064   -7.177  1.00 14.65 ? 21  ARG B NE  1 
ATOM   892  C  CZ  . ARG B 1 21 ? 1.492   4.849   -6.672  1.00 18.17 ? 21  ARG B CZ  1 
ATOM   893  N  NH1 . ARG B 1 21 ? 2.233   4.446   -5.626  1.00 16.64 ? 21  ARG B NH1 1 
ATOM   894  N  NH2 . ARG B 1 21 ? 1.693   6.052   -7.204  1.00 18.42 ? 21  ARG B NH2 1 
ATOM   895  N  N   . ALA B 1 22 ? 2.047   1.346   -11.986 1.00 16.80 ? 22  ALA B N   1 
ATOM   896  C  CA  . ALA B 1 22 ? 1.742   1.409   -13.426 1.00 17.71 ? 22  ALA B CA  1 
ATOM   897  C  C   . ALA B 1 22 ? 1.953   0.068   -14.104 1.00 18.27 ? 22  ALA B C   1 
ATOM   898  O  O   . ALA B 1 22 ? 1.179   -0.303  -14.998 1.00 17.93 ? 22  ALA B O   1 
ATOM   899  C  CB  . ALA B 1 22 ? 2.549   2.457   -14.117 1.00 18.46 ? 22  ALA B CB  1 
ATOM   900  N  N   . VAL B 1 23 ? 2.983   -0.667  -13.676 1.00 17.71 ? 23  VAL B N   1 
ATOM   901  C  CA  . VAL B 1 23 ? 3.205   -2.043  -14.189 1.00 18.44 ? 23  VAL B CA  1 
ATOM   902  C  C   . VAL B 1 23 ? 2.051   -2.953  -13.805 1.00 18.41 ? 23  VAL B C   1 
ATOM   903  O  O   . VAL B 1 23 ? 1.562   -3.730  -14.642 1.00 19.44 ? 23  VAL B O   1 
ATOM   904  C  CB  . VAL B 1 23 ? 4.572   -2.611  -13.696 1.00 18.52 ? 23  VAL B CB  1 
ATOM   905  C  CG1 . VAL B 1 23 ? 4.655   -4.159  -13.870 1.00 17.10 ? 23  VAL B CG1 1 
ATOM   906  C  CG2 . VAL B 1 23 ? 5.728   -1.884  -14.442 1.00 17.95 ? 23  VAL B CG2 1 
ATOM   907  N  N   . LEU B 1 24 ? 1.570   -2.840  -12.569 1.00 19.10 ? 24  LEU B N   1 
ATOM   908  C  CA  . LEU B 1 24 ? 0.428   -3.654  -12.131 1.00 19.60 ? 24  LEU B CA  1 
ATOM   909  C  C   . LEU B 1 24 ? -0.844  -3.256  -12.899 1.00 20.29 ? 24  LEU B C   1 
ATOM   910  O  O   . LEU B 1 24 ? -1.633  -4.104  -13.246 1.00 20.11 ? 24  LEU B O   1 
ATOM   911  C  CB  . LEU B 1 24 ? 0.210   -3.592  -10.606 1.00 19.22 ? 24  LEU B CB  1 
ATOM   912  C  CG  . LEU B 1 24 ? 1.279   -4.238  -9.720  1.00 19.74 ? 24  LEU B CG  1 
ATOM   913  C  CD1 . LEU B 1 24 ? 1.076   -3.798  -8.282  1.00 21.01 ? 24  LEU B CD1 1 
ATOM   914  C  CD2 . LEU B 1 24 ? 1.352   -5.783  -9.865  1.00 20.59 ? 24  LEU B CD2 1 
ATOM   915  N  N   . GLY B 1 25 ? -1.008  -1.974  -13.197 1.00 20.68 ? 25  GLY B N   1 
ATOM   916  C  CA  . GLY B 1 25 ? -2.078  -1.508  -14.093 1.00 22.25 ? 25  GLY B CA  1 
ATOM   917  C  C   . GLY B 1 25 ? -2.064  -2.198  -15.454 1.00 23.06 ? 25  GLY B C   1 
ATOM   918  O  O   . GLY B 1 25 ? -3.098  -2.703  -15.919 1.00 23.76 ? 25  GLY B O   1 
ATOM   919  N  N   . ARG B 1 26 ? -0.901  -2.221  -16.098 1.00 22.65 ? 26  ARG B N   1 
ATOM   920  C  CA  . ARG B 1 26 ? -0.758  -2.873  -17.413 1.00 23.16 ? 26  ARG B CA  1 
ATOM   921  C  C   . ARG B 1 26 ? -1.033  -4.372  -17.312 1.00 23.42 ? 26  ARG B C   1 
ATOM   922  O  O   . ARG B 1 26 ? -1.771  -4.910  -18.133 1.00 25.15 ? 26  ARG B O   1 
ATOM   923  C  CB  . ARG B 1 26 ? 0.623   -2.577  -18.038 1.00 22.30 ? 26  ARG B CB  1 
ATOM   924  C  CG  . ARG B 1 26 ? 0.992   -3.432  -19.274 1.00 24.39 ? 26  ARG B CG  1 
ATOM   925  C  CD  . ARG B 1 26 ? 0.097   -3.155  -20.480 1.00 27.76 ? 26  ARG B CD  1 
ATOM   926  N  NE  . ARG B 1 26 ? 0.455   -3.994  -21.629 1.00 30.51 ? 26  ARG B NE  1 
ATOM   927  C  CZ  . ARG B 1 26 ? -0.049  -5.200  -21.875 1.00 31.18 ? 26  ARG B CZ  1 
ATOM   928  N  NH1 . ARG B 1 26 ? -0.956  -5.750  -21.070 1.00 31.32 ? 26  ARG B NH1 1 
ATOM   929  N  NH2 . ARG B 1 26 ? 0.364   -5.862  -22.948 1.00 34.13 ? 26  ARG B NH2 1 
ATOM   930  N  N   . LEU B 1 27 ? -0.481  -5.034  -16.297 1.00 23.53 ? 27  LEU B N   1 
ATOM   931  C  CA  . LEU B 1 27 ? -0.679  -6.478  -16.123 1.00 23.87 ? 27  LEU B CA  1 
ATOM   932  C  C   . LEU B 1 27 ? -2.112  -6.855  -15.774 1.00 25.19 ? 27  LEU B C   1 
ATOM   933  O  O   . LEU B 1 27 ? -2.528  -8.002  -15.972 1.00 24.79 ? 27  LEU B O   1 
ATOM   934  C  CB  . LEU B 1 27 ? 0.270   -7.031  -15.060 1.00 23.48 ? 27  LEU B CB  1 
ATOM   935  C  CG  . LEU B 1 27 ? 1.736   -7.080  -15.503 1.00 21.25 ? 27  LEU B CG  1 
ATOM   936  C  CD1 . LEU B 1 27 ? 2.586   -7.537  -14.319 1.00 20.86 ? 27  LEU B CD1 1 
ATOM   937  C  CD2 . LEU B 1 27 ? 1.930   -8.027  -16.739 1.00 21.76 ? 27  LEU B CD2 1 
ATOM   938  N  N   . SER B 1 28 ? -2.847  -5.917  -15.184 1.00 25.48 ? 28  SER B N   1 
ATOM   939  C  CA  . SER B 1 28 ? -4.287  -6.105  -15.006 1.00 26.76 ? 28  SER B CA  1 
ATOM   940  C  C   . SER B 1 28 ? -5.033  -6.284  -16.337 1.00 27.81 ? 28  SER B C   1 
ATOM   941  O  O   . SER B 1 28 ? -6.067  -6.923  -16.364 1.00 28.86 ? 28  SER B O   1 
ATOM   942  C  CB  . SER B 1 28 ? -4.895  -4.946  -14.209 1.00 26.11 ? 28  SER B CB  1 
ATOM   943  O  OG  . SER B 1 28 ? -4.593  -5.114  -12.844 1.00 25.23 ? 28  SER B OG  1 
ATOM   944  N  N   . ARG B 1 29 ? -4.523  -5.712  -17.420 1.00 28.94 ? 29  ARG B N   1 
ATOM   945  C  CA  . ARG B 1 29 ? -5.128  -5.877  -18.754 1.00 30.70 ? 29  ARG B CA  1 
ATOM   946  C  C   . ARG B 1 29 ? -4.774  -7.222  -19.423 1.00 31.27 ? 29  ARG B C   1 
ATOM   947  O  O   . ARG B 1 29 ? -5.401  -7.604  -20.422 1.00 31.07 ? 29  ARG B O   1 
ATOM   948  C  CB  . ARG B 1 29 ? -4.743  -4.726  -19.679 1.00 31.02 ? 29  ARG B CB  1 
ATOM   949  C  CG  . ARG B 1 29 ? -5.167  -3.327  -19.224 1.00 32.83 ? 29  ARG B CG  1 
ATOM   950  C  CD  . ARG B 1 29 ? -4.440  -2.261  -20.038 1.00 38.69 ? 29  ARG B CD  1 
ATOM   951  N  NE  . ARG B 1 29 ? -5.142  -0.974  -20.027 1.00 43.83 ? 29  ARG B NE  1 
ATOM   952  C  CZ  . ARG B 1 29 ? -4.946  -0.001  -19.134 1.00 46.70 ? 29  ARG B CZ  1 
ATOM   953  N  NH1 . ARG B 1 29 ? -4.057  -0.141  -18.152 1.00 48.67 ? 29  ARG B NH1 1 
ATOM   954  N  NH2 . ARG B 1 29 ? -5.646  1.127   -19.224 1.00 47.58 ? 29  ARG B NH2 1 
ATOM   955  N  N   . GLY B 1 30 ? -3.784  -7.928  -18.867 1.00 31.13 ? 30  GLY B N   1 
ATOM   956  C  CA  . GLY B 1 30 ? -3.292  -9.198  -19.422 1.00 30.69 ? 30  GLY B CA  1 
ATOM   957  C  C   . GLY B 1 30 ? -1.775  -9.374  -19.294 1.00 30.23 ? 30  GLY B C   1 
ATOM   958  O  O   . GLY B 1 30 ? -1.048  -8.391  -19.051 1.00 30.02 ? 30  GLY B O   1 
ATOM   959  N  N   . PRO B 1 31 ? -1.279  -10.618 -19.489 1.00 29.64 ? 31  PRO B N   1 
ATOM   960  C  CA  . PRO B 1 31 ? 0.138   -10.823 -19.197 1.00 28.47 ? 31  PRO B CA  1 
ATOM   961  C  C   . PRO B 1 31 ? 0.978   -10.066 -20.196 1.00 27.34 ? 31  PRO B C   1 
ATOM   962  O  O   . PRO B 1 31 ? 0.477   -9.639  -21.234 1.00 26.70 ? 31  PRO B O   1 
ATOM   963  C  CB  . PRO B 1 31 ? 0.338   -12.345 -19.357 1.00 28.74 ? 31  PRO B CB  1 
ATOM   964  C  CG  . PRO B 1 31 ? -1.033  -12.941 -19.514 1.00 29.96 ? 31  PRO B CG  1 
ATOM   965  C  CD  . PRO B 1 31 ? -1.911  -11.839 -20.039 1.00 29.76 ? 31  PRO B CD  1 
ATOM   966  N  N   . ALA B 1 32 ? 2.254   -9.880  -19.878 1.00 25.86 ? 32  ALA B N   1 
ATOM   967  C  CA  . ALA B 1 32 ? 3.134   -9.135  -20.748 1.00 24.63 ? 32  ALA B CA  1 
ATOM   968  C  C   . ALA B 1 32 ? 4.576   -9.494  -20.453 1.00 23.46 ? 32  ALA B C   1 
ATOM   969  O  O   . ALA B 1 32 ? 4.917   -9.858  -19.323 1.00 22.76 ? 32  ALA B O   1 
ATOM   970  C  CB  . ALA B 1 32 ? 2.910   -7.601  -20.580 1.00 24.24 ? 32  ALA B CB  1 
ATOM   971  N  N   . THR B 1 33 ? 5.416   -9.394  -21.476 1.00 23.19 ? 33  THR B N   1 
ATOM   972  C  CA  . THR B 1 33 ? 6.839   -9.619  -21.303 1.00 23.40 ? 33  THR B CA  1 
ATOM   973  C  C   . THR B 1 33 ? 7.438   -8.400  -20.604 1.00 23.66 ? 33  THR B C   1 
ATOM   974  O  O   . THR B 1 33 ? 6.876   -7.294  -20.661 1.00 23.25 ? 33  THR B O   1 
ATOM   975  C  CB  . THR B 1 33 ? 7.578   -9.891  -22.618 1.00 23.61 ? 33  THR B CB  1 
ATOM   976  O  OG1 . THR B 1 33 ? 7.534   -8.719  -23.446 1.00 23.89 ? 33  THR B OG1 1 
ATOM   977  C  CG2 . THR B 1 33 ? 6.941   -11.080 -23.364 1.00 24.91 ? 33  THR B CG2 1 
ATOM   978  N  N   . VAL B 1 34 ? 8.563   -8.611  -19.933 1.00 23.42 ? 34  VAL B N   1 
ATOM   979  C  CA  . VAL B 1 34 ? 9.331   -7.506  -19.368 1.00 23.30 ? 34  VAL B CA  1 
ATOM   980  C  C   . VAL B 1 34 ? 9.595   -6.428  -20.435 1.00 23.27 ? 34  VAL B C   1 
ATOM   981  O  O   . VAL B 1 34 ? 9.437   -5.258  -20.158 1.00 23.42 ? 34  VAL B O   1 
ATOM   982  C  CB  . VAL B 1 34 ? 10.659  -8.008  -18.803 1.00 22.89 ? 34  VAL B CB  1 
ATOM   983  C  CG1 . VAL B 1 34 ? 11.502  -6.852  -18.383 1.00 24.20 ? 34  VAL B CG1 1 
ATOM   984  C  CG2 . VAL B 1 34 ? 10.411  -9.000  -17.631 1.00 21.73 ? 34  VAL B CG2 1 
ATOM   985  N  N   . SER B 1 35 ? 10.014  -6.832  -21.640 1.00 24.01 ? 35  SER B N   1 
ATOM   986  C  CA  . SER B 1 35 ? 10.247  -5.888  -22.735 1.00 24.82 ? 35  SER B CA  1 
ATOM   987  C  C   . SER B 1 35 ? 9.048   -4.993  -23.012 1.00 24.99 ? 35  SER B C   1 
ATOM   988  O  O   . SER B 1 35 ? 9.212   -3.788  -23.179 1.00 24.94 ? 35  SER B O   1 
ATOM   989  C  CB  . SER B 1 35 ? 10.673  -6.632  -24.010 1.00 25.75 ? 35  SER B CB  1 
ATOM   990  O  OG  . SER B 1 35 ? 11.890  -7.327  -23.726 1.00 28.66 ? 35  SER B OG  1 
ATOM   991  N  N   . GLU B 1 36 ? 7.857   -5.589  -23.074 1.00 25.08 ? 36  GLU B N   1 
ATOM   992  C  CA  . GLU B 1 36 ? 6.591   -4.852  -23.282 1.00 26.80 ? 36  GLU B CA  1 
ATOM   993  C  C   . GLU B 1 36 ? 6.324   -3.912  -22.112 1.00 25.18 ? 36  GLU B C   1 
ATOM   994  O  O   . GLU B 1 36 ? 5.999   -2.748  -22.317 1.00 25.45 ? 36  GLU B O   1 
ATOM   995  C  CB  . GLU B 1 36 ? 5.396   -5.811  -23.377 1.00 26.78 ? 36  GLU B CB  1 
ATOM   996  C  CG  . GLU B 1 36 ? 5.418   -6.776  -24.567 1.00 30.66 ? 36  GLU B CG  1 
ATOM   997  C  CD  . GLU B 1 36 ? 4.127   -7.610  -24.672 1.00 30.96 ? 36  GLU B CD  1 
ATOM   998  O  OE1 . GLU B 1 36 ? 3.148   -7.100  -25.259 1.00 39.14 ? 36  GLU B OE1 1 
ATOM   999  O  OE2 . GLU B 1 36 ? 4.077   -8.767  -24.189 1.00 33.21 ? 36  GLU B OE2 1 
ATOM   1000 N  N   . LEU B 1 37 ? 6.472   -4.426  -20.893 1.00 23.72 ? 37  LEU B N   1 
ATOM   1001 C  CA  . LEU B 1 37 ? 6.235   -3.620  -19.675 1.00 22.61 ? 37  LEU B CA  1 
ATOM   1002 C  C   . LEU B 1 37 ? 7.194   -2.439  -19.541 1.00 22.73 ? 37  LEU B C   1 
ATOM   1003 O  O   . LEU B 1 37 ? 6.814   -1.384  -19.029 1.00 22.00 ? 37  LEU B O   1 
ATOM   1004 C  CB  . LEU B 1 37 ? 6.329   -4.493  -18.425 1.00 21.52 ? 37  LEU B CB  1 
ATOM   1005 C  CG  . LEU B 1 37 ? 5.333   -5.633  -18.275 1.00 21.76 ? 37  LEU B CG  1 
ATOM   1006 C  CD1 . LEU B 1 37 ? 5.739   -6.541  -17.132 1.00 20.64 ? 37  LEU B CD1 1 
ATOM   1007 C  CD2 . LEU B 1 37 ? 3.901   -5.059  -18.070 1.00 19.16 ? 37  LEU B CD2 1 
ATOM   1008 N  N   . ALA B 1 38 ? 8.441   -2.621  -19.987 1.00 22.87 ? 38  ALA B N   1 
ATOM   1009 C  CA  . ALA B 1 38 ? 9.469   -1.588  -19.833 1.00 24.02 ? 38  ALA B CA  1 
ATOM   1010 C  C   . ALA B 1 38 ? 9.220   -0.404  -20.765 1.00 25.30 ? 38  ALA B C   1 
ATOM   1011 O  O   . ALA B 1 38 ? 9.673   0.702   -20.495 1.00 25.71 ? 38  ALA B O   1 
ATOM   1012 C  CB  . ALA B 1 38 ? 10.851  -2.177  -20.098 1.00 24.13 ? 38  ALA B CB  1 
ATOM   1013 N  N   . LYS B 1 39 ? 8.517   -0.654  -21.862 1.00 26.17 ? 39  LYS B N   1 
ATOM   1014 C  CA  . LYS B 1 39 ? 8.334   0.349   -22.922 1.00 28.46 ? 39  LYS B CA  1 
ATOM   1015 C  C   . LYS B 1 39 ? 7.860   1.742   -22.513 1.00 28.59 ? 39  LYS B C   1 
ATOM   1016 O  O   . LYS B 1 39 ? 8.428   2.713   -22.998 1.00 29.47 ? 39  LYS B O   1 
ATOM   1017 C  CB  . LYS B 1 39 ? 7.479   -0.177  -24.079 1.00 28.81 ? 39  LYS B CB  1 
ATOM   1018 C  CG  . LYS B 1 39 ? 8.305   -0.631  -25.258 1.00 29.89 ? 39  LYS B CG  1 
ATOM   1019 C  CD  . LYS B 1 39 ? 7.451   -0.734  -26.528 1.00 34.79 ? 39  LYS B CD  1 
ATOM   1020 N  N   . PRO B 1 40 ? 6.822   1.856   -21.648 1.00 29.30 ? 40  PRO B N   1 
ATOM   1021 C  CA  . PRO B 1 40 ? 6.361   3.225   -21.341 1.00 29.62 ? 40  PRO B CA  1 
ATOM   1022 C  C   . PRO B 1 40 ? 7.322   4.108   -20.545 1.00 30.06 ? 40  PRO B C   1 
ATOM   1023 O  O   . PRO B 1 40 ? 7.120   5.323   -20.510 1.00 29.62 ? 40  PRO B O   1 
ATOM   1024 C  CB  . PRO B 1 40 ? 5.087   2.994   -20.525 1.00 30.01 ? 40  PRO B CB  1 
ATOM   1025 C  CG  . PRO B 1 40 ? 4.681   1.565   -20.811 1.00 29.22 ? 40  PRO B CG  1 
ATOM   1026 C  CD  . PRO B 1 40 ? 5.989   0.853   -20.960 1.00 28.99 ? 40  PRO B CD  1 
ATOM   1027 N  N   . PHE B 1 41 ? 8.342   3.522   -19.914 1.00 29.78 ? 41  PHE B N   1 
ATOM   1028 C  CA  . PHE B 1 41 ? 9.135   4.228   -18.905 1.00 30.64 ? 41  PHE B CA  1 
ATOM   1029 C  C   . PHE B 1 41 ? 10.495  4.637   -19.471 1.00 32.28 ? 41  PHE B C   1 
ATOM   1030 O  O   . PHE B 1 41 ? 11.090  3.885   -20.233 1.00 32.01 ? 41  PHE B O   1 
ATOM   1031 C  CB  . PHE B 1 41 ? 9.311   3.347   -17.663 1.00 29.98 ? 41  PHE B CB  1 
ATOM   1032 C  CG  . PHE B 1 41 ? 8.005   2.778   -17.136 1.00 27.73 ? 41  PHE B CG  1 
ATOM   1033 C  CD1 . PHE B 1 41 ? 7.133   3.575   -16.394 1.00 28.09 ? 41  PHE B CD1 1 
ATOM   1034 C  CD2 . PHE B 1 41 ? 7.633   1.456   -17.425 1.00 24.82 ? 41  PHE B CD2 1 
ATOM   1035 C  CE1 . PHE B 1 41 ? 5.893   3.055   -15.920 1.00 24.30 ? 41  PHE B CE1 1 
ATOM   1036 C  CE2 . PHE B 1 41 ? 6.416   0.916   -16.951 1.00 23.68 ? 41  PHE B CE2 1 
ATOM   1037 C  CZ  . PHE B 1 41 ? 5.545   1.727   -16.203 1.00 26.20 ? 41  PHE B CZ  1 
ATOM   1038 N  N   . ASP B 1 42 ? 10.973  5.829   -19.102 1.00 33.61 ? 42  ASP B N   1 
ATOM   1039 C  CA  . ASP B 1 42 ? 12.288  6.307   -19.538 1.00 35.07 ? 42  ASP B CA  1 
ATOM   1040 C  C   . ASP B 1 42 ? 13.360  5.893   -18.524 1.00 34.78 ? 42  ASP B C   1 
ATOM   1041 O  O   . ASP B 1 42 ? 14.034  6.717   -17.920 1.00 36.57 ? 42  ASP B O   1 
ATOM   1042 C  CB  . ASP B 1 42 ? 12.254  7.834   -19.736 1.00 36.30 ? 42  ASP B CB  1 
ATOM   1043 C  CG  . ASP B 1 42 ? 13.494  8.370   -20.471 1.00 39.39 ? 42  ASP B CG  1 
ATOM   1044 O  OD1 . ASP B 1 42 ? 14.477  7.615   -20.655 1.00 41.06 ? 42  ASP B OD1 1 
ATOM   1045 O  OD2 . ASP B 1 42 ? 13.488  9.565   -20.854 1.00 44.21 ? 42  ASP B OD2 1 
ATOM   1046 N  N   . MET B 1 43 ? 13.515  4.599   -18.325 1.00 33.79 ? 43  MET B N   1 
ATOM   1047 C  CA  . MET B 1 43 ? 14.304  4.114   -17.214 1.00 32.04 ? 43  MET B CA  1 
ATOM   1048 C  C   . MET B 1 43 ? 15.240  3.069   -17.784 1.00 32.37 ? 43  MET B C   1 
ATOM   1049 O  O   . MET B 1 43 ? 14.843  2.300   -18.666 1.00 31.79 ? 43  MET B O   1 
ATOM   1050 C  CB  . MET B 1 43 ? 13.351  3.513   -16.171 1.00 32.94 ? 43  MET B CB  1 
ATOM   1051 C  CG  . MET B 1 43 ? 13.966  3.104   -14.865 1.00 31.94 ? 43  MET B CG  1 
ATOM   1052 S  SD  . MET B 1 43 ? 12.762  2.258   -13.811 1.00 28.53 ? 43  MET B SD  1 
ATOM   1053 C  CE  . MET B 1 43 ? 11.679  3.642   -13.397 1.00 30.41 ? 43  MET B CE  1 
ATOM   1054 N  N   . ALA B 1 44 ? 16.484  3.068   -17.307 1.00 31.86 ? 44  ALA B N   1 
ATOM   1055 C  CA  . ALA B 1 44 ? 17.454  2.029   -17.639 1.00 32.35 ? 44  ALA B CA  1 
ATOM   1056 C  C   . ALA B 1 44 ? 16.870  0.650   -17.311 1.00 31.86 ? 44  ALA B C   1 
ATOM   1057 O  O   . ALA B 1 44 ? 16.296  0.471   -16.244 1.00 32.03 ? 44  ALA B O   1 
ATOM   1058 C  CB  . ALA B 1 44 ? 18.722  2.242   -16.839 1.00 32.57 ? 44  ALA B CB  1 
ATOM   1059 N  N   . LEU B 1 45 ? 17.035  -0.317  -18.207 1.00 31.45 ? 45  LEU B N   1 
ATOM   1060 C  CA  . LEU B 1 45 ? 16.535  -1.668  -17.956 1.00 31.08 ? 45  LEU B CA  1 
ATOM   1061 C  C   . LEU B 1 45 ? 16.915  -2.214  -16.581 1.00 30.46 ? 45  LEU B C   1 
ATOM   1062 O  O   . LEU B 1 45 ? 16.051  -2.779  -15.910 1.00 30.63 ? 45  LEU B O   1 
ATOM   1063 C  CB  . LEU B 1 45 ? 16.941  -2.677  -19.052 1.00 31.08 ? 45  LEU B CB  1 
ATOM   1064 C  CG  . LEU B 1 45 ? 16.011  -3.898  -19.156 1.00 31.70 ? 45  LEU B CG  1 
ATOM   1065 C  CD1 . LEU B 1 45 ? 14.552  -3.468  -19.333 1.00 30.86 ? 45  LEU B CD1 1 
ATOM   1066 C  CD2 . LEU B 1 45 ? 16.446  -4.812  -20.315 1.00 31.81 ? 45  LEU B CD2 1 
ATOM   1067 N  N   . PRO B 1 46 ? 18.198  -2.061  -16.153 1.00 30.16 ? 46  PRO B N   1 
ATOM   1068 C  CA  . PRO B 1 46 ? 18.555  -2.596  -14.833 1.00 29.53 ? 46  PRO B CA  1 
ATOM   1069 C  C   . PRO B 1 46 ? 17.713  -2.024  -13.685 1.00 28.68 ? 46  PRO B C   1 
ATOM   1070 O  O   . PRO B 1 46 ? 17.287  -2.777  -12.806 1.00 28.81 ? 46  PRO B O   1 
ATOM   1071 C  CB  . PRO B 1 46 ? 20.035  -2.202  -14.683 1.00 29.47 ? 46  PRO B CB  1 
ATOM   1072 C  CG  . PRO B 1 46 ? 20.522  -2.056  -16.046 1.00 30.03 ? 46  PRO B CG  1 
ATOM   1073 C  CD  . PRO B 1 46 ? 19.378  -1.444  -16.799 1.00 30.51 ? 46  PRO B CD  1 
ATOM   1074 N  N   . SER B 1 47 ? 17.483  -0.713  -13.689 1.00 28.04 ? 47  SER B N   1 
ATOM   1075 C  CA  . SER B 1 47 ? 16.566  -0.107  -12.724 1.00 27.22 ? 47  SER B CA  1 
ATOM   1076 C  C   . SER B 1 47 ? 15.150  -0.675  -12.874 1.00 25.78 ? 47  SER B C   1 
ATOM   1077 O  O   . SER B 1 47 ? 14.511  -1.008  -11.875 1.00 24.68 ? 47  SER B O   1 
ATOM   1078 C  CB  . SER B 1 47 ? 16.544  1.414   -12.849 1.00 27.23 ? 47  SER B CB  1 
ATOM   1079 O  OG  . SER B 1 47 ? 17.840  1.947   -12.662 1.00 31.85 ? 47  SER B OG  1 
ATOM   1080 N  N   . PHE B 1 48 ? 14.668  -0.807  -14.109 1.00 24.13 ? 48  PHE B N   1 
ATOM   1081 C  CA  . PHE B 1 48 ? 13.329  -1.386  -14.319 1.00 23.19 ? 48  PHE B CA  1 
ATOM   1082 C  C   . PHE B 1 48 ? 13.191  -2.820  -13.793 1.00 23.64 ? 48  PHE B C   1 
ATOM   1083 O  O   . PHE B 1 48 ? 12.206  -3.163  -13.107 1.00 21.97 ? 48  PHE B O   1 
ATOM   1084 C  CB  . PHE B 1 48 ? 12.908  -1.323  -15.792 1.00 22.80 ? 48  PHE B CB  1 
ATOM   1085 C  CG  . PHE B 1 48 ? 11.468  -1.716  -16.006 1.00 21.24 ? 48  PHE B CG  1 
ATOM   1086 C  CD1 . PHE B 1 48 ? 10.440  -0.864  -15.596 1.00 20.59 ? 48  PHE B CD1 1 
ATOM   1087 C  CD2 . PHE B 1 48 ? 11.144  -2.948  -16.582 1.00 19.40 ? 48  PHE B CD2 1 
ATOM   1088 C  CE1 . PHE B 1 48 ? 9.093   -1.230  -15.762 1.00 22.32 ? 48  PHE B CE1 1 
ATOM   1089 C  CE2 . PHE B 1 48 ? 9.817   -3.328  -16.759 1.00 18.90 ? 48  PHE B CE2 1 
ATOM   1090 C  CZ  . PHE B 1 48 ? 8.780   -2.480  -16.355 1.00 20.60 ? 48  PHE B CZ  1 
ATOM   1091 N  N   . MET B 1 49 ? 14.174  -3.655  -14.125 1.00 22.84 ? 49  MET B N   1 
ATOM   1092 C  CA  . MET B 1 49 ? 14.221  -5.053  -13.668 1.00 23.91 ? 49  MET B CA  1 
ATOM   1093 C  C   . MET B 1 49 ? 14.104  -5.205  -12.159 1.00 22.77 ? 49  MET B C   1 
ATOM   1094 O  O   . MET B 1 49 ? 13.524  -6.169  -11.658 1.00 22.60 ? 49  MET B O   1 
ATOM   1095 C  CB  . MET B 1 49 ? 15.531  -5.719  -14.099 1.00 24.56 ? 49  MET B CB  1 
ATOM   1096 C  CG  . MET B 1 49 ? 15.674  -5.836  -15.576 1.00 29.32 ? 49  MET B CG  1 
ATOM   1097 S  SD  . MET B 1 49 ? 14.234  -6.703  -16.156 1.00 36.56 ? 49  MET B SD  1 
ATOM   1098 C  CE  . MET B 1 49 ? 14.659  -8.428  -15.905 1.00 34.86 ? 49  MET B CE  1 
ATOM   1099 N  N   . LYS B 1 50 ? 14.714  -4.273  -11.448 1.00 22.25 ? 50  LYS B N   1 
ATOM   1100 C  CA  . LYS B 1 50 ? 14.641  -4.241  -10.006 1.00 22.03 ? 50  LYS B CA  1 
ATOM   1101 C  C   . LYS B 1 50 ? 13.203  -4.013  -9.483  1.00 20.71 ? 50  LYS B C   1 
ATOM   1102 O  O   . LYS B 1 50 ? 12.823  -4.573  -8.451  1.00 19.65 ? 50  LYS B O   1 
ATOM   1103 C  CB  . LYS B 1 50 ? 15.599  -3.186  -9.479  1.00 22.62 ? 50  LYS B CB  1 
ATOM   1104 C  CG  . LYS B 1 50 ? 17.063  -3.604  -9.669  1.00 24.84 ? 50  LYS B CG  1 
ATOM   1105 N  N   . HIS B 1 51 ? 12.418  -3.213  -10.197 1.00 20.03 ? 51  HIS B N   1 
ATOM   1106 C  CA  . HIS B 1 51 ? 10.975  -3.079  -9.897  1.00 19.12 ? 51  HIS B CA  1 
ATOM   1107 C  C   . HIS B 1 51 ? 10.233  -4.389  -10.165 1.00 18.66 ? 51  HIS B C   1 
ATOM   1108 O  O   . HIS B 1 51 ? 9.396   -4.833  -9.348  1.00 17.46 ? 51  HIS B O   1 
ATOM   1109 C  CB  . HIS B 1 51 ? 10.364  -1.923  -10.703 1.00 19.61 ? 51  HIS B CB  1 
ATOM   1110 C  CG  . HIS B 1 51 ? 10.804  -0.571  -10.217 1.00 19.00 ? 51  HIS B CG  1 
ATOM   1111 N  ND1 . HIS B 1 51 ? 10.729  -0.215  -8.892  1.00 17.76 ? 51  HIS B ND1 1 
ATOM   1112 C  CD2 . HIS B 1 51 ? 11.348  0.486   -10.862 1.00 21.38 ? 51  HIS B CD2 1 
ATOM   1113 C  CE1 . HIS B 1 51 ? 11.217  1.004   -8.734  1.00 21.44 ? 51  HIS B CE1 1 
ATOM   1114 N  NE2 . HIS B 1 51 ? 11.589  1.457   -9.918  1.00 23.08 ? 51  HIS B NE2 1 
ATOM   1115 N  N   . ILE B 1 52 ? 10.563  -5.029  -11.287 1.00 17.49 ? 52  ILE B N   1 
ATOM   1116 C  CA  . ILE B 1 52 ? 9.948   -6.318  -11.645 1.00 18.05 ? 52  ILE B CA  1 
ATOM   1117 C  C   . ILE B 1 52 ? 10.271  -7.372  -10.579 1.00 18.51 ? 52  ILE B C   1 
ATOM   1118 O  O   . ILE B 1 52 ? 9.399   -8.107  -10.096 1.00 19.21 ? 52  ILE B O   1 
ATOM   1119 C  CB  . ILE B 1 52 ? 10.395  -6.833  -13.067 1.00 17.44 ? 52  ILE B CB  1 
ATOM   1120 C  CG1 . ILE B 1 52 ? 9.928   -5.902  -14.182 1.00 16.87 ? 52  ILE B CG1 1 
ATOM   1121 C  CG2 . ILE B 1 52 ? 9.818   -8.229  -13.360 1.00 16.77 ? 52  ILE B CG2 1 
ATOM   1122 C  CD1 . ILE B 1 52 ? 8.386   -5.735  -14.241 1.00 15.24 ? 52  ILE B CD1 1 
ATOM   1123 N  N   . HIS B 1 53 ? 11.554  -7.429  -10.226 1.00 19.76 ? 53  HIS B N   1 
ATOM   1124 C  CA  . HIS B 1 53 ? 12.060  -8.343  -9.221  1.00 20.66 ? 53  HIS B CA  1 
ATOM   1125 C  C   . HIS B 1 53 ? 11.375  -8.150  -7.872  1.00 20.01 ? 53  HIS B C   1 
ATOM   1126 O  O   . HIS B 1 53 ? 10.983  -9.135  -7.275  1.00 20.41 ? 53  HIS B O   1 
ATOM   1127 C  CB  . HIS B 1 53 ? 13.581  -8.204  -9.097  1.00 22.02 ? 53  HIS B CB  1 
ATOM   1128 C  CG  . HIS B 1 53 ? 14.215  -9.309  -8.327  1.00 27.04 ? 53  HIS B CG  1 
ATOM   1129 N  ND1 . HIS B 1 53 ? 14.309  -9.291  -6.949  1.00 31.14 ? 53  HIS B ND1 1 
ATOM   1130 C  CD2 . HIS B 1 53 ? 14.786  -10.467 -8.735  1.00 31.72 ? 53  HIS B CD2 1 
ATOM   1131 C  CE1 . HIS B 1 53 ? 14.914  -10.394 -6.540  1.00 34.42 ? 53  HIS B CE1 1 
ATOM   1132 N  NE2 . HIS B 1 53 ? 15.218  -11.124 -7.603  1.00 34.25 ? 53  HIS B NE2 1 
ATOM   1133 N  N   . PHE B 1 54 ? 11.204  -6.897  -7.424  1.00 19.65 ? 54  PHE B N   1 
ATOM   1134 C  CA  . PHE B 1 54 ? 10.436  -6.584  -6.204  1.00 19.33 ? 54  PHE B CA  1 
ATOM   1135 C  C   . PHE B 1 54 ? 8.945   -7.014  -6.266  1.00 18.45 ? 54  PHE B C   1 
ATOM   1136 O  O   . PHE B 1 54 ? 8.391   -7.563  -5.298  1.00 18.48 ? 54  PHE B O   1 
ATOM   1137 C  CB  . PHE B 1 54 ? 10.518  -5.080  -5.880  1.00 20.48 ? 54  PHE B CB  1 
ATOM   1138 C  CG  . PHE B 1 54 ? 10.131  -4.763  -4.454  1.00 22.44 ? 54  PHE B CG  1 
ATOM   1139 C  CD1 . PHE B 1 54 ? 11.107  -4.624  -3.466  1.00 27.67 ? 54  PHE B CD1 1 
ATOM   1140 C  CD2 . PHE B 1 54 ? 8.788   -4.653  -4.080  1.00 22.02 ? 54  PHE B CD2 1 
ATOM   1141 C  CE1 . PHE B 1 54 ? 10.738  -4.351  -2.124  1.00 26.19 ? 54  PHE B CE1 1 
ATOM   1142 C  CE2 . PHE B 1 54 ? 8.415   -4.409  -2.744  1.00 22.67 ? 54  PHE B CE2 1 
ATOM   1143 C  CZ  . PHE B 1 54 ? 9.381   -4.266  -1.778  1.00 23.72 ? 54  PHE B CZ  1 
ATOM   1144 N  N   . LEU B 1 55 ? 8.306   -6.763  -7.400  1.00 17.51 ? 55  LEU B N   1 
ATOM   1145 C  CA  . LEU B 1 55 ? 6.924   -7.206  -7.614  1.00 18.05 ? 55  LEU B CA  1 
ATOM   1146 C  C   . LEU B 1 55 ? 6.803   -8.711  -7.517  1.00 18.22 ? 55  LEU B C   1 
ATOM   1147 O  O   . LEU B 1 55 ? 5.873   -9.208  -6.917  1.00 18.12 ? 55  LEU B O   1 
ATOM   1148 C  CB  . LEU B 1 55 ? 6.379   -6.742  -8.953  1.00 17.49 ? 55  LEU B CB  1 
ATOM   1149 C  CG  . LEU B 1 55 ? 6.015   -5.264  -9.041  1.00 17.36 ? 55  LEU B CG  1 
ATOM   1150 C  CD1 . LEU B 1 55 ? 5.653   -4.988  -10.487 1.00 16.36 ? 55  LEU B CD1 1 
ATOM   1151 C  CD2 . LEU B 1 55 ? 4.813   -4.961  -8.140  1.00 15.28 ? 55  LEU B CD2 1 
ATOM   1152 N  N   . GLU B 1 56 ? 7.769   -9.435  -8.086  1.00 19.13 ? 56  GLU B N   1 
ATOM   1153 C  CA  . GLU B 1 56 ? 7.743   -10.884 -7.997  1.00 20.07 ? 56  GLU B CA  1 
ATOM   1154 C  C   . GLU B 1 56 ? 8.001   -11.349 -6.580  1.00 20.15 ? 56  GLU B C   1 
ATOM   1155 O  O   . GLU B 1 56 ? 7.276   -12.193 -6.078  1.00 20.33 ? 56  GLU B O   1 
ATOM   1156 C  CB  . GLU B 1 56 ? 8.706   -11.552 -9.008  1.00 19.52 ? 56  GLU B CB  1 
ATOM   1157 C  CG  . GLU B 1 56 ? 8.606   -13.099 -8.877  1.00 21.77 ? 56  GLU B CG  1 
ATOM   1158 C  CD  . GLU B 1 56 ? 9.382   -13.878 -9.922  1.00 23.24 ? 56  GLU B CD  1 
ATOM   1159 O  OE1 . GLU B 1 56 ? 9.804   -13.288 -10.933 1.00 24.37 ? 56  GLU B OE1 1 
ATOM   1160 O  OE2 . GLU B 1 56 ? 9.554   -15.105 -9.722  1.00 28.63 ? 56  GLU B OE2 1 
ATOM   1161 N  N   . ASP B 1 57 ? 9.013   -10.772 -5.938  1.00 20.97 ? 57  ASP B N   1 
ATOM   1162 C  CA  . ASP B 1 57 ? 9.437   -11.153 -4.603  1.00 22.61 ? 57  ASP B CA  1 
ATOM   1163 C  C   . ASP B 1 57 ? 8.351   -10.876 -3.561  1.00 22.33 ? 57  ASP B C   1 
ATOM   1164 O  O   . ASP B 1 57 ? 8.176   -11.662 -2.624  1.00 21.68 ? 57  ASP B O   1 
ATOM   1165 C  CB  . ASP B 1 57 ? 10.709  -10.380 -4.252  1.00 24.11 ? 57  ASP B CB  1 
ATOM   1166 C  CG  . ASP B 1 57 ? 11.406  -10.908 -3.014  1.00 29.07 ? 57  ASP B CG  1 
ATOM   1167 O  OD1 . ASP B 1 57 ? 11.165  -12.070 -2.582  1.00 31.24 ? 57  ASP B OD1 1 
ATOM   1168 O  OD2 . ASP B 1 57 ? 12.224  -10.135 -2.472  1.00 34.28 ? 57  ASP B OD2 1 
ATOM   1169 N  N   . SER B 1 58 ? 7.606   -9.779  -3.744  1.00 21.37 ? 58  SER B N   1 
ATOM   1170 C  CA  . SER B 1 58 ? 6.494   -9.425  -2.836  1.00 21.29 ? 58  SER B CA  1 
ATOM   1171 C  C   . SER B 1 58 ? 5.220   -10.244 -3.063  1.00 21.48 ? 58  SER B C   1 
ATOM   1172 O  O   . SER B 1 58 ? 4.301   -10.206 -2.232  1.00 22.12 ? 58  SER B O   1 
ATOM   1173 C  CB  . SER B 1 58 ? 6.164   -7.923  -2.922  1.00 20.68 ? 58  SER B CB  1 
ATOM   1174 O  OG  . SER B 1 58 ? 5.760   -7.622  -4.240  1.00 20.86 ? 58  SER B OG  1 
ATOM   1175 N  N   . GLY B 1 59 ? 5.132   -10.943 -4.204  1.00 22.05 ? 59  GLY B N   1 
ATOM   1176 C  CA  . GLY B 1 59 ? 3.989   -11.786 -4.528  1.00 22.18 ? 59  GLY B CA  1 
ATOM   1177 C  C   . GLY B 1 59 ? 2.946   -11.202 -5.457  1.00 22.09 ? 59  GLY B C   1 
ATOM   1178 O  O   . GLY B 1 59 ? 1.900   -11.819 -5.699  1.00 22.24 ? 59  GLY B O   1 
ATOM   1179 N  N   . TRP B 1 60 ? 3.190   -9.986  -5.944  1.00 20.83 ? 60  TRP B N   1 
ATOM   1180 C  CA  . TRP B 1 60 ? 2.234   -9.332  -6.817  1.00 20.89 ? 60  TRP B CA  1 
ATOM   1181 C  C   . TRP B 1 60 ? 2.182   -9.945  -8.211  1.00 20.19 ? 60  TRP B C   1 
ATOM   1182 O  O   . TRP B 1 60 ? 1.134   -9.920  -8.878  1.00 20.13 ? 60  TRP B O   1 
ATOM   1183 C  CB  . TRP B 1 60 ? 2.589   -7.848  -6.934  1.00 21.42 ? 60  TRP B CB  1 
ATOM   1184 C  CG  . TRP B 1 60 ? 1.928   -7.027  -5.880  1.00 20.53 ? 60  TRP B CG  1 
ATOM   1185 C  CD1 . TRP B 1 60 ? 2.520   -6.472  -4.788  1.00 21.71 ? 60  TRP B CD1 1 
ATOM   1186 C  CD2 . TRP B 1 60 ? 0.534   -6.665  -5.819  1.00 21.65 ? 60  TRP B CD2 1 
ATOM   1187 N  NE1 . TRP B 1 60 ? 1.585   -5.767  -4.049  1.00 21.46 ? 60  TRP B NE1 1 
ATOM   1188 C  CE2 . TRP B 1 60 ? 0.362   -5.866  -4.666  1.00 21.32 ? 60  TRP B CE2 1 
ATOM   1189 C  CE3 . TRP B 1 60 ? -0.574  -6.926  -6.634  1.00 20.95 ? 60  TRP B CE3 1 
ATOM   1190 C  CZ2 . TRP B 1 60 ? -0.890  -5.354  -4.288  1.00 22.02 ? 60  TRP B CZ2 1 
ATOM   1191 C  CZ3 . TRP B 1 60 ? -1.815  -6.398  -6.278  1.00 21.71 ? 60  TRP B CZ3 1 
ATOM   1192 C  CH2 . TRP B 1 60 ? -1.957  -5.610  -5.115  1.00 22.31 ? 60  TRP B CH2 1 
ATOM   1193 N  N   . ILE B 1 61 ? 3.330   -10.452 -8.654  1.00 19.62 ? 61  ILE B N   1 
ATOM   1194 C  CA  . ILE B 1 61 ? 3.434   -11.065 -9.996  1.00 19.33 ? 61  ILE B CA  1 
ATOM   1195 C  C   . ILE B 1 61 ? 4.138   -12.418 -9.976  1.00 19.48 ? 61  ILE B C   1 
ATOM   1196 O  O   . ILE B 1 61 ? 4.833   -12.767 -9.001  1.00 19.65 ? 61  ILE B O   1 
ATOM   1197 C  CB  . ILE B 1 61 ? 4.122   -10.156 -11.061 1.00 19.62 ? 61  ILE B CB  1 
ATOM   1198 C  CG1 . ILE B 1 61 ? 5.644   -10.068 -10.832 1.00 19.24 ? 61  ILE B CG1 1 
ATOM   1199 C  CG2 . ILE B 1 61 ? 3.417   -8.771  -11.189 1.00 18.26 ? 61  ILE B CG2 1 
ATOM   1200 C  CD1 . ILE B 1 61 ? 6.369   -9.153  -11.877 1.00 18.20 ? 61  ILE B CD1 1 
ATOM   1201 N  N   . ARG B 1 62 ? 3.897   -13.192 -11.035 1.00 20.13 ? 62  ARG B N   1 
ATOM   1202 C  CA  . ARG B 1 62 ? 4.711   -14.379 -11.307 1.00 21.21 ? 62  ARG B CA  1 
ATOM   1203 C  C   . ARG B 1 62 ? 5.391   -14.125 -12.625 1.00 20.52 ? 62  ARG B C   1 
ATOM   1204 O  O   . ARG B 1 62 ? 4.847   -13.424 -13.464 1.00 20.42 ? 62  ARG B O   1 
ATOM   1205 C  CB  . ARG B 1 62 ? 3.866   -15.658 -11.366 1.00 21.30 ? 62  ARG B CB  1 
ATOM   1206 C  CG  . ARG B 1 62 ? 2.648   -15.580 -12.270 1.00 22.75 ? 62  ARG B CG  1 
ATOM   1207 C  CD  . ARG B 1 62 ? 1.741   -16.821 -12.146 1.00 24.63 ? 62  ARG B CD  1 
ATOM   1208 N  NE  . ARG B 1 62 ? 0.756   -16.843 -13.229 1.00 31.32 ? 62  ARG B NE  1 
ATOM   1209 C  CZ  . ARG B 1 62 ? -0.418  -16.214 -13.201 1.00 35.91 ? 62  ARG B CZ  1 
ATOM   1210 N  NH1 . ARG B 1 62 ? -0.789  -15.514 -12.133 1.00 36.77 ? 62  ARG B NH1 1 
ATOM   1211 N  NH2 . ARG B 1 62 ? -1.232  -16.281 -14.252 1.00 38.17 ? 62  ARG B NH2 1 
ATOM   1212 N  N   . THR B 1 63 ? 6.598   -14.671 -12.800 1.00 20.68 ? 63  THR B N   1 
ATOM   1213 C  CA  . THR B 1 63 ? 7.253   -14.583 -14.094 1.00 21.34 ? 63  THR B CA  1 
ATOM   1214 C  C   . THR B 1 63 ? 7.808   -15.936 -14.484 1.00 21.63 ? 63  THR B C   1 
ATOM   1215 O  O   . THR B 1 63 ? 8.003   -16.820 -13.628 1.00 20.20 ? 63  THR B O   1 
ATOM   1216 C  CB  . THR B 1 63 ? 8.397   -13.526 -14.166 1.00 21.29 ? 63  THR B CB  1 
ATOM   1217 O  OG1 . THR B 1 63 ? 9.581   -14.024 -13.512 1.00 21.94 ? 63  THR B OG1 1 
ATOM   1218 C  CG2 . THR B 1 63 ? 7.949   -12.171 -13.564 1.00 22.23 ? 63  THR B CG2 1 
ATOM   1219 N  N   . HIS B 1 64 ? 8.048   -16.078 -15.778 1.00 22.26 ? 64  HIS B N   1 
ATOM   1220 C  CA  . HIS B 1 64 ? 8.615   -17.322 -16.307 1.00 24.12 ? 64  HIS B CA  1 
ATOM   1221 C  C   . HIS B 1 64 ? 9.431   -17.003 -17.521 1.00 23.20 ? 64  HIS B C   1 
ATOM   1222 O  O   . HIS B 1 64 ? 8.995   -16.225 -18.365 1.00 22.55 ? 64  HIS B O   1 
ATOM   1223 C  CB  . HIS B 1 64 ? 7.543   -18.342 -16.683 1.00 24.82 ? 64  HIS B CB  1 
ATOM   1224 C  CG  . HIS B 1 64 ? 8.113   -19.626 -17.220 1.00 28.49 ? 64  HIS B CG  1 
ATOM   1225 N  ND1 . HIS B 1 64 ? 8.063   -19.960 -18.559 1.00 33.78 ? 64  HIS B ND1 1 
ATOM   1226 C  CD2 . HIS B 1 64 ? 8.776   -20.636 -16.604 1.00 29.91 ? 64  HIS B CD2 1 
ATOM   1227 C  CE1 . HIS B 1 64 ? 8.660   -21.129 -18.739 1.00 33.13 ? 64  HIS B CE1 1 
ATOM   1228 N  NE2 . HIS B 1 64 ? 9.106   -21.559 -17.572 1.00 31.33 ? 64  HIS B NE2 1 
ATOM   1229 N  N   . LYS B 1 65 ? 10.627  -17.577 -17.582 1.00 23.38 ? 65  LYS B N   1 
ATOM   1230 C  CA  . LYS B 1 65 ? 11.531  -17.308 -18.687 1.00 24.54 ? 65  LYS B CA  1 
ATOM   1231 C  C   . LYS B 1 65 ? 11.583  -18.538 -19.595 1.00 24.87 ? 65  LYS B C   1 
ATOM   1232 O  O   . LYS B 1 65 ? 11.684  -19.679 -19.121 1.00 24.38 ? 65  LYS B O   1 
ATOM   1233 C  CB  . LYS B 1 65 ? 12.935  -16.904 -18.199 1.00 24.70 ? 65  LYS B CB  1 
ATOM   1234 C  CG  . LYS B 1 65 ? 13.856  -16.402 -19.329 1.00 26.26 ? 65  LYS B CG  1 
ATOM   1235 C  CD  . LYS B 1 65 ? 14.726  -15.241 -18.930 1.00 28.17 ? 65  LYS B CD  1 
ATOM   1236 C  CE  . LYS B 1 65 ? 15.476  -14.667 -20.112 1.00 31.56 ? 65  LYS B CE  1 
ATOM   1237 N  NZ  . LYS B 1 65 ? 16.596  -15.597 -20.536 1.00 34.76 ? 65  LYS B NZ  1 
ATOM   1238 N  N   . GLN B 1 66 ? 11.462  -18.290 -20.890 1.00 24.96 ? 66  GLN B N   1 
ATOM   1239 C  CA  . GLN B 1 66 ? 11.660  -19.335 -21.897 1.00 24.96 ? 66  GLN B CA  1 
ATOM   1240 C  C   . GLN B 1 66 ? 12.480  -18.651 -22.984 1.00 24.49 ? 66  GLN B C   1 
ATOM   1241 O  O   . GLN B 1 66 ? 12.093  -17.606 -23.517 1.00 24.66 ? 66  GLN B O   1 
ATOM   1242 C  CB  . GLN B 1 66 ? 10.314  -19.877 -22.418 1.00 25.13 ? 66  GLN B CB  1 
ATOM   1243 C  CG  . GLN B 1 66 ? 10.361  -21.280 -23.128 1.00 26.35 ? 66  GLN B CG  1 
ATOM   1244 C  CD  . GLN B 1 66 ? 11.109  -21.291 -24.481 1.00 30.27 ? 66  GLN B CD  1 
ATOM   1245 O  OE1 . GLN B 1 66 ? 11.346  -20.241 -25.077 1.00 29.41 ? 66  GLN B OE1 1 
ATOM   1246 N  NE2 . GLN B 1 66 ? 11.510  -22.495 -24.947 1.00 29.72 ? 66  GLN B NE2 1 
ATOM   1247 N  N   . GLY B 1 67 ? 13.640  -19.224 -23.273 1.00 24.69 ? 67  GLY B N   1 
ATOM   1248 C  CA  . GLY B 1 67 ? 14.536  -18.679 -24.270 1.00 24.98 ? 67  GLY B CA  1 
ATOM   1249 C  C   . GLY B 1 67 ? 15.019  -17.349 -23.748 1.00 24.53 ? 67  GLY B C   1 
ATOM   1250 O  O   . GLY B 1 67 ? 15.553  -17.289 -22.629 1.00 24.41 ? 67  GLY B O   1 
ATOM   1251 N  N   . ARG B 1 68 ? 14.795  -16.286 -24.522 1.00 23.93 ? 68  ARG B N   1 
ATOM   1252 C  CA  . ARG B 1 68 ? 15.246  -14.943 -24.119 1.00 24.70 ? 68  ARG B CA  1 
ATOM   1253 C  C   . ARG B 1 68 ? 14.119  -14.023 -23.613 1.00 24.11 ? 68  ARG B C   1 
ATOM   1254 O  O   . ARG B 1 68 ? 14.299  -12.807 -23.543 1.00 24.81 ? 68  ARG B O   1 
ATOM   1255 C  CB  . ARG B 1 68 ? 15.958  -14.265 -25.298 1.00 25.07 ? 68  ARG B CB  1 
ATOM   1256 C  CG  . ARG B 1 68 ? 17.291  -14.865 -25.676 1.00 29.19 ? 68  ARG B CG  1 
ATOM   1257 C  CD  . ARG B 1 68 ? 17.846  -14.151 -26.902 1.00 37.33 ? 68  ARG B CD  1 
ATOM   1258 N  NE  . ARG B 1 68 ? 19.038  -14.810 -27.434 1.00 43.72 ? 68  ARG B NE  1 
ATOM   1259 C  CZ  . ARG B 1 68 ? 20.281  -14.574 -27.016 1.00 46.41 ? 68  ARG B CZ  1 
ATOM   1260 N  NH1 . ARG B 1 68 ? 20.511  -13.681 -26.055 1.00 46.72 ? 68  ARG B NH1 1 
ATOM   1261 N  NH2 . ARG B 1 68 ? 21.295  -15.239 -27.556 1.00 46.61 ? 68  ARG B NH2 1 
ATOM   1262 N  N   . VAL B 1 69 ? 12.964  -14.595 -23.296 1.00 22.92 ? 69  VAL B N   1 
ATOM   1263 C  CA  . VAL B 1 69 ? 11.745  -13.824 -23.013 1.00 22.78 ? 69  VAL B CA  1 
ATOM   1264 C  C   . VAL B 1 69 ? 11.193  -14.181 -21.623 1.00 22.97 ? 69  VAL B C   1 
ATOM   1265 O  O   . VAL B 1 69 ? 10.889  -15.354 -21.326 1.00 23.19 ? 69  VAL B O   1 
ATOM   1266 C  CB  . VAL B 1 69 ? 10.659  -14.045 -24.132 1.00 22.55 ? 69  VAL B CB  1 
ATOM   1267 C  CG1 . VAL B 1 69 ? 9.297   -13.464 -23.748 1.00 22.74 ? 69  VAL B CG1 1 
ATOM   1268 C  CG2 . VAL B 1 69 ? 11.127  -13.442 -25.461 1.00 23.23 ? 69  VAL B CG2 1 
ATOM   1269 N  N   . ARG B 1 70 ? 11.058  -13.165 -20.773 1.00 22.25 ? 70  ARG B N   1 
ATOM   1270 C  CA  . ARG B 1 70 ? 10.457  -13.370 -19.455 1.00 20.87 ? 70  ARG B CA  1 
ATOM   1271 C  C   . ARG B 1 70 ? 9.039   -12.808 -19.471 1.00 20.52 ? 70  ARG B C   1 
ATOM   1272 O  O   . ARG B 1 70 ? 8.850   -11.589 -19.665 1.00 21.16 ? 70  ARG B O   1 
ATOM   1273 C  CB  . ARG B 1 70 ? 11.300  -12.691 -18.349 1.00 20.56 ? 70  ARG B CB  1 
ATOM   1274 C  CG  . ARG B 1 70 ? 10.664  -12.829 -16.967 1.00 19.56 ? 70  ARG B CG  1 
ATOM   1275 C  CD  . ARG B 1 70 ? 11.598  -12.379 -15.844 1.00 19.98 ? 70  ARG B CD  1 
ATOM   1276 N  NE  . ARG B 1 70 ? 12.850  -13.140 -15.827 1.00 19.08 ? 70  ARG B NE  1 
ATOM   1277 C  CZ  . ARG B 1 70 ? 13.022  -14.316 -15.242 1.00 18.21 ? 70  ARG B CZ  1 
ATOM   1278 N  NH1 . ARG B 1 70 ? 12.015  -14.907 -14.607 1.00 15.74 ? 70  ARG B NH1 1 
ATOM   1279 N  NH2 . ARG B 1 70 ? 14.220  -14.904 -15.289 1.00 17.75 ? 70  ARG B NH2 1 
ATOM   1280 N  N   . THR B 1 71 ? 8.052   -13.676 -19.287 1.00 20.88 ? 71  THR B N   1 
ATOM   1281 C  CA  . THR B 1 71 ? 6.646   -13.252 -19.336 1.00 21.72 ? 71  THR B CA  1 
ATOM   1282 C  C   . THR B 1 71 ? 6.130   -13.097 -17.917 1.00 22.50 ? 71  THR B C   1 
ATOM   1283 O  O   . THR B 1 71 ? 6.367   -13.971 -17.061 1.00 22.29 ? 71  THR B O   1 
ATOM   1284 C  CB  . THR B 1 71 ? 5.798   -14.280 -20.113 1.00 22.32 ? 71  THR B CB  1 
ATOM   1285 O  OG1 . THR B 1 71 ? 6.239   -14.288 -21.472 1.00 23.54 ? 71  THR B OG1 1 
ATOM   1286 C  CG2 . THR B 1 71 ? 4.294   -13.944 -20.076 1.00 22.94 ? 71  THR B CG2 1 
ATOM   1287 N  N   . CYS B 1 72 ? 5.397   -12.006 -17.682 1.00 21.88 ? 72  CYS B N   1 
ATOM   1288 C  CA  . CYS B 1 72 ? 4.910   -11.676 -16.352 1.00 22.24 ? 72  CYS B CA  1 
ATOM   1289 C  C   . CYS B 1 72 ? 3.385   -11.737 -16.292 1.00 22.42 ? 72  CYS B C   1 
ATOM   1290 O  O   . CYS B 1 72 ? 2.697   -11.323 -17.232 1.00 23.37 ? 72  CYS B O   1 
ATOM   1291 C  CB  . CYS B 1 72 ? 5.356   -10.262 -15.968 1.00 21.94 ? 72  CYS B CB  1 
ATOM   1292 S  SG  . CYS B 1 72 ? 7.133   -9.959  -16.114 1.00 23.41 ? 72  CYS B SG  1 
ATOM   1293 N  N   . ALA B 1 73 ? 2.866   -12.226 -15.179 1.00 21.95 ? 73  ALA B N   1 
ATOM   1294 C  CA  . ALA B 1 73 ? 1.434   -12.198 -14.959 1.00 23.32 ? 73  ALA B CA  1 
ATOM   1295 C  C   . ALA B 1 73 ? 1.136   -11.729 -13.546 1.00 23.28 ? 73  ALA B C   1 
ATOM   1296 O  O   . ALA B 1 73 ? 1.827   -12.108 -12.614 1.00 23.22 ? 73  ALA B O   1 
ATOM   1297 C  CB  . ALA B 1 73 ? 0.843   -13.600 -15.188 1.00 23.19 ? 73  ALA B CB  1 
ATOM   1298 N  N   . ILE B 1 74 ? 0.092   -10.906 -13.410 1.00 25.28 ? 74  ILE B N   1 
ATOM   1299 C  CA  . ILE B 1 74 ? -0.381  -10.424 -12.104 1.00 25.34 ? 74  ILE B CA  1 
ATOM   1300 C  C   . ILE B 1 74 ? -1.028  -11.568 -11.326 1.00 26.80 ? 74  ILE B C   1 
ATOM   1301 O  O   . ILE B 1 74 ? -1.637  -12.477 -11.908 1.00 27.12 ? 74  ILE B O   1 
ATOM   1302 C  CB  . ILE B 1 74 ? -1.324  -9.177  -12.255 1.00 25.52 ? 74  ILE B CB  1 
ATOM   1303 C  CG1 . ILE B 1 74 ? -1.331  -8.305  -10.971 1.00 24.52 ? 74  ILE B CG1 1 
ATOM   1304 C  CG2 . ILE B 1 74 ? -2.723  -9.574  -12.723 1.00 26.88 ? 74  ILE B CG2 1 
ATOM   1305 C  CD1 . ILE B 1 74 ? -1.980  -6.916  -11.194 1.00 25.46 ? 74  ILE B CD1 1 
ATOM   1306 N  N   . GLU B 1 75 ? -0.829  -11.551 -10.017 1.00 27.00 ? 75  GLU B N   1 
ATOM   1307 C  CA  . GLU B 1 75 ? -1.337  -12.566 -9.139  1.00 27.97 ? 75  GLU B CA  1 
ATOM   1308 C  C   . GLU B 1 75 ? -2.602  -12.063 -8.445  1.00 28.70 ? 75  GLU B C   1 
ATOM   1309 O  O   . GLU B 1 75 ? -2.789  -10.849 -8.229  1.00 29.08 ? 75  GLU B O   1 
ATOM   1310 C  CB  . GLU B 1 75 ? -0.289  -12.925 -8.109  1.00 27.91 ? 75  GLU B CB  1 
ATOM   1311 C  CG  . GLU B 1 75 ? 0.945   -13.594 -8.684  1.00 29.57 ? 75  GLU B CG  1 
ATOM   1312 C  CD  . GLU B 1 75 ? 0.820   -15.108 -8.727  1.00 34.05 ? 75  GLU B CD  1 
ATOM   1313 O  OE1 . GLU B 1 75 ? -0.033  -15.632 -9.469  1.00 34.57 ? 75  GLU B OE1 1 
ATOM   1314 O  OE2 . GLU B 1 75 ? 1.598   -15.768 -8.017  1.00 35.61 ? 75  GLU B OE2 1 
ATOM   1315 N  N   . LYS B 1 76 ? -3.456  -13.015 -8.107  1.00 28.37 ? 76  LYS B N   1 
ATOM   1316 C  CA  . LYS B 1 76 ? -4.739  -12.745 -7.471  1.00 28.56 ? 76  LYS B CA  1 
ATOM   1317 C  C   . LYS B 1 76 ? -4.625  -12.425 -6.007  1.00 27.66 ? 76  LYS B C   1 
ATOM   1318 O  O   . LYS B 1 76 ? -5.287  -11.493 -5.540  1.00 27.50 ? 76  LYS B O   1 
ATOM   1319 C  CB  . LYS B 1 76 ? -5.697  -13.942 -7.673  1.00 29.30 ? 76  LYS B CB  1 
ATOM   1320 N  N   . GLU B 1 77 ? -3.785  -13.180 -5.297  1.00 27.30 ? 77  GLU B N   1 
ATOM   1321 C  CA  . GLU B 1 77 ? -3.704  -13.172 -3.821  1.00 28.67 ? 77  GLU B CA  1 
ATOM   1322 C  C   . GLU B 1 77 ? -3.441  -11.799 -3.166  1.00 27.34 ? 77  GLU B C   1 
ATOM   1323 O  O   . GLU B 1 77 ? -4.057  -11.482 -2.146  1.00 26.54 ? 77  GLU B O   1 
ATOM   1324 C  CB  . GLU B 1 77 ? -2.670  -14.202 -3.327  1.00 28.90 ? 77  GLU B CB  1 
ATOM   1325 C  CG  . GLU B 1 77 ? -2.859  -14.682 -1.862  1.00 32.41 ? 77  GLU B CG  1 
ATOM   1326 C  CD  . GLU B 1 77 ? -2.012  -15.916 -1.478  1.00 33.46 ? 77  GLU B CD  1 
ATOM   1327 O  OE1 . GLU B 1 77 ? -1.490  -15.944 -0.338  1.00 40.53 ? 77  GLU B OE1 1 
ATOM   1328 O  OE2 . GLU B 1 77 ? -1.863  -16.861 -2.294  1.00 39.20 ? 77  GLU B OE2 1 
ATOM   1329 N  N   . PRO B 1 78 ? -2.513  -10.996 -3.719  1.00 27.44 ? 78  PRO B N   1 
ATOM   1330 C  CA  . PRO B 1 78 ? -2.317  -9.656  -3.110  1.00 26.80 ? 78  PRO B CA  1 
ATOM   1331 C  C   . PRO B 1 78 ? -3.536  -8.738  -3.099  1.00 26.17 ? 78  PRO B C   1 
ATOM   1332 O  O   . PRO B 1 78 ? -3.729  -8.022  -2.115  1.00 26.70 ? 78  PRO B O   1 
ATOM   1333 C  CB  . PRO B 1 78 ? -1.173  -9.051  -3.943  1.00 26.44 ? 78  PRO B CB  1 
ATOM   1334 C  CG  . PRO B 1 78 ? -0.443  -10.253 -4.457  1.00 28.47 ? 78  PRO B CG  1 
ATOM   1335 C  CD  . PRO B 1 78 ? -1.557  -11.210 -4.825  1.00 27.16 ? 78  PRO B CD  1 
ATOM   1336 N  N   . PHE B 1 79 ? -4.333  -8.747  -4.160  1.00 26.51 ? 79  PHE B N   1 
ATOM   1337 C  CA  . PHE B 1 79 ? -5.591  -7.990  -4.209  1.00 27.30 ? 79  PHE B CA  1 
ATOM   1338 C  C   . PHE B 1 79 ? -6.526  -8.436  -3.102  1.00 27.51 ? 79  PHE B C   1 
ATOM   1339 O  O   . PHE B 1 79 ? -7.067  -7.607  -2.394  1.00 27.42 ? 79  PHE B O   1 
ATOM   1340 C  CB  . PHE B 1 79 ? -6.332  -8.185  -5.528  1.00 28.73 ? 79  PHE B CB  1 
ATOM   1341 C  CG  . PHE B 1 79 ? -5.752  -7.435  -6.676  1.00 30.97 ? 79  PHE B CG  1 
ATOM   1342 C  CD1 . PHE B 1 79 ? -5.852  -6.048  -6.736  1.00 33.22 ? 79  PHE B CD1 1 
ATOM   1343 C  CD2 . PHE B 1 79 ? -5.122  -8.120  -7.715  1.00 31.13 ? 79  PHE B CD2 1 
ATOM   1344 C  CE1 . PHE B 1 79 ? -5.325  -5.333  -7.807  1.00 35.15 ? 79  PHE B CE1 1 
ATOM   1345 C  CE2 . PHE B 1 79 ? -4.595  -7.426  -8.795  1.00 33.05 ? 79  PHE B CE2 1 
ATOM   1346 C  CZ  . PHE B 1 79 ? -4.699  -6.023  -8.849  1.00 33.31 ? 79  PHE B CZ  1 
ATOM   1347 N  N   . THR B 1 80 ? -6.722  -9.756  -2.989  1.00 26.75 ? 80  THR B N   1 
ATOM   1348 C  CA  . THR B 1 80 ? -7.492  -10.359 -1.917  1.00 26.02 ? 80  THR B CA  1 
ATOM   1349 C  C   . THR B 1 80 ? -6.932  -9.918  -0.573  1.00 25.24 ? 80  THR B C   1 
ATOM   1350 O  O   . THR B 1 80 ? -7.689  -9.587  0.338   1.00 24.96 ? 80  THR B O   1 
ATOM   1351 C  CB  . THR B 1 80 ? -7.491  -11.914 -2.045  1.00 26.43 ? 80  THR B CB  1 
ATOM   1352 O  OG1 . THR B 1 80 ? -7.941  -12.268 -3.364  1.00 26.25 ? 80  THR B OG1 1 
ATOM   1353 C  CG2 . THR B 1 80 ? -8.407  -12.564 -0.996  1.00 27.02 ? 80  THR B CG2 1 
ATOM   1354 N  N   . ALA B 1 81 ? -5.609  -9.877  -0.439  1.00 24.24 ? 81  ALA B N   1 
ATOM   1355 C  CA  . ALA B 1 81 ? -5.023  -9.457  0.834   1.00 22.93 ? 81  ALA B CA  1 
ATOM   1356 C  C   . ALA B 1 81 ? -5.304  -7.974  1.170   1.00 22.43 ? 81  ALA B C   1 
ATOM   1357 O  O   . ALA B 1 81 ? -5.674  -7.646  2.288   1.00 21.48 ? 81  ALA B O   1 
ATOM   1358 C  CB  . ALA B 1 81 ? -3.535  -9.735  0.869   1.00 23.58 ? 81  ALA B CB  1 
ATOM   1359 N  N   . VAL B 1 82 ? -5.084  -7.083  0.214   1.00 23.43 ? 82  VAL B N   1 
ATOM   1360 C  CA  . VAL B 1 82 ? -5.392  -5.654  0.433   1.00 23.60 ? 82  VAL B CA  1 
ATOM   1361 C  C   . VAL B 1 82 ? -6.899  -5.458  0.737   1.00 24.64 ? 82  VAL B C   1 
ATOM   1362 O  O   . VAL B 1 82 ? -7.249  -4.788  1.716   1.00 23.82 ? 82  VAL B O   1 
ATOM   1363 C  CB  . VAL B 1 82 ? -4.962  -4.797  -0.773  1.00 23.69 ? 82  VAL B CB  1 
ATOM   1364 C  CG1 . VAL B 1 82 ? -5.381  -3.347  -0.579  1.00 23.52 ? 82  VAL B CG1 1 
ATOM   1365 C  CG2 . VAL B 1 82 ? -3.455  -4.886  -0.953  1.00 22.26 ? 82  VAL B CG2 1 
ATOM   1366 N  N   . GLU B 1 83 ? -7.767  -6.065  -0.086  1.00 25.26 ? 83  GLU B N   1 
ATOM   1367 C  CA  . GLU B 1 83 ? -9.210  -6.091  0.164   1.00 26.35 ? 83  GLU B CA  1 
ATOM   1368 C  C   . GLU B 1 83 ? -9.544  -6.622  1.565   1.00 24.61 ? 83  GLU B C   1 
ATOM   1369 O  O   . GLU B 1 83 ? -10.444 -6.084  2.214   1.00 23.24 ? 83  GLU B O   1 
ATOM   1370 C  CB  . GLU B 1 83 ? -9.944  -6.928  -0.888  1.00 26.99 ? 83  GLU B CB  1 
ATOM   1371 C  CG  . GLU B 1 83 ? -9.963  -6.317  -2.279  1.00 29.62 ? 83  GLU B CG  1 
ATOM   1372 C  CD  . GLU B 1 83 ? -10.629 -7.222  -3.305  1.00 31.23 ? 83  GLU B CD  1 
ATOM   1373 O  OE1 . GLU B 1 83 ? -11.031 -8.356  -2.952  1.00 35.39 ? 83  GLU B OE1 1 
ATOM   1374 O  OE2 . GLU B 1 83 ? -10.752 -6.783  -4.477  1.00 38.06 ? 83  GLU B OE2 1 
ATOM   1375 N  N   . ALA B 1 84 ? -8.827  -7.658  2.030   1.00 22.83 ? 84  ALA B N   1 
ATOM   1376 C  CA  . ALA B 1 84 ? -9.031  -8.178  3.395   1.00 21.98 ? 84  ALA B CA  1 
ATOM   1377 C  C   . ALA B 1 84 ? -8.669  -7.157  4.461   1.00 21.83 ? 84  ALA B C   1 
ATOM   1378 O  O   . ALA B 1 84 ? -9.400  -7.001  5.440   1.00 20.79 ? 84  ALA B O   1 
ATOM   1379 C  CB  . ALA B 1 84 ? -8.272  -9.496  3.645   1.00 21.52 ? 84  ALA B CB  1 
ATOM   1380 N  N   . TRP B 1 85 ? -7.529  -6.481  4.292   1.00 21.11 ? 85  TRP B N   1 
ATOM   1381 C  CA  . TRP B 1 85 ? -7.125  -5.473  5.278   1.00 21.65 ? 85  TRP B CA  1 
ATOM   1382 C  C   . TRP B 1 85 ? -8.157  -4.359  5.381   1.00 20.96 ? 85  TRP B C   1 
ATOM   1383 O  O   . TRP B 1 85 ? -8.547  -3.976  6.486   1.00 21.15 ? 85  TRP B O   1 
ATOM   1384 C  CB  . TRP B 1 85 ? -5.711  -4.913  5.022   1.00 21.88 ? 85  TRP B CB  1 
ATOM   1385 C  CG  . TRP B 1 85 ? -5.245  -4.073  6.207   1.00 21.95 ? 85  TRP B CG  1 
ATOM   1386 C  CD1 . TRP B 1 85 ? -4.706  -4.523  7.386   1.00 21.27 ? 85  TRP B CD1 1 
ATOM   1387 C  CD2 . TRP B 1 85 ? -5.315  -2.647  6.313   1.00 21.73 ? 85  TRP B CD2 1 
ATOM   1388 N  NE1 . TRP B 1 85 ? -4.453  -3.457  8.227   1.00 21.88 ? 85  TRP B NE1 1 
ATOM   1389 C  CE2 . TRP B 1 85 ? -4.807  -2.294  7.585   1.00 23.35 ? 85  TRP B CE2 1 
ATOM   1390 C  CE3 . TRP B 1 85 ? -5.760  -1.634  5.454   1.00 24.48 ? 85  TRP B CE3 1 
ATOM   1391 C  CZ2 . TRP B 1 85 ? -4.726  -0.955  8.025   1.00 23.05 ? 85  TRP B CZ2 1 
ATOM   1392 C  CZ3 . TRP B 1 85 ? -5.676  -0.288  5.897   1.00 23.01 ? 85  TRP B CZ3 1 
ATOM   1393 C  CH2 . TRP B 1 85 ? -5.167  0.022   7.165   1.00 22.00 ? 85  TRP B CH2 1 
ATOM   1394 N  N   . LEU B 1 86 ? -8.619  -3.897  4.226   1.00 21.13 ? 86  LEU B N   1 
ATOM   1395 C  CA  . LEU B 1 86 ? -9.646  -2.847  4.122   1.00 21.51 ? 86  LEU B CA  1 
ATOM   1396 C  C   . LEU B 1 86 ? -10.974 -3.276  4.741   1.00 21.50 ? 86  LEU B C   1 
ATOM   1397 O  O   . LEU B 1 86 ? -11.564 -2.530  5.528   1.00 20.22 ? 86  LEU B O   1 
ATOM   1398 C  CB  . LEU B 1 86 ? -9.867  -2.450  2.660   1.00 21.27 ? 86  LEU B CB  1 
ATOM   1399 C  CG  . LEU B 1 86 ? -8.739  -1.662  1.973   1.00 23.67 ? 86  LEU B CG  1 
ATOM   1400 C  CD1 . LEU B 1 86 ? -9.024  -1.564  0.509   1.00 23.27 ? 86  LEU B CD1 1 
ATOM   1401 C  CD2 . LEU B 1 86 ? -8.572  -0.264  2.590   1.00 24.16 ? 86  LEU B CD2 1 
ATOM   1402 N  N   . ALA B 1 87 ? -11.428 -4.488  4.412   1.00 21.22 ? 87  ALA B N   1 
ATOM   1403 C  CA  . ALA B 1 87 ? -12.674 -5.005  5.003   1.00 21.22 ? 87  ALA B CA  1 
ATOM   1404 C  C   . ALA B 1 87 ? -12.546 -5.149  6.518   1.00 21.11 ? 87  ALA B C   1 
ATOM   1405 O  O   . ALA B 1 87 ? -13.484 -4.884  7.265   1.00 20.76 ? 87  ALA B O   1 
ATOM   1406 C  CB  . ALA B 1 87 ? -13.065 -6.337  4.379   1.00 21.50 ? 87  ALA B CB  1 
ATOM   1407 N  N   . GLU B 1 88 ? -11.375 -5.555  6.980   1.00 21.49 ? 88  GLU B N   1 
ATOM   1408 C  CA  . GLU B 1 88 ? -11.158 -5.690  8.410   1.00 22.84 ? 88  GLU B CA  1 
ATOM   1409 C  C   . GLU B 1 88 ? -11.304 -4.338  9.105   1.00 22.86 ? 88  GLU B C   1 
ATOM   1410 O  O   . GLU B 1 88 ? -11.923 -4.241  10.180  1.00 22.09 ? 88  GLU B O   1 
ATOM   1411 C  CB  . GLU B 1 88 ? -9.779  -6.276  8.651   1.00 22.82 ? 88  GLU B CB  1 
ATOM   1412 C  CG  . GLU B 1 88 ? -9.326  -6.351  10.082  1.00 27.68 ? 88  GLU B CG  1 
ATOM   1413 C  CD  . GLU B 1 88 ? -7.923  -6.946  10.152  1.00 32.82 ? 88  GLU B CD  1 
ATOM   1414 O  OE1 . GLU B 1 88 ? -7.771  -8.151  9.859   1.00 35.58 ? 88  GLU B OE1 1 
ATOM   1415 O  OE2 . GLU B 1 88 ? -6.969  -6.198  10.428  1.00 33.21 ? 88  GLU B OE2 1 
ATOM   1416 N  N   . GLN B 1 89 ? -10.701 -3.296  8.515   1.00 23.15 ? 89  GLN B N   1 
ATOM   1417 C  CA  . GLN B 1 89 ? -10.811 -1.933  9.072   1.00 23.85 ? 89  GLN B CA  1 
ATOM   1418 C  C   . GLN B 1 89 ? -12.256 -1.435  9.069   1.00 24.72 ? 89  GLN B C   1 
ATOM   1419 O  O   . GLN B 1 89 ? -12.728 -0.855  10.059  1.00 25.36 ? 89  GLN B O   1 
ATOM   1420 C  CB  . GLN B 1 89 ? -9.894  -0.944  8.321   1.00 23.51 ? 89  GLN B CB  1 
ATOM   1421 C  CG  . GLN B 1 89 ? -8.422  -1.336  8.367   1.00 23.41 ? 89  GLN B CG  1 
ATOM   1422 C  CD  . GLN B 1 89 ? -8.012  -1.883  9.713   1.00 24.71 ? 89  GLN B CD  1 
ATOM   1423 O  OE1 . GLN B 1 89 ? -8.130  -1.204  10.735  1.00 30.94 ? 89  GLN B OE1 1 
ATOM   1424 N  NE2 . GLN B 1 89 ? -7.531  -3.130  9.728   1.00 28.68 ? 89  GLN B NE2 1 
ATOM   1425 N  N   . GLN B 1 90 ? -12.951 -1.647  7.964   1.00 26.10 ? 90  GLN B N   1 
ATOM   1426 C  CA  . GLN B 1 90 ? -14.353 -1.232  7.844   1.00 28.27 ? 90  GLN B CA  1 
ATOM   1427 C  C   . GLN B 1 90 ? -15.244 -1.886  8.909   1.00 28.28 ? 90  GLN B C   1 
ATOM   1428 O  O   . GLN B 1 90 ? -16.110 -1.224  9.490   1.00 28.69 ? 90  GLN B O   1 
ATOM   1429 C  CB  . GLN B 1 90 ? -14.892 -1.518  6.430   1.00 29.00 ? 90  GLN B CB  1 
ATOM   1430 C  CG  . GLN B 1 90 ? -16.430 -1.499  6.314   1.00 34.24 ? 90  GLN B CG  1 
ATOM   1431 C  CD  . GLN B 1 90 ? -17.024 -0.098  6.242   1.00 39.93 ? 90  GLN B CD  1 
ATOM   1432 O  OE1 . GLN B 1 90 ? -16.901 0.587   5.216   1.00 43.78 ? 90  GLN B OE1 1 
ATOM   1433 N  NE2 . GLN B 1 90 ? -17.707 0.326   7.321   1.00 41.37 ? 90  GLN B NE2 1 
ATOM   1434 N  N   . GLU B 1 91 ? -15.030 -3.177  9.157   1.00 28.82 ? 91  GLU B N   1 
ATOM   1435 C  CA  . GLU B 1 91 ? -15.792 -3.898  10.168  1.00 29.85 ? 91  GLU B CA  1 
ATOM   1436 C  C   . GLU B 1 91 ? -15.496 -3.334  11.563  1.00 29.58 ? 91  GLU B C   1 
ATOM   1437 O  O   . GLU B 1 91 ? -16.405 -3.173  12.374  1.00 29.71 ? 91  GLU B O   1 
ATOM   1438 C  CB  . GLU B 1 91 ? -15.588 -5.428  10.084  1.00 29.50 ? 91  GLU B CB  1 
ATOM   1439 C  CG  . GLU B 1 91 ? -16.525 -6.223  11.008  1.00 30.80 ? 91  GLU B CG  1 
ATOM   1440 C  CD  . GLU B 1 91 ? -16.386 -7.746  10.879  1.00 32.23 ? 91  GLU B CD  1 
ATOM   1441 O  OE1 . GLU B 1 91 ? -16.567 -8.272  9.766   1.00 34.89 ? 91  GLU B OE1 1 
ATOM   1442 O  OE2 . GLU B 1 91 ? -16.102 -8.415  11.899  1.00 37.80 ? 91  GLU B OE2 1 
ATOM   1443 N  N   . LEU B 1 92 ? -14.243 -2.979  11.825  1.00 29.78 ? 92  LEU B N   1 
ATOM   1444 C  CA  . LEU B 1 92 ? -13.896 -2.335  13.088  1.00 30.27 ? 92  LEU B CA  1 
ATOM   1445 C  C   . LEU B 1 92 ? -14.624 -0.980  13.239  1.00 30.69 ? 92  LEU B C   1 
ATOM   1446 O  O   . LEU B 1 92 ? -15.145 -0.706  14.306  1.00 31.39 ? 92  LEU B O   1 
ATOM   1447 C  CB  . LEU B 1 92 ? -12.376 -2.189  13.249  1.00 29.56 ? 92  LEU B CB  1 
ATOM   1448 C  CG  . LEU B 1 92 ? -11.581 -3.479  13.497  1.00 30.09 ? 92  LEU B CG  1 
ATOM   1449 C  CD1 . LEU B 1 92 ? -10.097 -3.317  13.225  1.00 28.53 ? 92  LEU B CD1 1 
ATOM   1450 C  CD2 . LEU B 1 92 ? -11.782 -3.977  14.910  1.00 30.87 ? 92  LEU B CD2 1 
ATOM   1451 N  N   . TRP B 1 93 ? -14.712 -0.170  12.182  1.00 32.26 ? 93  TRP B N   1 
ATOM   1452 C  CA  . TRP B 1 93 ? -15.394 1.138   12.293  1.00 34.25 ? 93  TRP B CA  1 
ATOM   1453 C  C   . TRP B 1 93 ? -16.856 0.959   12.708  1.00 35.54 ? 93  TRP B C   1 
ATOM   1454 O  O   . TRP B 1 93 ? -17.368 1.755   13.506  1.00 35.48 ? 93  TRP B O   1 
ATOM   1455 C  CB  . TRP B 1 93 ? -15.403 1.966   10.996  1.00 35.01 ? 93  TRP B CB  1 
ATOM   1456 C  CG  . TRP B 1 93 ? -14.109 2.173   10.244  1.00 36.19 ? 93  TRP B CG  1 
ATOM   1457 C  CD1 . TRP B 1 93 ? -12.832 2.185   10.751  1.00 37.56 ? 93  TRP B CD1 1 
ATOM   1458 C  CD2 . TRP B 1 93 ? -13.982 2.474   8.837   1.00 37.69 ? 93  TRP B CD2 1 
ATOM   1459 N  NE1 . TRP B 1 93 ? -11.921 2.430   9.737   1.00 35.52 ? 93  TRP B NE1 1 
ATOM   1460 C  CE2 . TRP B 1 93 ? -12.602 2.610   8.559   1.00 37.43 ? 93  TRP B CE2 1 
ATOM   1461 C  CE3 . TRP B 1 93 ? -14.903 2.621   7.785   1.00 36.54 ? 93  TRP B CE3 1 
ATOM   1462 C  CZ2 . TRP B 1 93 ? -12.124 2.879   7.270   1.00 37.34 ? 93  TRP B CZ2 1 
ATOM   1463 C  CZ3 . TRP B 1 93 ? -14.426 2.897   6.512   1.00 37.24 ? 93  TRP B CZ3 1 
ATOM   1464 C  CH2 . TRP B 1 93 ? -13.048 3.021   6.264   1.00 37.42 ? 93  TRP B CH2 1 
ATOM   1465 N  N   . GLU B 1 94 ? -17.514 -0.061  12.138  1.00 36.40 ? 94  GLU B N   1 
ATOM   1466 C  CA  . GLU B 1 94 ? -18.954 -0.367  12.356  1.00 38.70 ? 94  GLU B CA  1 
ATOM   1467 C  C   . GLU B 1 94 ? -19.305 -0.938  13.731  1.00 39.05 ? 94  GLU B C   1 
ATOM   1468 O  O   . GLU B 1 94 ? -20.466 -0.894  14.157  1.00 39.31 ? 94  GLU B O   1 
ATOM   1469 C  CB  . GLU B 1 94 ? -19.470 -1.331  11.264  1.00 38.18 ? 94  GLU B CB  1 
ATOM   1470 C  CG  . GLU B 1 94 ? -19.781 -0.638  9.949   1.00 40.37 ? 94  GLU B CG  1 
ATOM   1471 C  CD  . GLU B 1 94 ? -20.214 -1.591  8.839   1.00 41.35 ? 94  GLU B CD  1 
ATOM   1472 O  OE1 . GLU B 1 94 ? -20.880 -2.614  9.127   1.00 43.84 ? 94  GLU B OE1 1 
ATOM   1473 O  OE2 . GLU B 1 94 ? -19.893 -1.304  7.664   1.00 44.37 ? 94  GLU B OE2 1 
ATOM   1474 N  N   . SER B 1 95 ? -18.298 -1.481  14.404  1.00 39.79 ? 95  SER B N   1 
ATOM   1475 C  CA  . SER B 1 95 ? -18.444 -2.168  15.674  1.00 41.04 ? 95  SER B CA  1 
ATOM   1476 C  C   . SER B 1 95 ? -18.836 -1.218  16.799  1.00 42.03 ? 95  SER B C   1 
ATOM   1477 O  O   . SER B 1 95 ? -18.241 -0.143  16.955  1.00 41.70 ? 95  SER B O   1 
ATOM   1478 C  CB  . SER B 1 95 ? -17.138 -2.881  16.033  1.00 41.06 ? 95  SER B CB  1 
ATOM   1479 O  OG  . SER B 1 95 ? -17.346 -3.863  17.039  1.00 43.44 ? 95  SER B OG  1 
ATOM   1480 N  N   . ARG B 1 96 ? -19.833 -1.624  17.586  1.00 43.00 ? 96  ARG B N   1 
ATOM   1481 C  CA  . ARG B 1 96 ? -20.311 -0.801  18.707  1.00 43.90 ? 96  ARG B CA  1 
ATOM   1482 C  C   . ARG B 1 96 ? -20.449 -1.578  20.019  1.00 44.45 ? 96  ARG B C   1 
ATOM   1483 O  O   . ARG B 1 96 ? -19.695 -2.518  20.289  1.00 45.20 ? 96  ARG B O   1 
ATOM   1484 C  CB  . ARG B 1 96 ? -21.638 -0.121  18.344  1.00 43.94 ? 96  ARG B CB  1 
HETATM 1485 BR BR  . BR  C 2 .  ? -0.017  11.413  24.969  1.00 42.14 ? 119 BR  A BR  1 
HETATM 1486 BR BR  . BR  D 2 .  ? 5.534   10.100  -8.338  1.00 43.82 ? 120 BR  A BR  1 
HETATM 1487 BR BR  . BR  E 2 .  ? 11.381  -10.021 -22.177 1.00 38.65 ? 119 BR  B BR  1 
HETATM 1488 O  O   . HOH F 3 .  ? -5.203  13.564  -7.008  1.00 25.93 ? 121 HOH A O   1 
HETATM 1489 O  O   . HOH F 3 .  ? 5.795   1.427   27.349  0.50 22.11 ? 122 HOH A O   1 
HETATM 1490 O  O   . HOH F 3 .  ? -9.996  7.468   15.521  1.00 17.06 ? 123 HOH A O   1 
HETATM 1491 O  O   . HOH F 3 .  ? 8.953   -0.707  8.406   1.00 36.28 ? 124 HOH A O   1 
HETATM 1492 O  O   . HOH F 3 .  ? -2.027  0.867   19.668  1.00 24.52 ? 125 HOH A O   1 
HETATM 1493 O  O   . HOH F 3 .  ? -8.591  9.837   -10.275 1.00 41.11 ? 126 HOH A O   1 
HETATM 1494 O  O   . HOH F 3 .  ? 0.306   -4.965  12.199  1.00 27.02 ? 127 HOH A O   1 
HETATM 1495 O  O   . HOH F 3 .  ? 5.702   1.193   24.058  1.00 15.75 ? 128 HOH A O   1 
HETATM 1496 O  O   . HOH F 3 .  ? 4.229   16.408  21.162  1.00 38.42 ? 129 HOH A O   1 
HETATM 1497 O  O   . HOH F 3 .  ? -2.869  11.187  -13.055 1.00 44.16 ? 130 HOH A O   1 
HETATM 1498 O  O   . HOH F 3 .  ? 9.805   0.642   13.957  1.00 38.22 ? 131 HOH A O   1 
HETATM 1499 O  O   . HOH F 3 .  ? -8.856  -7.408  -23.402 1.00 34.72 ? 132 HOH A O   1 
HETATM 1500 O  O   . HOH F 3 .  ? -1.368  2.774   -11.385 1.00 35.62 ? 133 HOH A O   1 
HETATM 1501 O  O   . HOH F 3 .  ? 6.681   2.966   22.737  1.00 26.24 ? 134 HOH A O   1 
HETATM 1502 O  O   . HOH F 3 .  ? 7.577   -1.303  12.894  1.00 28.34 ? 135 HOH A O   1 
HETATM 1503 O  O   . HOH F 3 .  ? -3.330  4.975   28.364  1.00 37.80 ? 136 HOH A O   1 
HETATM 1504 O  O   . HOH F 3 .  ? -2.033  4.233   31.653  1.00 50.72 ? 137 HOH A O   1 
HETATM 1505 O  O   . HOH F 3 .  ? 4.248   7.500   26.031  1.00 34.15 ? 138 HOH A O   1 
HETATM 1506 O  O   . HOH F 3 .  ? -2.974  11.834  1.944   1.00 32.57 ? 139 HOH A O   1 
HETATM 1507 O  O   . HOH F 3 .  ? 10.589  4.263   13.889  1.00 34.40 ? 140 HOH A O   1 
HETATM 1508 O  O   . HOH F 3 .  ? -8.915  -4.671  -19.514 1.00 29.43 ? 141 HOH A O   1 
HETATM 1509 O  O   . HOH F 3 .  ? -4.446  -2.871  16.159  1.00 27.03 ? 142 HOH A O   1 
HETATM 1510 O  O   . HOH F 3 .  ? -15.421 -3.968  -11.902 1.00 35.59 ? 143 HOH A O   1 
HETATM 1511 O  O   . HOH F 3 .  ? 7.482   -3.336  18.354  1.00 32.41 ? 144 HOH A O   1 
HETATM 1512 O  O   . HOH F 3 .  ? -13.285 10.259  1.713   1.00 35.52 ? 145 HOH A O   1 
HETATM 1513 O  O   . HOH F 3 .  ? 8.598   -3.726  12.434  1.00 41.60 ? 146 HOH A O   1 
HETATM 1514 O  O   . HOH F 3 .  ? 11.532  6.287   25.340  1.00 37.40 ? 147 HOH A O   1 
HETATM 1515 O  O   . HOH F 3 .  ? 9.586   4.194   25.982  1.00 38.98 ? 148 HOH A O   1 
HETATM 1516 O  O   . HOH F 3 .  ? -9.410  10.440  -1.049  1.00 44.44 ? 149 HOH A O   1 
HETATM 1517 O  O   . HOH F 3 .  ? -1.314  8.751   -12.810 1.00 39.25 ? 150 HOH A O   1 
HETATM 1518 O  O   . HOH F 3 .  ? 5.866   10.904  -3.405  1.00 28.99 ? 151 HOH A O   1 
HETATM 1519 O  O   . HOH F 3 .  ? 9.091   4.898   8.529   1.00 42.22 ? 152 HOH A O   1 
HETATM 1520 O  O   . HOH F 3 .  ? 11.489  -0.682  15.919  1.00 35.85 ? 153 HOH A O   1 
HETATM 1521 O  O   . HOH F 3 .  ? 2.667   17.446  -6.461  1.00 35.73 ? 154 HOH A O   1 
HETATM 1522 O  O   . HOH F 3 .  ? -3.652  14.331  8.673   1.00 25.44 ? 155 HOH A O   1 
HETATM 1523 O  O   . HOH F 3 .  ? -8.335  13.549  -7.520  1.00 43.55 ? 156 HOH A O   1 
HETATM 1524 O  O   . HOH F 3 .  ? -12.950 5.087   -3.400  1.00 36.93 ? 157 HOH A O   1 
HETATM 1525 O  O   . HOH F 3 .  ? 2.883   4.585   26.482  1.00 25.34 ? 158 HOH A O   1 
HETATM 1526 O  O   . HOH F 3 .  ? -6.105  5.833   -9.065  1.00 30.20 ? 159 HOH A O   1 
HETATM 1527 O  O   . HOH F 3 .  ? 4.902   -3.843  15.396  1.00 34.35 ? 160 HOH A O   1 
HETATM 1528 O  O   . HOH F 3 .  ? -10.980 -2.157  -20.224 1.00 48.31 ? 161 HOH A O   1 
HETATM 1529 O  O   . HOH F 3 .  ? -5.019  16.543  22.953  1.00 33.96 ? 162 HOH A O   1 
HETATM 1530 O  O   . HOH F 3 .  ? 8.128   1.220   5.839   1.00 36.15 ? 163 HOH A O   1 
HETATM 1531 O  O   . HOH F 3 .  ? -14.155 -1.820  -9.874  1.00 39.55 ? 164 HOH A O   1 
HETATM 1532 O  O   . HOH F 3 .  ? -2.563  12.168  -0.485  1.00 36.29 ? 165 HOH A O   1 
HETATM 1533 O  O   . HOH F 3 .  ? -4.104  -3.396  11.063  1.00 46.05 ? 166 HOH A O   1 
HETATM 1534 O  O   . HOH F 3 .  ? 13.560  1.948   19.787  1.00 28.23 ? 167 HOH A O   1 
HETATM 1535 O  O   . HOH F 3 .  ? -13.978 -4.614  -9.751  1.00 57.18 ? 168 HOH A O   1 
HETATM 1536 O  O   . HOH F 3 .  ? -10.911 -11.545 -15.923 1.00 40.13 ? 169 HOH A O   1 
HETATM 1537 O  O   . HOH F 3 .  ? -6.501  1.965   24.168  1.00 41.19 ? 170 HOH A O   1 
HETATM 1538 O  O   . HOH F 3 .  ? -12.736 -12.392 -13.304 1.00 37.40 ? 171 HOH A O   1 
HETATM 1539 O  O   . HOH F 3 .  ? 0.038   22.982  24.339  1.00 45.43 ? 172 HOH A O   1 
HETATM 1540 O  O   . HOH F 3 .  ? -12.229 11.291  7.885   1.00 36.64 ? 173 HOH A O   1 
HETATM 1541 O  O   . HOH F 3 .  ? 2.744   -5.276  19.470  1.00 38.95 ? 174 HOH A O   1 
HETATM 1542 O  O   . HOH F 3 .  ? -2.142  -1.626  18.457  1.00 24.09 ? 175 HOH A O   1 
HETATM 1543 O  O   . HOH F 3 .  ? -10.085 1.036   -14.748 1.00 36.16 ? 176 HOH A O   1 
HETATM 1544 O  O   . HOH F 3 .  ? 6.667   7.988   0.808   1.00 21.21 ? 177 HOH A O   1 
HETATM 1545 O  O   . HOH F 3 .  ? -13.056 -5.307  -27.253 1.00 32.79 ? 178 HOH A O   1 
HETATM 1546 O  O   . HOH F 3 .  ? -13.080 5.842   14.691  1.00 38.75 ? 179 HOH A O   1 
HETATM 1547 O  O   . HOH F 3 .  ? 8.492   5.141   -0.670  1.00 32.69 ? 180 HOH A O   1 
HETATM 1548 O  O   . HOH F 3 .  ? -12.135 2.396   -13.260 1.00 36.00 ? 181 HOH A O   1 
HETATM 1549 O  O   . HOH F 3 .  ? -6.478  12.724  5.230   1.00 28.71 ? 182 HOH A O   1 
HETATM 1550 O  O   . HOH F 3 .  ? -12.085 9.809   12.938  1.00 32.23 ? 183 HOH A O   1 
HETATM 1551 O  O   . HOH F 3 .  ? 2.094   19.844  17.870  1.00 47.14 ? 184 HOH A O   1 
HETATM 1552 O  O   . HOH F 3 .  ? -1.451  14.346  3.052   1.00 39.64 ? 185 HOH A O   1 
HETATM 1553 O  O   . HOH F 3 .  ? -3.538  0.415   21.932  1.00 32.94 ? 186 HOH A O   1 
HETATM 1554 O  O   . HOH F 3 .  ? 5.103   -0.465  25.734  1.00 22.67 ? 187 HOH A O   1 
HETATM 1555 O  O   . HOH F 3 .  ? -6.498  -2.798  18.653  1.00 27.27 ? 188 HOH A O   1 
HETATM 1556 O  O   . HOH F 3 .  ? 4.922   2.896   25.669  1.00 24.32 ? 189 HOH A O   1 
HETATM 1557 O  O   . HOH F 3 .  ? -12.766 8.320   15.295  1.00 23.07 ? 190 HOH A O   1 
HETATM 1558 O  O   . HOH F 3 .  ? 6.687   5.023   24.967  1.00 30.82 ? 191 HOH A O   1 
HETATM 1559 O  O   . HOH F 3 .  ? -2.978  -5.171  16.537  1.00 36.54 ? 192 HOH A O   1 
HETATM 1560 O  O   . HOH F 3 .  ? 7.713   1.185   25.798  1.00 30.52 ? 193 HOH A O   1 
HETATM 1561 O  O   . HOH F 3 .  ? 8.339   9.868   10.304  1.00 29.57 ? 194 HOH A O   1 
HETATM 1562 O  O   . HOH F 3 .  ? -12.510 -0.434  -4.133  1.00 47.54 ? 195 HOH A O   1 
HETATM 1563 O  O   . HOH F 3 .  ? 7.171   11.657  7.822   1.00 36.27 ? 196 HOH A O   1 
HETATM 1564 O  O   . HOH F 3 .  ? 13.734  4.561   14.812  1.00 34.01 ? 197 HOH A O   1 
HETATM 1565 O  O   . HOH F 3 .  ? -0.924  20.205  18.016  1.00 39.25 ? 198 HOH A O   1 
HETATM 1566 O  O   . HOH F 3 .  ? -1.613  -5.743  9.526   1.00 29.60 ? 199 HOH A O   1 
HETATM 1567 O  O   . HOH F 3 .  ? -10.365 -8.636  -9.842  1.00 52.57 ? 200 HOH A O   1 
HETATM 1568 O  O   . HOH F 3 .  ? 1.701   17.958  -4.064  1.00 47.64 ? 201 HOH A O   1 
HETATM 1569 O  O   . HOH F 3 .  ? -5.571  11.888  1.814   1.00 39.21 ? 202 HOH A O   1 
HETATM 1570 O  O   . HOH G 3 .  ? 5.436   9.036   -11.428 1.00 35.56 ? 120 HOH B O   1 
HETATM 1571 O  O   . HOH G 3 .  ? -0.522  1.383   -16.114 1.00 32.05 ? 122 HOH B O   1 
HETATM 1572 O  O   . HOH G 3 .  ? 12.147  -9.363  -25.560 1.00 42.93 ? 123 HOH B O   1 
HETATM 1573 O  O   . HOH G 3 .  ? 18.824  0.501   -20.729 1.00 29.36 ? 124 HOH B O   1 
HETATM 1574 O  O   . HOH G 3 .  ? -3.322  -15.661 -9.385  1.00 36.71 ? 125 HOH B O   1 
HETATM 1575 O  O   . HOH G 3 .  ? -10.377 -10.405 0.843   1.00 25.12 ? 126 HOH B O   1 
HETATM 1576 O  O   . HOH G 3 .  ? 14.253  -11.087 -25.642 1.00 25.46 ? 127 HOH B O   1 
HETATM 1577 O  O   . HOH G 3 .  ? 8.850   -1.536  4.290   1.00 41.21 ? 128 HOH B O   1 
HETATM 1578 O  O   . HOH G 3 .  ? 11.729  -18.934 -15.041 1.00 21.83 ? 129 HOH B O   1 
HETATM 1579 O  O   . HOH G 3 .  ? -1.336  -10.434 -15.914 1.00 22.30 ? 130 HOH B O   1 
HETATM 1580 O  O   . HOH G 3 .  ? 12.800  -16.631 -26.573 1.00 20.50 ? 131 HOH B O   1 
HETATM 1581 O  O   . HOH G 3 .  ? 4.054   -1.088  -18.652 1.00 22.48 ? 132 HOH B O   1 
HETATM 1582 O  O   . HOH G 3 .  ? 11.249  -2.435  -24.067 1.00 35.42 ? 133 HOH B O   1 
HETATM 1583 O  O   . HOH G 3 .  ? 4.528   -8.321  10.449  1.00 35.03 ? 134 HOH B O   1 
HETATM 1584 O  O   . HOH G 3 .  ? -16.036 -5.408  6.404   1.00 32.02 ? 135 HOH B O   1 
HETATM 1585 O  O   . HOH G 3 .  ? 1.421   -15.859 -18.182 1.00 39.45 ? 136 HOH B O   1 
HETATM 1586 O  O   . HOH G 3 .  ? -2.990  -12.874 -16.559 1.00 25.41 ? 137 HOH B O   1 
HETATM 1587 O  O   . HOH G 3 .  ? -0.377  5.708   -9.435  1.00 25.22 ? 138 HOH B O   1 
HETATM 1588 O  O   . HOH G 3 .  ? 9.705   4.626   -9.665  1.00 23.37 ? 139 HOH B O   1 
HETATM 1589 O  O   . HOH G 3 .  ? 13.787  -0.091  -19.616 1.00 42.24 ? 140 HOH B O   1 
HETATM 1590 O  O   . HOH G 3 .  ? 9.685   7.140   -9.180  1.00 42.75 ? 141 HOH B O   1 
HETATM 1591 O  O   . HOH G 3 .  ? 8.294   -16.376 -21.674 1.00 23.26 ? 142 HOH B O   1 
HETATM 1592 O  O   . HOH G 3 .  ? -7.203  -14.986 -3.788  1.00 29.34 ? 143 HOH B O   1 
HETATM 1593 O  O   . HOH G 3 .  ? 15.001  0.604   -9.627  1.00 25.46 ? 144 HOH B O   1 
HETATM 1594 O  O   . HOH G 3 .  ? -14.518 -6.719  14.150  1.00 36.66 ? 145 HOH B O   1 
HETATM 1595 O  O   . HOH G 3 .  ? -9.834  -9.825  8.827   1.00 25.62 ? 146 HOH B O   1 
HETATM 1596 O  O   . HOH G 3 .  ? 9.579   2.054   -2.594  1.00 30.99 ? 147 HOH B O   1 
HETATM 1597 O  O   . HOH G 3 .  ? 18.046  -13.628 -22.137 1.00 28.21 ? 148 HOH B O   1 
HETATM 1598 O  O   . HOH G 3 .  ? 4.494   -18.038 -14.404 1.00 22.68 ? 149 HOH B O   1 
HETATM 1599 O  O   . HOH G 3 .  ? 4.649   -9.586  0.452   1.00 29.89 ? 150 HOH B O   1 
HETATM 1600 O  O   . HOH G 3 .  ? -5.586  -12.696 1.526   1.00 42.06 ? 151 HOH B O   1 
HETATM 1601 O  O   . HOH G 3 .  ? 10.307  6.311   -15.730 1.00 26.88 ? 152 HOH B O   1 
HETATM 1602 O  O   . HOH G 3 .  ? 12.885  4.046   -9.780  1.00 29.93 ? 153 HOH B O   1 
HETATM 1603 O  O   . HOH G 3 .  ? 9.762   -14.647 -2.739  1.00 40.58 ? 154 HOH B O   1 
HETATM 1604 O  O   . HOH G 3 .  ? 8.073   8.012   -12.021 1.00 36.72 ? 155 HOH B O   1 
HETATM 1605 O  O   . HOH G 3 .  ? 4.824   -14.217 -23.503 1.00 36.61 ? 156 HOH B O   1 
HETATM 1606 O  O   . HOH G 3 .  ? 12.056  -22.213 -19.717 1.00 31.26 ? 157 HOH B O   1 
HETATM 1607 O  O   . HOH G 3 .  ? 10.094  4.046   -4.951  1.00 38.58 ? 158 HOH B O   1 
HETATM 1608 O  O   . HOH G 3 .  ? 4.978   2.741   -24.755 1.00 43.12 ? 159 HOH B O   1 
HETATM 1609 O  O   . HOH G 3 .  ? 2.902   3.824   -17.891 1.00 36.68 ? 160 HOH B O   1 
HETATM 1610 O  O   . HOH G 3 .  ? -1.687  0.235   -19.280 1.00 37.08 ? 161 HOH B O   1 
HETATM 1611 O  O   . HOH G 3 .  ? -6.630  -3.286  -22.726 1.00 39.17 ? 162 HOH B O   1 
HETATM 1612 O  O   . HOH G 3 .  ? 7.271   -16.543 -10.294 1.00 26.86 ? 163 HOH B O   1 
HETATM 1613 O  O   . HOH G 3 .  ? 1.565   4.889   -11.267 1.00 25.50 ? 164 HOH B O   1 
HETATM 1614 O  O   . HOH G 3 .  ? 1.261   -14.226 -4.878  1.00 30.61 ? 165 HOH B O   1 
HETATM 1615 O  O   . HOH G 3 .  ? 9.776   -11.898 0.123   1.00 43.88 ? 167 HOH B O   1 
HETATM 1616 O  O   . HOH G 3 .  ? 12.740  -7.694  -2.996  1.00 43.86 ? 168 HOH B O   1 
HETATM 1617 O  O   . HOH G 3 .  ? 20.730  0.763   -13.519 1.00 47.13 ? 169 HOH B O   1 
HETATM 1618 O  O   . HOH G 3 .  ? 14.116  8.855   -15.993 1.00 39.91 ? 170 HOH B O   1 
HETATM 1619 O  O   . HOH G 3 .  ? -4.796  -9.268  4.993   1.00 30.61 ? 171 HOH B O   1 
HETATM 1620 O  O   . HOH G 3 .  ? 3.552   -4.181  -25.461 1.00 43.51 ? 172 HOH B O   1 
HETATM 1621 O  O   . HOH G 3 .  ? -12.573 -5.036  0.820   1.00 41.15 ? 173 HOH B O   1 
HETATM 1622 O  O   . HOH G 3 .  ? 14.646  -17.554 -14.301 1.00 25.98 ? 174 HOH B O   1 
HETATM 1623 O  O   . HOH G 3 .  ? -2.191  -15.659 -6.108  1.00 56.71 ? 175 HOH B O   1 
HETATM 1624 O  O   . HOH G 3 .  ? -20.362 -4.675  10.330  1.00 41.91 ? 176 HOH B O   1 
HETATM 1625 O  O   . HOH G 3 .  ? 0.461   -12.551 -1.303  1.00 38.22 ? 177 HOH B O   1 
HETATM 1626 O  O   . HOH G 3 .  ? -13.437 -0.352  3.179   1.00 49.32 ? 178 HOH B O   1 
HETATM 1627 O  O   . HOH G 3 .  ? 3.928   -16.050 -16.807 1.00 33.94 ? 179 HOH B O   1 
HETATM 1628 O  O   . HOH G 3 .  ? -7.434  -5.813  -21.413 1.00 31.11 ? 180 HOH B O   1 
HETATM 1629 O  O   . HOH G 3 .  ? 13.704  -7.428  -5.291  1.00 30.86 ? 181 HOH B O   1 
HETATM 1630 O  O   . HOH G 3 .  ? 15.776  -19.369 -20.546 1.00 43.60 ? 182 HOH B O   1 
HETATM 1631 O  O   . HOH G 3 .  ? 8.237   -17.047 -24.365 1.00 25.07 ? 183 HOH B O   1 
HETATM 1632 O  O   . HOH G 3 .  ? 2.530   1.073   -17.958 1.00 32.14 ? 184 HOH B O   1 
HETATM 1633 O  O   . HOH G 3 .  ? 3.599   -1.823  -21.243 1.00 35.17 ? 185 HOH B O   1 
HETATM 1634 O  O   . HOH G 3 .  ? 7.034   -18.314 -20.489 1.00 33.14 ? 186 HOH B O   1 
HETATM 1635 O  O   . HOH G 3 .  ? 7.579   5.675   -13.323 1.00 34.38 ? 187 HOH B O   1 
HETATM 1636 O  O   . HOH G 3 .  ? -22.085 -3.522  19.674  1.00 45.89 ? 188 HOH B O   1 
HETATM 1637 O  O   . HOH G 3 .  ? 8.973   7.565   -17.817 1.00 38.31 ? 189 HOH B O   1 
HETATM 1638 O  O   . HOH G 3 .  ? 14.384  -5.481  -6.428  1.00 40.47 ? 190 HOH B O   1 
HETATM 1639 O  O   . HOH G 3 .  ? 14.320  2.656   -21.668 1.00 45.30 ? 191 HOH B O   1 
HETATM 1640 O  O   . HOH G 3 .  ? 7.543   6.129   -3.777  1.00 29.69 ? 192 HOH B O   1 
HETATM 1641 O  O   . HOH G 3 .  ? 4.474   -14.717 -7.285  1.00 34.76 ? 193 HOH B O   1 
HETATM 1642 O  O   . HOH G 3 .  ? 8.976   -5.044  2.367   1.00 23.66 ? 194 HOH B O   1 
HETATM 1643 O  O   . HOH G 3 .  ? 4.742   -17.867 -19.402 1.00 40.23 ? 195 HOH B O   1 
HETATM 1644 O  O   . HOH G 3 .  ? -13.424 -8.700  -5.275  1.00 44.74 ? 196 HOH B O   1 
HETATM 1645 O  O   . HOH G 3 .  ? -5.901  -10.835 6.921   1.00 50.61 ? 197 HOH B O   1 
HETATM 1646 O  O   . HOH G 3 .  ? -6.718  -4.172  12.304  1.00 36.23 ? 198 HOH B O   1 
# 
